data_1F5B
# 
_entry.id   1F5B 
# 
_audit_conform.dict_name       mmcif_pdbx.dic 
_audit_conform.dict_version    5.385 
_audit_conform.dict_location   http://mmcif.pdb.org/dictionaries/ascii/mmcif_pdbx.dic 
# 
loop_
_database_2.database_id 
_database_2.database_code 
_database_2.pdbx_database_accession 
_database_2.pdbx_DOI 
PDB   1F5B         pdb_00001f5b 10.2210/pdb1f5b/pdb 
RCSB  RCSB011260   ?            ?                   
WWPDB D_1000011260 ?            ?                   
# 
loop_
_pdbx_audit_revision_history.ordinal 
_pdbx_audit_revision_history.data_content_type 
_pdbx_audit_revision_history.major_revision 
_pdbx_audit_revision_history.minor_revision 
_pdbx_audit_revision_history.revision_date 
1 'Structure model' 1 0 2000-06-28 
2 'Structure model' 1 1 2008-04-27 
3 'Structure model' 1 2 2011-07-13 
4 'Structure model' 1 3 2017-10-04 
5 'Structure model' 1 4 2021-11-03 
6 'Structure model' 1 5 2024-02-07 
# 
_pdbx_audit_revision_details.ordinal             1 
_pdbx_audit_revision_details.revision_ordinal    1 
_pdbx_audit_revision_details.data_content_type   'Structure model' 
_pdbx_audit_revision_details.provider            repository 
_pdbx_audit_revision_details.type                'Initial release' 
_pdbx_audit_revision_details.description         ? 
_pdbx_audit_revision_details.details             ? 
# 
loop_
_pdbx_audit_revision_group.ordinal 
_pdbx_audit_revision_group.revision_ordinal 
_pdbx_audit_revision_group.data_content_type 
_pdbx_audit_revision_group.group 
1 2 'Structure model' 'Version format compliance' 
2 3 'Structure model' 'Version format compliance' 
3 4 'Structure model' 'Refinement description'    
4 5 'Structure model' 'Database references'       
5 5 'Structure model' 'Derived calculations'      
6 6 'Structure model' 'Data collection'           
# 
loop_
_pdbx_audit_revision_category.ordinal 
_pdbx_audit_revision_category.revision_ordinal 
_pdbx_audit_revision_category.data_content_type 
_pdbx_audit_revision_category.category 
1 4 'Structure model' software               
2 5 'Structure model' database_2             
3 5 'Structure model' pdbx_struct_conn_angle 
4 5 'Structure model' struct_conn            
5 5 'Structure model' struct_ref_seq_dif     
6 5 'Structure model' struct_site            
7 6 'Structure model' chem_comp_atom         
8 6 'Structure model' chem_comp_bond         
# 
loop_
_pdbx_audit_revision_item.ordinal 
_pdbx_audit_revision_item.revision_ordinal 
_pdbx_audit_revision_item.data_content_type 
_pdbx_audit_revision_item.item 
1  5 'Structure model' '_database_2.pdbx_DOI'                        
2  5 'Structure model' '_database_2.pdbx_database_accession'         
3  5 'Structure model' '_pdbx_struct_conn_angle.ptnr1_auth_seq_id'   
4  5 'Structure model' '_pdbx_struct_conn_angle.ptnr1_label_atom_id' 
5  5 'Structure model' '_pdbx_struct_conn_angle.ptnr1_label_seq_id'  
6  5 'Structure model' '_pdbx_struct_conn_angle.ptnr2_label_atom_id' 
7  5 'Structure model' '_pdbx_struct_conn_angle.ptnr3_label_atom_id' 
8  5 'Structure model' '_pdbx_struct_conn_angle.value'               
9  5 'Structure model' '_struct_conn.pdbx_dist_value'                
10 5 'Structure model' '_struct_conn.ptnr1_auth_comp_id'             
11 5 'Structure model' '_struct_conn.ptnr1_auth_seq_id'              
12 5 'Structure model' '_struct_conn.ptnr1_label_asym_id'            
13 5 'Structure model' '_struct_conn.ptnr1_label_atom_id'            
14 5 'Structure model' '_struct_conn.ptnr1_label_comp_id'            
15 5 'Structure model' '_struct_conn.ptnr1_label_seq_id'             
16 5 'Structure model' '_struct_conn.ptnr2_auth_comp_id'             
17 5 'Structure model' '_struct_conn.ptnr2_auth_seq_id'              
18 5 'Structure model' '_struct_conn.ptnr2_label_asym_id'            
19 5 'Structure model' '_struct_conn.ptnr2_label_atom_id'            
20 5 'Structure model' '_struct_conn.ptnr2_label_comp_id'            
21 5 'Structure model' '_struct_conn.ptnr2_label_seq_id'             
22 5 'Structure model' '_struct_ref_seq_dif.details'                 
23 5 'Structure model' '_struct_site.pdbx_auth_asym_id'              
24 5 'Structure model' '_struct_site.pdbx_auth_comp_id'              
25 5 'Structure model' '_struct_site.pdbx_auth_seq_id'               
# 
_pdbx_database_status.status_code                     REL 
_pdbx_database_status.entry_id                        1F5B 
_pdbx_database_status.recvd_initial_deposition_date   2000-06-13 
_pdbx_database_status.deposit_site                    RCSB 
_pdbx_database_status.process_site                    RCSB 
_pdbx_database_status.status_code_sf                  REL 
_pdbx_database_status.SG_entry                        . 
_pdbx_database_status.pdb_format_compatible           Y 
_pdbx_database_status.status_code_mr                  ? 
_pdbx_database_status.status_code_cs                  ? 
_pdbx_database_status.methods_development_category    ? 
_pdbx_database_status.status_code_nmr_data            ? 
# 
loop_
_pdbx_database_related.db_name 
_pdbx_database_related.db_id 
_pdbx_database_related.details 
_pdbx_database_related.content_type 
PDB 6FDR 
;X-ray crystal structure of dithionite reduced ferredoxin 1 wildtype from Azotobacter vinelandii 
at 1.4 angstrom resolution
;
unspecified 
PDB 7FDR 
;X-ray crystal structure of the oxidized form of ferredoxin 1 wildtype from Azotobacter vinelandii 
at 1.4 angstrom resolution
;
unspecified 
PDB 1D3W 
;X-ray crystal structure of ferredoxin 1 D15E mutant from Azotobacter vinelandii 
at 1.7 angstrom resolution
;
unspecified 
PDB 1FDD 
;X-ray crystal structure of ferredoxin 1 D15N mutant from Azotobacter vinelandii 
at 1.9 angstrom resolution
;
unspecified 
PDB 1F5C . unspecified 
# 
loop_
_audit_author.name 
_audit_author.pdbx_ordinal 
'Chen, K.'        1 
'Bonagura, C.A.'  2 
'Tilley, G.J.'    3 
'Jung, Y.S.'      4 
'Armstrong, F.A.' 5 
'Stout, C.D.'     6 
'Burgess, B.K.'   7 
# 
_citation.id                        primary 
_citation.title                     
'Crystal structures of ferredoxin variants exhibiting large changes in [Fe-S] reduction potential.' 
_citation.journal_abbrev            Nat.Struct.Biol. 
_citation.journal_volume            9 
_citation.page_first                188 
_citation.page_last                 192 
_citation.year                      2002 
_citation.journal_id_ASTM           NSBIEW 
_citation.country                   US 
_citation.journal_id_ISSN           1072-8368 
_citation.journal_id_CSD            2024 
_citation.book_publisher            ? 
_citation.pdbx_database_id_PubMed   11875515 
_citation.pdbx_database_id_DOI      ? 
# 
loop_
_citation_author.citation_id 
_citation_author.name 
_citation_author.ordinal 
_citation_author.identifier_ORCID 
primary 'Chen, K.'        1 ? 
primary 'Bonagura, C.A.'  2 ? 
primary 'Tilley, G.J.'    3 ? 
primary 'McEvoy, J.P.'    4 ? 
primary 'Jung, Y.S.'      5 ? 
primary 'Armstrong, F.A.' 6 ? 
primary 'Stout, C.D.'     7 ? 
primary 'Burgess, B.K.'   8 ? 
# 
loop_
_entity.id 
_entity.type 
_entity.src_method 
_entity.pdbx_description 
_entity.formula_weight 
_entity.pdbx_number_of_molecules 
_entity.pdbx_ec 
_entity.pdbx_mutation 
_entity.pdbx_fragment 
_entity.details 
1 polymer     man 'FERREDOXIN 1'        12050.504 1   ? F2H ? ? 
2 non-polymer syn 'FE3-S4 CLUSTER'      295.795   1   ? ?   ? ? 
3 non-polymer syn 'IRON/SULFUR CLUSTER' 351.640   1   ? ?   ? ? 
4 water       nat water                 18.015    176 ? ?   ? ? 
# 
_entity_name_com.entity_id   1 
_entity_name_com.name        FDI 
# 
_entity_poly.entity_id                      1 
_entity_poly.type                           'polypeptide(L)' 
_entity_poly.nstd_linkage                   no 
_entity_poly.nstd_monomer                   no 
_entity_poly.pdbx_seq_one_letter_code       
;AHVVTDNCIKCKYTDCVEVCPVDCFYEGPNFLVIHPDECIDCALCEPECPAQAIFSEDEVPEDMQEFIQLNAELAEVWPN
ITEKKDPLPDAEDWDGVKGKLQHLER
;
_entity_poly.pdbx_seq_one_letter_code_can   
;AHVVTDNCIKCKYTDCVEVCPVDCFYEGPNFLVIHPDECIDCALCEPECPAQAIFSEDEVPEDMQEFIQLNAELAEVWPN
ITEKKDPLPDAEDWDGVKGKLQHLER
;
_entity_poly.pdbx_strand_id                 A 
_entity_poly.pdbx_target_identifier         ? 
# 
loop_
_pdbx_entity_nonpoly.entity_id 
_pdbx_entity_nonpoly.name 
_pdbx_entity_nonpoly.comp_id 
2 'FE3-S4 CLUSTER'      F3S 
3 'IRON/SULFUR CLUSTER' SF4 
4 water                 HOH 
# 
loop_
_entity_poly_seq.entity_id 
_entity_poly_seq.num 
_entity_poly_seq.mon_id 
_entity_poly_seq.hetero 
1 1   ALA n 
1 2   HIS n 
1 3   VAL n 
1 4   VAL n 
1 5   THR n 
1 6   ASP n 
1 7   ASN n 
1 8   CYS n 
1 9   ILE n 
1 10  LYS n 
1 11  CYS n 
1 12  LYS n 
1 13  TYR n 
1 14  THR n 
1 15  ASP n 
1 16  CYS n 
1 17  VAL n 
1 18  GLU n 
1 19  VAL n 
1 20  CYS n 
1 21  PRO n 
1 22  VAL n 
1 23  ASP n 
1 24  CYS n 
1 25  PHE n 
1 26  TYR n 
1 27  GLU n 
1 28  GLY n 
1 29  PRO n 
1 30  ASN n 
1 31  PHE n 
1 32  LEU n 
1 33  VAL n 
1 34  ILE n 
1 35  HIS n 
1 36  PRO n 
1 37  ASP n 
1 38  GLU n 
1 39  CYS n 
1 40  ILE n 
1 41  ASP n 
1 42  CYS n 
1 43  ALA n 
1 44  LEU n 
1 45  CYS n 
1 46  GLU n 
1 47  PRO n 
1 48  GLU n 
1 49  CYS n 
1 50  PRO n 
1 51  ALA n 
1 52  GLN n 
1 53  ALA n 
1 54  ILE n 
1 55  PHE n 
1 56  SER n 
1 57  GLU n 
1 58  ASP n 
1 59  GLU n 
1 60  VAL n 
1 61  PRO n 
1 62  GLU n 
1 63  ASP n 
1 64  MET n 
1 65  GLN n 
1 66  GLU n 
1 67  PHE n 
1 68  ILE n 
1 69  GLN n 
1 70  LEU n 
1 71  ASN n 
1 72  ALA n 
1 73  GLU n 
1 74  LEU n 
1 75  ALA n 
1 76  GLU n 
1 77  VAL n 
1 78  TRP n 
1 79  PRO n 
1 80  ASN n 
1 81  ILE n 
1 82  THR n 
1 83  GLU n 
1 84  LYS n 
1 85  LYS n 
1 86  ASP n 
1 87  PRO n 
1 88  LEU n 
1 89  PRO n 
1 90  ASP n 
1 91  ALA n 
1 92  GLU n 
1 93  ASP n 
1 94  TRP n 
1 95  ASP n 
1 96  GLY n 
1 97  VAL n 
1 98  LYS n 
1 99  GLY n 
1 100 LYS n 
1 101 LEU n 
1 102 GLN n 
1 103 HIS n 
1 104 LEU n 
1 105 GLU n 
1 106 ARG n 
# 
_entity_src_gen.entity_id                          1 
_entity_src_gen.pdbx_src_id                        1 
_entity_src_gen.pdbx_alt_source_flag               sample 
_entity_src_gen.pdbx_seq_type                      ? 
_entity_src_gen.pdbx_beg_seq_num                   ? 
_entity_src_gen.pdbx_end_seq_num                   ? 
_entity_src_gen.gene_src_common_name               ? 
_entity_src_gen.gene_src_genus                     Azotobacter 
_entity_src_gen.pdbx_gene_src_gene                 ? 
_entity_src_gen.gene_src_species                   ? 
_entity_src_gen.gene_src_strain                    ? 
_entity_src_gen.gene_src_tissue                    ? 
_entity_src_gen.gene_src_tissue_fraction           ? 
_entity_src_gen.gene_src_details                   ? 
_entity_src_gen.pdbx_gene_src_fragment             ? 
_entity_src_gen.pdbx_gene_src_scientific_name      'Azotobacter vinelandii' 
_entity_src_gen.pdbx_gene_src_ncbi_taxonomy_id     354 
_entity_src_gen.pdbx_gene_src_variant              ? 
_entity_src_gen.pdbx_gene_src_cell_line            ? 
_entity_src_gen.pdbx_gene_src_atcc                 ? 
_entity_src_gen.pdbx_gene_src_organ                ? 
_entity_src_gen.pdbx_gene_src_organelle            ? 
_entity_src_gen.pdbx_gene_src_cell                 ? 
_entity_src_gen.pdbx_gene_src_cellular_location    ? 
_entity_src_gen.host_org_common_name               ? 
_entity_src_gen.pdbx_host_org_scientific_name      'Escherichia coli' 
_entity_src_gen.pdbx_host_org_ncbi_taxonomy_id     562 
_entity_src_gen.host_org_genus                     Escherichia 
_entity_src_gen.pdbx_host_org_gene                 ? 
_entity_src_gen.pdbx_host_org_organ                ? 
_entity_src_gen.host_org_species                   ? 
_entity_src_gen.pdbx_host_org_tissue               ? 
_entity_src_gen.pdbx_host_org_tissue_fraction      ? 
_entity_src_gen.pdbx_host_org_strain               ? 
_entity_src_gen.pdbx_host_org_variant              ? 
_entity_src_gen.pdbx_host_org_cell_line            ? 
_entity_src_gen.pdbx_host_org_atcc                 ? 
_entity_src_gen.pdbx_host_org_culture_collection   ? 
_entity_src_gen.pdbx_host_org_cell                 ? 
_entity_src_gen.pdbx_host_org_organelle            ? 
_entity_src_gen.pdbx_host_org_cellular_location    ? 
_entity_src_gen.pdbx_host_org_vector_type          PLASMID 
_entity_src_gen.pdbx_host_org_vector               ? 
_entity_src_gen.host_org_details                   ? 
_entity_src_gen.expression_system_id               ? 
_entity_src_gen.plasmid_name                       PKT230 
_entity_src_gen.plasmid_details                    ? 
_entity_src_gen.pdbx_description                   ? 
# 
loop_
_chem_comp.id 
_chem_comp.type 
_chem_comp.mon_nstd_flag 
_chem_comp.name 
_chem_comp.pdbx_synonyms 
_chem_comp.formula 
_chem_comp.formula_weight 
ALA 'L-peptide linking' y ALANINE               ? 'C3 H7 N O2'     89.093  
ARG 'L-peptide linking' y ARGININE              ? 'C6 H15 N4 O2 1' 175.209 
ASN 'L-peptide linking' y ASPARAGINE            ? 'C4 H8 N2 O3'    132.118 
ASP 'L-peptide linking' y 'ASPARTIC ACID'       ? 'C4 H7 N O4'     133.103 
CYS 'L-peptide linking' y CYSTEINE              ? 'C3 H7 N O2 S'   121.158 
F3S non-polymer         . 'FE3-S4 CLUSTER'      ? 'Fe3 S4'         295.795 
GLN 'L-peptide linking' y GLUTAMINE             ? 'C5 H10 N2 O3'   146.144 
GLU 'L-peptide linking' y 'GLUTAMIC ACID'       ? 'C5 H9 N O4'     147.129 
GLY 'peptide linking'   y GLYCINE               ? 'C2 H5 N O2'     75.067  
HIS 'L-peptide linking' y HISTIDINE             ? 'C6 H10 N3 O2 1' 156.162 
HOH non-polymer         . WATER                 ? 'H2 O'           18.015  
ILE 'L-peptide linking' y ISOLEUCINE            ? 'C6 H13 N O2'    131.173 
LEU 'L-peptide linking' y LEUCINE               ? 'C6 H13 N O2'    131.173 
LYS 'L-peptide linking' y LYSINE                ? 'C6 H15 N2 O2 1' 147.195 
MET 'L-peptide linking' y METHIONINE            ? 'C5 H11 N O2 S'  149.211 
PHE 'L-peptide linking' y PHENYLALANINE         ? 'C9 H11 N O2'    165.189 
PRO 'L-peptide linking' y PROLINE               ? 'C5 H9 N O2'     115.130 
SER 'L-peptide linking' y SERINE                ? 'C3 H7 N O3'     105.093 
SF4 non-polymer         . 'IRON/SULFUR CLUSTER' ? 'Fe4 S4'         351.640 
THR 'L-peptide linking' y THREONINE             ? 'C4 H9 N O3'     119.119 
TRP 'L-peptide linking' y TRYPTOPHAN            ? 'C11 H12 N2 O2'  204.225 
TYR 'L-peptide linking' y TYROSINE              ? 'C9 H11 N O3'    181.189 
VAL 'L-peptide linking' y VALINE                ? 'C5 H11 N O2'    117.146 
# 
loop_
_pdbx_poly_seq_scheme.asym_id 
_pdbx_poly_seq_scheme.entity_id 
_pdbx_poly_seq_scheme.seq_id 
_pdbx_poly_seq_scheme.mon_id 
_pdbx_poly_seq_scheme.ndb_seq_num 
_pdbx_poly_seq_scheme.pdb_seq_num 
_pdbx_poly_seq_scheme.auth_seq_num 
_pdbx_poly_seq_scheme.pdb_mon_id 
_pdbx_poly_seq_scheme.auth_mon_id 
_pdbx_poly_seq_scheme.pdb_strand_id 
_pdbx_poly_seq_scheme.pdb_ins_code 
_pdbx_poly_seq_scheme.hetero 
A 1 1   ALA 1   1   1   ALA ALA A . n 
A 1 2   HIS 2   2   2   HIS HIS A . n 
A 1 3   VAL 3   3   3   VAL VAL A . n 
A 1 4   VAL 4   4   4   VAL VAL A . n 
A 1 5   THR 5   5   5   THR THR A . n 
A 1 6   ASP 6   6   6   ASP ASP A . n 
A 1 7   ASN 7   7   7   ASN ASN A . n 
A 1 8   CYS 8   8   8   CYS CYS A . n 
A 1 9   ILE 9   9   9   ILE ILE A . n 
A 1 10  LYS 10  10  10  LYS LYS A . n 
A 1 11  CYS 11  11  11  CYS CYS A . n 
A 1 12  LYS 12  12  12  LYS LYS A . n 
A 1 13  TYR 13  13  13  TYR TYR A . n 
A 1 14  THR 14  14  14  THR THR A . n 
A 1 15  ASP 15  15  15  ASP ASP A . n 
A 1 16  CYS 16  16  16  CYS CYS A . n 
A 1 17  VAL 17  17  17  VAL VAL A . n 
A 1 18  GLU 18  18  18  GLU GLU A . n 
A 1 19  VAL 19  19  19  VAL VAL A . n 
A 1 20  CYS 20  20  20  CYS CYS A . n 
A 1 21  PRO 21  21  21  PRO PRO A . n 
A 1 22  VAL 22  22  22  VAL VAL A . n 
A 1 23  ASP 23  23  23  ASP ASP A . n 
A 1 24  CYS 24  24  24  CYS CYS A . n 
A 1 25  PHE 25  25  25  PHE PHE A . n 
A 1 26  TYR 26  26  26  TYR TYR A . n 
A 1 27  GLU 27  27  27  GLU GLU A . n 
A 1 28  GLY 28  28  28  GLY GLY A . n 
A 1 29  PRO 29  29  29  PRO PRO A . n 
A 1 30  ASN 30  30  30  ASN ASN A . n 
A 1 31  PHE 31  31  31  PHE PHE A . n 
A 1 32  LEU 32  32  32  LEU LEU A . n 
A 1 33  VAL 33  33  33  VAL VAL A . n 
A 1 34  ILE 34  34  34  ILE ILE A . n 
A 1 35  HIS 35  35  35  HIS HIS A . n 
A 1 36  PRO 36  36  36  PRO PRO A . n 
A 1 37  ASP 37  37  37  ASP ASP A . n 
A 1 38  GLU 38  38  38  GLU GLU A . n 
A 1 39  CYS 39  39  39  CYS CYS A . n 
A 1 40  ILE 40  40  40  ILE ILE A . n 
A 1 41  ASP 41  41  41  ASP ASP A . n 
A 1 42  CYS 42  42  42  CYS CYS A . n 
A 1 43  ALA 43  43  43  ALA ALA A . n 
A 1 44  LEU 44  44  44  LEU LEU A . n 
A 1 45  CYS 45  45  45  CYS CYS A . n 
A 1 46  GLU 46  46  46  GLU GLU A . n 
A 1 47  PRO 47  47  47  PRO PRO A . n 
A 1 48  GLU 48  48  48  GLU GLU A . n 
A 1 49  CYS 49  49  49  CYS CYS A . n 
A 1 50  PRO 50  50  50  PRO PRO A . n 
A 1 51  ALA 51  51  51  ALA ALA A . n 
A 1 52  GLN 52  52  52  GLN GLN A . n 
A 1 53  ALA 53  53  53  ALA ALA A . n 
A 1 54  ILE 54  54  54  ILE ILE A . n 
A 1 55  PHE 55  55  55  PHE PHE A . n 
A 1 56  SER 56  56  56  SER SER A . n 
A 1 57  GLU 57  57  57  GLU GLU A . n 
A 1 58  ASP 58  58  58  ASP ASP A . n 
A 1 59  GLU 59  59  59  GLU GLU A . n 
A 1 60  VAL 60  60  60  VAL VAL A . n 
A 1 61  PRO 61  61  61  PRO PRO A . n 
A 1 62  GLU 62  62  62  GLU GLU A . n 
A 1 63  ASP 63  63  63  ASP ASP A . n 
A 1 64  MET 64  64  64  MET MET A . n 
A 1 65  GLN 65  65  65  GLN GLN A . n 
A 1 66  GLU 66  66  66  GLU GLU A . n 
A 1 67  PHE 67  67  67  PHE PHE A . n 
A 1 68  ILE 68  68  68  ILE ILE A . n 
A 1 69  GLN 69  69  69  GLN GLN A . n 
A 1 70  LEU 70  70  70  LEU LEU A . n 
A 1 71  ASN 71  71  71  ASN ASN A . n 
A 1 72  ALA 72  72  72  ALA ALA A . n 
A 1 73  GLU 73  73  73  GLU GLU A . n 
A 1 74  LEU 74  74  74  LEU LEU A . n 
A 1 75  ALA 75  75  75  ALA ALA A . n 
A 1 76  GLU 76  76  76  GLU GLU A . n 
A 1 77  VAL 77  77  77  VAL VAL A . n 
A 1 78  TRP 78  78  78  TRP TRP A . n 
A 1 79  PRO 79  79  79  PRO PRO A . n 
A 1 80  ASN 80  80  80  ASN ASN A . n 
A 1 81  ILE 81  81  81  ILE ILE A . n 
A 1 82  THR 82  82  82  THR THR A . n 
A 1 83  GLU 83  83  83  GLU GLU A . n 
A 1 84  LYS 84  84  84  LYS LYS A . n 
A 1 85  LYS 85  85  85  LYS LYS A . n 
A 1 86  ASP 86  86  86  ASP ASP A . n 
A 1 87  PRO 87  87  87  PRO PRO A . n 
A 1 88  LEU 88  88  88  LEU LEU A . n 
A 1 89  PRO 89  89  89  PRO PRO A . n 
A 1 90  ASP 90  90  90  ASP ASP A . n 
A 1 91  ALA 91  91  91  ALA ALA A . n 
A 1 92  GLU 92  92  92  GLU GLU A . n 
A 1 93  ASP 93  93  93  ASP ASP A . n 
A 1 94  TRP 94  94  94  TRP TRP A . n 
A 1 95  ASP 95  95  95  ASP ASP A . n 
A 1 96  GLY 96  96  96  GLY GLY A . n 
A 1 97  VAL 97  97  97  VAL VAL A . n 
A 1 98  LYS 98  98  98  LYS LYS A . n 
A 1 99  GLY 99  99  99  GLY GLY A . n 
A 1 100 LYS 100 100 100 LYS LYS A . n 
A 1 101 LEU 101 101 101 LEU LEU A . n 
A 1 102 GLN 102 102 102 GLN GLN A . n 
A 1 103 HIS 103 103 103 HIS HIS A . n 
A 1 104 LEU 104 104 104 LEU LEU A . n 
A 1 105 GLU 105 105 105 GLU GLU A . n 
A 1 106 ARG 106 106 106 ARG ARG A . n 
# 
loop_
_pdbx_nonpoly_scheme.asym_id 
_pdbx_nonpoly_scheme.entity_id 
_pdbx_nonpoly_scheme.mon_id 
_pdbx_nonpoly_scheme.ndb_seq_num 
_pdbx_nonpoly_scheme.pdb_seq_num 
_pdbx_nonpoly_scheme.auth_seq_num 
_pdbx_nonpoly_scheme.pdb_mon_id 
_pdbx_nonpoly_scheme.auth_mon_id 
_pdbx_nonpoly_scheme.pdb_strand_id 
_pdbx_nonpoly_scheme.pdb_ins_code 
B 2 F3S 1   200 108 F3S FS3 A . 
C 3 SF4 1   201 107 SF4 FS4 A . 
D 4 HOH 1   202 1   HOH HOH A . 
D 4 HOH 2   203 2   HOH HOH A . 
D 4 HOH 3   204 3   HOH HOH A . 
D 4 HOH 4   205 4   HOH HOH A . 
D 4 HOH 5   206 5   HOH HOH A . 
D 4 HOH 6   207 6   HOH HOH A . 
D 4 HOH 7   208 7   HOH HOH A . 
D 4 HOH 8   209 8   HOH HOH A . 
D 4 HOH 9   210 9   HOH HOH A . 
D 4 HOH 10  211 10  HOH HOH A . 
D 4 HOH 11  212 11  HOH HOH A . 
D 4 HOH 12  213 12  HOH HOH A . 
D 4 HOH 13  214 13  HOH HOH A . 
D 4 HOH 14  215 14  HOH HOH A . 
D 4 HOH 15  216 15  HOH HOH A . 
D 4 HOH 16  217 16  HOH HOH A . 
D 4 HOH 17  218 17  HOH HOH A . 
D 4 HOH 18  219 18  HOH HOH A . 
D 4 HOH 19  220 19  HOH HOH A . 
D 4 HOH 20  221 20  HOH HOH A . 
D 4 HOH 21  222 21  HOH HOH A . 
D 4 HOH 22  223 22  HOH HOH A . 
D 4 HOH 23  224 23  HOH HOH A . 
D 4 HOH 24  225 24  HOH HOH A . 
D 4 HOH 25  226 25  HOH HOH A . 
D 4 HOH 26  227 26  HOH HOH A . 
D 4 HOH 27  228 27  HOH HOH A . 
D 4 HOH 28  229 28  HOH HOH A . 
D 4 HOH 29  230 29  HOH HOH A . 
D 4 HOH 30  231 30  HOH HOH A . 
D 4 HOH 31  232 31  HOH HOH A . 
D 4 HOH 32  233 32  HOH HOH A . 
D 4 HOH 33  234 33  HOH HOH A . 
D 4 HOH 34  235 34  HOH HOH A . 
D 4 HOH 35  236 35  HOH HOH A . 
D 4 HOH 36  237 36  HOH HOH A . 
D 4 HOH 37  238 37  HOH HOH A . 
D 4 HOH 38  239 38  HOH HOH A . 
D 4 HOH 39  240 39  HOH HOH A . 
D 4 HOH 40  241 40  HOH HOH A . 
D 4 HOH 41  242 41  HOH HOH A . 
D 4 HOH 42  243 42  HOH HOH A . 
D 4 HOH 43  244 43  HOH HOH A . 
D 4 HOH 44  245 44  HOH HOH A . 
D 4 HOH 45  246 45  HOH HOH A . 
D 4 HOH 46  247 46  HOH HOH A . 
D 4 HOH 47  248 47  HOH HOH A . 
D 4 HOH 48  249 48  HOH HOH A . 
D 4 HOH 49  250 49  HOH HOH A . 
D 4 HOH 50  251 50  HOH HOH A . 
D 4 HOH 51  252 51  HOH HOH A . 
D 4 HOH 52  253 52  HOH HOH A . 
D 4 HOH 53  254 53  HOH HOH A . 
D 4 HOH 54  255 54  HOH HOH A . 
D 4 HOH 55  256 55  HOH HOH A . 
D 4 HOH 56  257 56  HOH HOH A . 
D 4 HOH 57  258 57  HOH HOH A . 
D 4 HOH 58  259 58  HOH HOH A . 
D 4 HOH 59  260 59  HOH HOH A . 
D 4 HOH 60  261 60  HOH HOH A . 
D 4 HOH 61  262 61  HOH HOH A . 
D 4 HOH 62  263 62  HOH HOH A . 
D 4 HOH 63  264 63  HOH HOH A . 
D 4 HOH 64  265 64  HOH HOH A . 
D 4 HOH 65  266 65  HOH HOH A . 
D 4 HOH 66  267 66  HOH HOH A . 
D 4 HOH 67  268 67  HOH HOH A . 
D 4 HOH 68  269 68  HOH HOH A . 
D 4 HOH 69  270 69  HOH HOH A . 
D 4 HOH 70  271 70  HOH HOH A . 
D 4 HOH 71  272 71  HOH HOH A . 
D 4 HOH 72  273 72  HOH HOH A . 
D 4 HOH 73  274 73  HOH HOH A . 
D 4 HOH 74  275 74  HOH HOH A . 
D 4 HOH 75  276 75  HOH HOH A . 
D 4 HOH 76  277 76  HOH HOH A . 
D 4 HOH 77  278 77  HOH HOH A . 
D 4 HOH 78  279 78  HOH HOH A . 
D 4 HOH 79  280 79  HOH HOH A . 
D 4 HOH 80  281 80  HOH HOH A . 
D 4 HOH 81  282 81  HOH HOH A . 
D 4 HOH 82  283 82  HOH HOH A . 
D 4 HOH 83  284 83  HOH HOH A . 
D 4 HOH 84  285 84  HOH HOH A . 
D 4 HOH 85  286 85  HOH HOH A . 
D 4 HOH 86  287 86  HOH HOH A . 
D 4 HOH 87  288 87  HOH HOH A . 
D 4 HOH 88  289 88  HOH HOH A . 
D 4 HOH 89  290 89  HOH HOH A . 
D 4 HOH 90  291 90  HOH HOH A . 
D 4 HOH 91  292 91  HOH HOH A . 
D 4 HOH 92  293 92  HOH HOH A . 
D 4 HOH 93  294 93  HOH HOH A . 
D 4 HOH 94  295 94  HOH HOH A . 
D 4 HOH 95  296 95  HOH HOH A . 
D 4 HOH 96  297 96  HOH HOH A . 
D 4 HOH 97  298 97  HOH HOH A . 
D 4 HOH 98  299 98  HOH HOH A . 
D 4 HOH 99  300 99  HOH HOH A . 
D 4 HOH 100 301 100 HOH HOH A . 
D 4 HOH 101 302 101 HOH HOH A . 
D 4 HOH 102 303 102 HOH HOH A . 
D 4 HOH 103 304 103 HOH HOH A . 
D 4 HOH 104 305 104 HOH HOH A . 
D 4 HOH 105 306 105 HOH HOH A . 
D 4 HOH 106 307 106 HOH HOH A . 
D 4 HOH 107 308 107 HOH HOH A . 
D 4 HOH 108 309 108 HOH HOH A . 
D 4 HOH 109 310 109 HOH HOH A . 
D 4 HOH 110 311 110 HOH HOH A . 
D 4 HOH 111 312 111 HOH HOH A . 
D 4 HOH 112 313 112 HOH HOH A . 
D 4 HOH 113 314 113 HOH HOH A . 
D 4 HOH 114 315 114 HOH HOH A . 
D 4 HOH 115 316 115 HOH HOH A . 
D 4 HOH 116 317 116 HOH HOH A . 
D 4 HOH 117 318 117 HOH HOH A . 
D 4 HOH 118 319 118 HOH HOH A . 
D 4 HOH 119 320 119 HOH HOH A . 
D 4 HOH 120 321 120 HOH HOH A . 
D 4 HOH 121 322 121 HOH HOH A . 
D 4 HOH 122 323 122 HOH HOH A . 
D 4 HOH 123 324 123 HOH HOH A . 
D 4 HOH 124 325 124 HOH HOH A . 
D 4 HOH 125 326 125 HOH HOH A . 
D 4 HOH 126 327 126 HOH HOH A . 
D 4 HOH 127 328 127 HOH HOH A . 
D 4 HOH 128 329 128 HOH HOH A . 
D 4 HOH 129 330 129 HOH HOH A . 
D 4 HOH 130 331 130 HOH HOH A . 
D 4 HOH 131 332 131 HOH HOH A . 
D 4 HOH 132 333 132 HOH HOH A . 
D 4 HOH 133 334 133 HOH HOH A . 
D 4 HOH 134 335 134 HOH HOH A . 
D 4 HOH 135 336 135 HOH HOH A . 
D 4 HOH 136 337 136 HOH HOH A . 
D 4 HOH 137 338 137 HOH HOH A . 
D 4 HOH 138 339 138 HOH HOH A . 
D 4 HOH 139 340 139 HOH HOH A . 
D 4 HOH 140 341 140 HOH HOH A . 
D 4 HOH 141 342 141 HOH HOH A . 
D 4 HOH 142 343 142 HOH HOH A . 
D 4 HOH 143 344 143 HOH HOH A . 
D 4 HOH 144 345 144 HOH HOH A . 
D 4 HOH 145 346 145 HOH HOH A . 
D 4 HOH 146 347 146 HOH HOH A . 
D 4 HOH 147 348 147 HOH HOH A . 
D 4 HOH 148 349 148 HOH HOH A . 
D 4 HOH 149 350 149 HOH HOH A . 
D 4 HOH 150 351 150 HOH HOH A . 
D 4 HOH 151 352 151 HOH HOH A . 
D 4 HOH 152 353 152 HOH HOH A . 
D 4 HOH 153 354 153 HOH HOH A . 
D 4 HOH 154 355 154 HOH HOH A . 
D 4 HOH 155 356 155 HOH HOH A . 
D 4 HOH 156 357 156 HOH HOH A . 
D 4 HOH 157 358 157 HOH HOH A . 
D 4 HOH 158 359 158 HOH HOH A . 
D 4 HOH 159 360 159 HOH HOH A . 
D 4 HOH 160 361 160 HOH HOH A . 
D 4 HOH 161 362 161 HOH HOH A . 
D 4 HOH 162 363 162 HOH HOH A . 
D 4 HOH 163 364 163 HOH HOH A . 
D 4 HOH 164 365 164 HOH HOH A . 
D 4 HOH 165 366 165 HOH HOH A . 
D 4 HOH 166 367 166 HOH HOH A . 
D 4 HOH 167 368 167 HOH HOH A . 
D 4 HOH 168 369 168 HOH HOH A . 
D 4 HOH 169 370 169 HOH HOH A . 
D 4 HOH 170 371 170 HOH HOH A . 
D 4 HOH 171 372 171 HOH HOH A . 
D 4 HOH 172 373 172 HOH HOH A . 
D 4 HOH 173 374 173 HOH HOH A . 
D 4 HOH 174 375 174 HOH HOH A . 
D 4 HOH 175 376 175 HOH HOH A . 
D 4 HOH 176 377 176 HOH HOH A . 
# 
loop_
_software.name 
_software.classification 
_software.version 
_software.citation_id 
_software.pdbx_ordinal 
CNS       refinement       1.0 ? 1 
DENZO     'data reduction' .   ? 2 
SCALEPACK 'data scaling'   .   ? 3 
# 
_cell.entry_id           1F5B 
_cell.length_a           55.381 
_cell.length_b           55.381 
_cell.length_c           92.780 
_cell.angle_alpha        90.00 
_cell.angle_beta         90.00 
_cell.angle_gamma        90.00 
_cell.Z_PDB              8 
_cell.pdbx_unique_axis   ? 
# 
_symmetry.entry_id                         1F5B 
_symmetry.space_group_name_H-M             'P 41 21 2' 
_symmetry.pdbx_full_space_group_name_H-M   ? 
_symmetry.cell_setting                     ? 
_symmetry.Int_Tables_number                92 
# 
_exptl.entry_id          1F5B 
_exptl.method            'X-RAY DIFFRACTION' 
_exptl.crystals_number   1 
# 
_exptl_crystal.id                    1 
_exptl_crystal.density_meas          ? 
_exptl_crystal.density_percent_sol   58.30 
_exptl_crystal.density_Matthews      2.95 
_exptl_crystal.description           ? 
# 
_exptl_crystal_grow.crystal_id      1 
_exptl_crystal_grow.method          'VAPOR DIFFUSION, SITTING DROP' 
_exptl_crystal_grow.pH              7.4 
_exptl_crystal_grow.temp            277.0 
_exptl_crystal_grow.temp_details    ? 
_exptl_crystal_grow.pdbx_details    
'Trizma base, ammonium sulfate, potassium phosphate, pH 7.4, VAPOR DIFFUSION, SITTING DROP, temperature 277.0K' 
_exptl_crystal_grow.pdbx_pH_range   . 
# 
_diffrn.id                     1 
_diffrn.ambient_temp           115 
_diffrn.ambient_temp_details   ? 
_diffrn.crystal_id             1 
# 
_diffrn_detector.diffrn_id              1 
_diffrn_detector.detector               'IMAGE PLATE' 
_diffrn_detector.type                   'RIGAKU RAXIS IV' 
_diffrn_detector.pdbx_collection_date   1999-11-05 
_diffrn_detector.details                ? 
# 
_diffrn_radiation.diffrn_id                        1 
_diffrn_radiation.wavelength_id                    1 
_diffrn_radiation.monochromator                    ? 
_diffrn_radiation.pdbx_monochromatic_or_laue_m_l   M 
_diffrn_radiation.pdbx_diffrn_protocol             'SINGLE WAVELENGTH' 
_diffrn_radiation.pdbx_scattering_type             x-ray 
# 
_diffrn_radiation_wavelength.id           1 
_diffrn_radiation_wavelength.wavelength   1.5408 
_diffrn_radiation_wavelength.wt           1.0 
# 
_diffrn_source.diffrn_id                   1 
_diffrn_source.source                      'ROTATING ANODE' 
_diffrn_source.type                        RIGAKU 
_diffrn_source.pdbx_wavelength             1.5408 
_diffrn_source.pdbx_synchrotron_site       ? 
_diffrn_source.pdbx_synchrotron_beamline   ? 
_diffrn_source.pdbx_wavelength_list        ? 
# 
_reflns.entry_id                     1F5B 
_reflns.observed_criterion_sigma_I   -3.0 
_reflns.observed_criterion_sigma_F   0.0 
_reflns.d_resolution_low             50.0 
_reflns.d_resolution_high            1.62 
_reflns.number_obs                   19082 
_reflns.number_all                   19110 
_reflns.percent_possible_obs         99.9 
_reflns.pdbx_Rmerge_I_obs            0.072 
_reflns.pdbx_Rsym_value              ? 
_reflns.pdbx_netI_over_sigmaI        9.6 
_reflns.B_iso_Wilson_estimate        21.60 
_reflns.pdbx_redundancy              11.83 
_reflns.R_free_details               ? 
_reflns.limit_h_max                  ? 
_reflns.limit_h_min                  ? 
_reflns.limit_k_max                  ? 
_reflns.limit_k_min                  ? 
_reflns.limit_l_max                  ? 
_reflns.limit_l_min                  ? 
_reflns.observed_criterion_F_max     ? 
_reflns.observed_criterion_F_min     ? 
_reflns.pdbx_diffrn_id               1 
_reflns.pdbx_ordinal                 1 
# 
_reflns_shell.d_res_high             1.62 
_reflns_shell.d_res_low              1.65 
_reflns_shell.percent_possible_obs   ? 
_reflns_shell.percent_possible_all   100 
_reflns_shell.Rmerge_I_obs           0.642 
_reflns_shell.meanI_over_sigI_obs    ? 
_reflns_shell.pdbx_Rsym_value        ? 
_reflns_shell.pdbx_redundancy        10.0 
_reflns_shell.number_unique_all      921 
_reflns_shell.pdbx_diffrn_id         ? 
_reflns_shell.pdbx_ordinal           1 
# 
_refine.entry_id                                 1F5B 
_refine.ls_number_reflns_obs                     18542 
_refine.ls_number_reflns_all                     19082 
_refine.pdbx_ls_sigma_I                          0.0 
_refine.pdbx_ls_sigma_F                          0.0 
_refine.pdbx_data_cutoff_high_absF               372801.63 
_refine.pdbx_data_cutoff_low_absF                0.00 
_refine.ls_d_res_low                             39.16 
_refine.ls_d_res_high                            1.62 
_refine.ls_percent_reflns_obs                    97.2 
_refine.ls_R_factor_obs                          0.207 
_refine.ls_R_factor_all                          ? 
_refine.ls_R_factor_R_work                       0.207 
_refine.ls_R_factor_R_free                       0.244 
_refine.ls_R_factor_R_free_error                 0.008 
_refine.ls_R_factor_R_free_error_details         ? 
_refine.ls_percent_reflns_R_free                 4.8 
_refine.ls_number_reflns_R_free                  899 
_refine.ls_number_parameters                     ? 
_refine.ls_number_restraints                     ? 
_refine.occupancy_min                            ? 
_refine.occupancy_max                            ? 
_refine.B_iso_mean                               24.3 
_refine.aniso_B[1][1]                            -0.55 
_refine.aniso_B[2][2]                            -0.55 
_refine.aniso_B[3][3]                            1.10 
_refine.aniso_B[1][2]                            0.00 
_refine.aniso_B[1][3]                            0.00 
_refine.aniso_B[2][3]                            0.00 
_refine.solvent_model_details                    'FLAT MODEL' 
_refine.solvent_model_param_ksol                 0.352 
_refine.solvent_model_param_bsol                 40.92 
_refine.pdbx_ls_cross_valid_method               THROUGHOUT 
_refine.details                                  'used maximum likelihood (F)' 
_refine.pdbx_starting_model                      ? 
_refine.pdbx_method_to_determine_struct          ? 
_refine.pdbx_isotropic_thermal_model             RESTRAINED 
_refine.pdbx_stereochemistry_target_values       'Engh and Huber' 
_refine.pdbx_stereochem_target_val_spec_case     ? 
_refine.pdbx_R_Free_selection_details            RANDOM 
_refine.pdbx_overall_ESU_R_Free                  ? 
_refine.overall_SU_B                             ? 
_refine.ls_redundancy_reflns_obs                 ? 
_refine.B_iso_min                                ? 
_refine.B_iso_max                                ? 
_refine.overall_SU_ML                            ? 
_refine.pdbx_overall_ESU_R                       ? 
_refine.pdbx_data_cutoff_high_rms_absF           ? 
_refine.correlation_coeff_Fo_to_Fc               ? 
_refine.correlation_coeff_Fo_to_Fc_free          ? 
_refine.pdbx_solvent_vdw_probe_radii             ? 
_refine.pdbx_solvent_ion_probe_radii             ? 
_refine.pdbx_solvent_shrinkage_radii             ? 
_refine.overall_SU_R_Cruickshank_DPI             ? 
_refine.overall_SU_R_free                        ? 
_refine.pdbx_refine_id                           'X-RAY DIFFRACTION' 
_refine.pdbx_diffrn_id                           1 
_refine.pdbx_TLS_residual_ADP_flag               ? 
_refine.pdbx_overall_phase_error                 ? 
_refine.pdbx_overall_SU_R_free_Cruickshank_DPI   ? 
_refine.pdbx_overall_SU_R_Blow_DPI               ? 
_refine.pdbx_overall_SU_R_free_Blow_DPI          ? 
# 
_refine_analyze.entry_id                        1F5B 
_refine_analyze.Luzzati_coordinate_error_obs    0.20 
_refine_analyze.Luzzati_sigma_a_obs             0.16 
_refine_analyze.Luzzati_d_res_low_obs           5.00 
_refine_analyze.Luzzati_coordinate_error_free   0.24 
_refine_analyze.Luzzati_sigma_a_free            0.18 
_refine_analyze.Luzzati_d_res_low_free          ? 
_refine_analyze.number_disordered_residues      ? 
_refine_analyze.occupancy_sum_hydrogen          ? 
_refine_analyze.occupancy_sum_non_hydrogen      ? 
_refine_analyze.pdbx_Luzzati_d_res_high_obs     ? 
_refine_analyze.pdbx_refine_id                  'X-RAY DIFFRACTION' 
# 
_refine_hist.pdbx_refine_id                   'X-RAY DIFFRACTION' 
_refine_hist.cycle_id                         LAST 
_refine_hist.pdbx_number_atoms_protein        845 
_refine_hist.pdbx_number_atoms_nucleic_acid   0 
_refine_hist.pdbx_number_atoms_ligand         15 
_refine_hist.number_atoms_solvent             176 
_refine_hist.number_atoms_total               1036 
_refine_hist.d_res_high                       1.62 
_refine_hist.d_res_low                        39.16 
# 
loop_
_refine_ls_restr.type 
_refine_ls_restr.dev_ideal 
_refine_ls_restr.dev_ideal_target 
_refine_ls_restr.weight 
_refine_ls_restr.number 
_refine_ls_restr.pdbx_refine_id 
_refine_ls_restr.pdbx_restraint_function 
c_bond_d           0.005 ? ? ? 'X-RAY DIFFRACTION' ? 
c_angle_deg        1.8   ? ? ? 'X-RAY DIFFRACTION' ? 
c_dihedral_angle_d 23.4  ? ? ? 'X-RAY DIFFRACTION' ? 
c_improper_angle_d 0.90  ? ? ? 'X-RAY DIFFRACTION' ? 
# 
_refine_ls_shell.pdbx_total_number_of_bins_used   6 
_refine_ls_shell.d_res_high                       1.62 
_refine_ls_shell.d_res_low                        1.72 
_refine_ls_shell.number_reflns_R_work             2716 
_refine_ls_shell.R_factor_R_work                  0.343 
_refine_ls_shell.percent_reflns_obs               91.7 
_refine_ls_shell.R_factor_R_free                  0.364 
_refine_ls_shell.R_factor_R_free_error            0.031 
_refine_ls_shell.percent_reflns_R_free            4.8 
_refine_ls_shell.number_reflns_R_free             136 
_refine_ls_shell.redundancy_reflns_obs            ? 
_refine_ls_shell.number_reflns_all                ? 
_refine_ls_shell.number_reflns_obs                ? 
_refine_ls_shell.pdbx_refine_id                   'X-RAY DIFFRACTION' 
_refine_ls_shell.R_factor_all                     ? 
# 
loop_
_pdbx_xplor_file.serial_no 
_pdbx_xplor_file.param_file 
_pdbx_xplor_file.topol_file 
_pdbx_xplor_file.pdbx_refine_id 
1 PROTEIN_REP.PARAM PROTEIN.TOP 'X-RAY DIFFRACTION' 
2 WATER_REP.PARAM   WATER.TOP   'X-RAY DIFFRACTION' 
3 PARAM19X.FS       TOPH19.FS   'X-RAY DIFFRACTION' 
4 SO4.PAR           SO4.TOP     'X-RAY DIFFRACTION' 
# 
_struct.entry_id                  1F5B 
_struct.title                     
'CRYSTAL STRUCTURE OF F2H FERREDOXIN 1 MUTANT FROM AZOTOBACTER VINELANDII AT 1.75 ANGSTROM RESOLUTION' 
_struct.pdbx_model_details        ? 
_struct.pdbx_CASP_flag            ? 
_struct.pdbx_model_type_details   ? 
# 
_struct_keywords.entry_id        1F5B 
_struct_keywords.pdbx_keywords   'ELECTRON TRANSPORT' 
_struct_keywords.text            'beta-sheet, protein monomer, iron sulfur protein, ferredoxin, ELECTRON TRANSPORT' 
# 
loop_
_struct_asym.id 
_struct_asym.pdbx_blank_PDB_chainid_flag 
_struct_asym.pdbx_modified 
_struct_asym.entity_id 
_struct_asym.details 
A N N 1 ? 
B N N 2 ? 
C N N 3 ? 
D N N 4 ? 
# 
_struct_ref.id                         1 
_struct_ref.db_code                    FER1_AZOVI 
_struct_ref.db_name                    UNP 
_struct_ref.entity_id                  1 
_struct_ref.pdbx_db_accession          P00214 
_struct_ref.pdbx_align_begin           ? 
_struct_ref.pdbx_seq_one_letter_code   ? 
_struct_ref.pdbx_db_isoform            ? 
# 
_struct_ref_seq.align_id                      1 
_struct_ref_seq.ref_id                        1 
_struct_ref_seq.pdbx_PDB_id_code              1F5B 
_struct_ref_seq.pdbx_strand_id                A 
_struct_ref_seq.seq_align_beg                 1 
_struct_ref_seq.pdbx_seq_align_beg_ins_code   ? 
_struct_ref_seq.seq_align_end                 106 
_struct_ref_seq.pdbx_seq_align_end_ins_code   ? 
_struct_ref_seq.pdbx_db_accession             P00214 
_struct_ref_seq.db_align_beg                  1 
_struct_ref_seq.pdbx_db_align_beg_ins_code    ? 
_struct_ref_seq.db_align_end                  106 
_struct_ref_seq.pdbx_db_align_end_ins_code    ? 
_struct_ref_seq.pdbx_auth_seq_align_beg       1 
_struct_ref_seq.pdbx_auth_seq_align_end       106 
# 
_struct_ref_seq_dif.align_id                     1 
_struct_ref_seq_dif.pdbx_pdb_id_code             1F5B 
_struct_ref_seq_dif.mon_id                       HIS 
_struct_ref_seq_dif.pdbx_pdb_strand_id           A 
_struct_ref_seq_dif.seq_num                      2 
_struct_ref_seq_dif.pdbx_pdb_ins_code            ? 
_struct_ref_seq_dif.pdbx_seq_db_name             UNP 
_struct_ref_seq_dif.pdbx_seq_db_accession_code   P00214 
_struct_ref_seq_dif.db_mon_id                    PHE 
_struct_ref_seq_dif.pdbx_seq_db_seq_num          2 
_struct_ref_seq_dif.details                      'engineered mutation' 
_struct_ref_seq_dif.pdbx_auth_seq_num            2 
_struct_ref_seq_dif.pdbx_ordinal                 1 
# 
_pdbx_struct_assembly.id                   1 
_pdbx_struct_assembly.details              author_defined_assembly 
_pdbx_struct_assembly.method_details       ? 
_pdbx_struct_assembly.oligomeric_details   monomeric 
_pdbx_struct_assembly.oligomeric_count     1 
# 
_pdbx_struct_assembly_gen.assembly_id       1 
_pdbx_struct_assembly_gen.oper_expression   1 
_pdbx_struct_assembly_gen.asym_id_list      A,B,C,D 
# 
_pdbx_struct_oper_list.id                   1 
_pdbx_struct_oper_list.type                 'identity operation' 
_pdbx_struct_oper_list.name                 1_555 
_pdbx_struct_oper_list.symmetry_operation   x,y,z 
_pdbx_struct_oper_list.matrix[1][1]         1.0000000000 
_pdbx_struct_oper_list.matrix[1][2]         0.0000000000 
_pdbx_struct_oper_list.matrix[1][3]         0.0000000000 
_pdbx_struct_oper_list.vector[1]            0.0000000000 
_pdbx_struct_oper_list.matrix[2][1]         0.0000000000 
_pdbx_struct_oper_list.matrix[2][2]         1.0000000000 
_pdbx_struct_oper_list.matrix[2][3]         0.0000000000 
_pdbx_struct_oper_list.vector[2]            0.0000000000 
_pdbx_struct_oper_list.matrix[3][1]         0.0000000000 
_pdbx_struct_oper_list.matrix[3][2]         0.0000000000 
_pdbx_struct_oper_list.matrix[3][3]         1.0000000000 
_pdbx_struct_oper_list.vector[3]            0.0000000000 
# 
_struct_biol.id                    1 
_struct_biol.pdbx_parent_biol_id   ? 
_struct_biol.details               ? 
# 
loop_
_struct_conf.conf_type_id 
_struct_conf.id 
_struct_conf.pdbx_PDB_helix_id 
_struct_conf.beg_label_comp_id 
_struct_conf.beg_label_asym_id 
_struct_conf.beg_label_seq_id 
_struct_conf.pdbx_beg_PDB_ins_code 
_struct_conf.end_label_comp_id 
_struct_conf.end_label_asym_id 
_struct_conf.end_label_seq_id 
_struct_conf.pdbx_end_PDB_ins_code 
_struct_conf.beg_auth_comp_id 
_struct_conf.beg_auth_asym_id 
_struct_conf.beg_auth_seq_id 
_struct_conf.end_auth_comp_id 
_struct_conf.end_auth_asym_id 
_struct_conf.end_auth_seq_id 
_struct_conf.pdbx_PDB_helix_class 
_struct_conf.details 
_struct_conf.pdbx_PDB_helix_length 
HELX_P HELX_P1 1 ASP A 6  ? ILE A 9   ? ASP A 6  ILE A 9   5 ? 4  
HELX_P HELX_P2 2 THR A 14 ? CYS A 20  ? THR A 14 CYS A 20  5 ? 7  
HELX_P HELX_P3 3 CYS A 45 ? CYS A 49  ? CYS A 45 CYS A 49  5 ? 5  
HELX_P HELX_P4 4 ASP A 58 ? VAL A 60  ? ASP A 58 VAL A 60  5 ? 3  
HELX_P HELX_P5 5 PRO A 61 ? MET A 64  ? PRO A 61 MET A 64  5 ? 4  
HELX_P HELX_P6 6 GLN A 65 ? ALA A 75  ? GLN A 65 ALA A 75  1 ? 11 
HELX_P HELX_P7 7 ASP A 90 ? ASP A 95  ? ASP A 90 ASP A 95  1 ? 6  
HELX_P HELX_P8 8 GLY A 99 ? LEU A 104 ? GLY A 99 LEU A 104 5 ? 6  
# 
_struct_conf_type.id          HELX_P 
_struct_conf_type.criteria    ? 
_struct_conf_type.reference   ? 
# 
loop_
_struct_conn.id 
_struct_conn.conn_type_id 
_struct_conn.pdbx_leaving_atom_flag 
_struct_conn.pdbx_PDB_id 
_struct_conn.ptnr1_label_asym_id 
_struct_conn.ptnr1_label_comp_id 
_struct_conn.ptnr1_label_seq_id 
_struct_conn.ptnr1_label_atom_id 
_struct_conn.pdbx_ptnr1_label_alt_id 
_struct_conn.pdbx_ptnr1_PDB_ins_code 
_struct_conn.pdbx_ptnr1_standard_comp_id 
_struct_conn.ptnr1_symmetry 
_struct_conn.ptnr2_label_asym_id 
_struct_conn.ptnr2_label_comp_id 
_struct_conn.ptnr2_label_seq_id 
_struct_conn.ptnr2_label_atom_id 
_struct_conn.pdbx_ptnr2_label_alt_id 
_struct_conn.pdbx_ptnr2_PDB_ins_code 
_struct_conn.ptnr1_auth_asym_id 
_struct_conn.ptnr1_auth_comp_id 
_struct_conn.ptnr1_auth_seq_id 
_struct_conn.ptnr2_auth_asym_id 
_struct_conn.ptnr2_auth_comp_id 
_struct_conn.ptnr2_auth_seq_id 
_struct_conn.ptnr2_symmetry 
_struct_conn.pdbx_ptnr3_label_atom_id 
_struct_conn.pdbx_ptnr3_label_seq_id 
_struct_conn.pdbx_ptnr3_label_comp_id 
_struct_conn.pdbx_ptnr3_label_asym_id 
_struct_conn.pdbx_ptnr3_label_alt_id 
_struct_conn.pdbx_ptnr3_PDB_ins_code 
_struct_conn.details 
_struct_conn.pdbx_dist_value 
_struct_conn.pdbx_value_order 
_struct_conn.pdbx_role 
metalc1 metalc ? ? A CYS 8  SG ? ? ? 1_555 B F3S . FE3 ? ? A CYS 8  A F3S 200 1_555 ? ? ? ? ? ? ? 2.278 ? ? 
metalc2 metalc ? ? A CYS 16 SG ? ? ? 1_555 B F3S . FE1 ? ? A CYS 16 A F3S 200 1_555 ? ? ? ? ? ? ? 2.275 ? ? 
metalc3 metalc ? ? A CYS 20 SG ? ? ? 1_555 C SF4 . FE4 ? ? A CYS 20 A SF4 201 1_555 ? ? ? ? ? ? ? 2.293 ? ? 
metalc4 metalc ? ? A CYS 39 SG ? ? ? 1_555 C SF4 . FE1 ? ? A CYS 39 A SF4 201 1_555 ? ? ? ? ? ? ? 2.285 ? ? 
metalc5 metalc ? ? A CYS 42 SG ? ? ? 1_555 C SF4 . FE2 ? ? A CYS 42 A SF4 201 1_555 ? ? ? ? ? ? ? 2.297 ? ? 
metalc6 metalc ? ? A CYS 45 SG ? ? ? 1_555 C SF4 . FE3 ? ? A CYS 45 A SF4 201 1_555 ? ? ? ? ? ? ? 2.284 ? ? 
metalc7 metalc ? ? A CYS 49 SG ? ? ? 1_555 B F3S . FE4 ? ? A CYS 49 A F3S 200 1_555 ? ? ? ? ? ? ? 2.279 ? ? 
# 
_struct_conn_type.id          metalc 
_struct_conn_type.criteria    ? 
_struct_conn_type.reference   ? 
# 
loop_
_pdbx_struct_conn_angle.id 
_pdbx_struct_conn_angle.ptnr1_label_atom_id 
_pdbx_struct_conn_angle.ptnr1_label_alt_id 
_pdbx_struct_conn_angle.ptnr1_label_asym_id 
_pdbx_struct_conn_angle.ptnr1_label_comp_id 
_pdbx_struct_conn_angle.ptnr1_label_seq_id 
_pdbx_struct_conn_angle.ptnr1_auth_atom_id 
_pdbx_struct_conn_angle.ptnr1_auth_asym_id 
_pdbx_struct_conn_angle.ptnr1_auth_comp_id 
_pdbx_struct_conn_angle.ptnr1_auth_seq_id 
_pdbx_struct_conn_angle.ptnr1_PDB_ins_code 
_pdbx_struct_conn_angle.ptnr1_symmetry 
_pdbx_struct_conn_angle.ptnr2_label_atom_id 
_pdbx_struct_conn_angle.ptnr2_label_alt_id 
_pdbx_struct_conn_angle.ptnr2_label_asym_id 
_pdbx_struct_conn_angle.ptnr2_label_comp_id 
_pdbx_struct_conn_angle.ptnr2_label_seq_id 
_pdbx_struct_conn_angle.ptnr2_auth_atom_id 
_pdbx_struct_conn_angle.ptnr2_auth_asym_id 
_pdbx_struct_conn_angle.ptnr2_auth_comp_id 
_pdbx_struct_conn_angle.ptnr2_auth_seq_id 
_pdbx_struct_conn_angle.ptnr2_PDB_ins_code 
_pdbx_struct_conn_angle.ptnr2_symmetry 
_pdbx_struct_conn_angle.ptnr3_label_atom_id 
_pdbx_struct_conn_angle.ptnr3_label_alt_id 
_pdbx_struct_conn_angle.ptnr3_label_asym_id 
_pdbx_struct_conn_angle.ptnr3_label_comp_id 
_pdbx_struct_conn_angle.ptnr3_label_seq_id 
_pdbx_struct_conn_angle.ptnr3_auth_atom_id 
_pdbx_struct_conn_angle.ptnr3_auth_asym_id 
_pdbx_struct_conn_angle.ptnr3_auth_comp_id 
_pdbx_struct_conn_angle.ptnr3_auth_seq_id 
_pdbx_struct_conn_angle.ptnr3_PDB_ins_code 
_pdbx_struct_conn_angle.ptnr3_symmetry 
_pdbx_struct_conn_angle.value 
_pdbx_struct_conn_angle.value_esd 
1  SG ? A CYS 8  ? A CYS 8   ? 1_555 FE3 ? B F3S . ? A F3S 200 ? 1_555 S1 ? B F3S . ? A F3S 200 ? 1_555 112.2 ? 
2  SG ? A CYS 8  ? A CYS 8   ? 1_555 FE3 ? B F3S . ? A F3S 200 ? 1_555 S3 ? B F3S . ? A F3S 200 ? 1_555 117.2 ? 
3  S1 ? B F3S .  ? A F3S 200 ? 1_555 FE3 ? B F3S . ? A F3S 200 ? 1_555 S3 ? B F3S . ? A F3S 200 ? 1_555 103.9 ? 
4  SG ? A CYS 8  ? A CYS 8   ? 1_555 FE3 ? B F3S . ? A F3S 200 ? 1_555 S4 ? B F3S . ? A F3S 200 ? 1_555 106.8 ? 
5  S1 ? B F3S .  ? A F3S 200 ? 1_555 FE3 ? B F3S . ? A F3S 200 ? 1_555 S4 ? B F3S . ? A F3S 200 ? 1_555 110.0 ? 
6  S3 ? B F3S .  ? A F3S 200 ? 1_555 FE3 ? B F3S . ? A F3S 200 ? 1_555 S4 ? B F3S . ? A F3S 200 ? 1_555 106.6 ? 
7  SG ? A CYS 16 ? A CYS 16  ? 1_555 FE1 ? B F3S . ? A F3S 200 ? 1_555 S1 ? B F3S . ? A F3S 200 ? 1_555 115.1 ? 
8  SG ? A CYS 16 ? A CYS 16  ? 1_555 FE1 ? B F3S . ? A F3S 200 ? 1_555 S2 ? B F3S . ? A F3S 200 ? 1_555 106.6 ? 
9  S1 ? B F3S .  ? A F3S 200 ? 1_555 FE1 ? B F3S . ? A F3S 200 ? 1_555 S2 ? B F3S . ? A F3S 200 ? 1_555 111.3 ? 
10 SG ? A CYS 16 ? A CYS 16  ? 1_555 FE1 ? B F3S . ? A F3S 200 ? 1_555 S3 ? B F3S . ? A F3S 200 ? 1_555 115.3 ? 
11 S1 ? B F3S .  ? A F3S 200 ? 1_555 FE1 ? B F3S . ? A F3S 200 ? 1_555 S3 ? B F3S . ? A F3S 200 ? 1_555 103.1 ? 
12 S2 ? B F3S .  ? A F3S 200 ? 1_555 FE1 ? B F3S . ? A F3S 200 ? 1_555 S3 ? B F3S . ? A F3S 200 ? 1_555 105.2 ? 
13 SG ? A CYS 20 ? A CYS 20  ? 1_555 FE4 ? C SF4 . ? A SF4 201 ? 1_555 S1 ? C SF4 . ? A SF4 201 ? 1_555 110.5 ? 
14 SG ? A CYS 20 ? A CYS 20  ? 1_555 FE4 ? C SF4 . ? A SF4 201 ? 1_555 S2 ? C SF4 . ? A SF4 201 ? 1_555 118.5 ? 
15 S1 ? C SF4 .  ? A SF4 201 ? 1_555 FE4 ? C SF4 . ? A SF4 201 ? 1_555 S2 ? C SF4 . ? A SF4 201 ? 1_555 103.8 ? 
16 SG ? A CYS 20 ? A CYS 20  ? 1_555 FE4 ? C SF4 . ? A SF4 201 ? 1_555 S3 ? C SF4 . ? A SF4 201 ? 1_555 112.7 ? 
17 S1 ? C SF4 .  ? A SF4 201 ? 1_555 FE4 ? C SF4 . ? A SF4 201 ? 1_555 S3 ? C SF4 . ? A SF4 201 ? 1_555 105.3 ? 
18 S2 ? C SF4 .  ? A SF4 201 ? 1_555 FE4 ? C SF4 . ? A SF4 201 ? 1_555 S3 ? C SF4 . ? A SF4 201 ? 1_555 105.0 ? 
19 SG ? A CYS 39 ? A CYS 39  ? 1_555 FE1 ? C SF4 . ? A SF4 201 ? 1_555 S2 ? C SF4 . ? A SF4 201 ? 1_555 118.1 ? 
20 SG ? A CYS 39 ? A CYS 39  ? 1_555 FE1 ? C SF4 . ? A SF4 201 ? 1_555 S3 ? C SF4 . ? A SF4 201 ? 1_555 116.0 ? 
21 S2 ? C SF4 .  ? A SF4 201 ? 1_555 FE1 ? C SF4 . ? A SF4 201 ? 1_555 S3 ? C SF4 . ? A SF4 201 ? 1_555 105.5 ? 
22 SG ? A CYS 39 ? A CYS 39  ? 1_555 FE1 ? C SF4 . ? A SF4 201 ? 1_555 S4 ? C SF4 . ? A SF4 201 ? 1_555 106.4 ? 
23 S2 ? C SF4 .  ? A SF4 201 ? 1_555 FE1 ? C SF4 . ? A SF4 201 ? 1_555 S4 ? C SF4 . ? A SF4 201 ? 1_555 105.2 ? 
24 S3 ? C SF4 .  ? A SF4 201 ? 1_555 FE1 ? C SF4 . ? A SF4 201 ? 1_555 S4 ? C SF4 . ? A SF4 201 ? 1_555 104.3 ? 
25 SG ? A CYS 42 ? A CYS 42  ? 1_555 FE2 ? C SF4 . ? A SF4 201 ? 1_555 S1 ? C SF4 . ? A SF4 201 ? 1_555 98.8  ? 
26 SG ? A CYS 42 ? A CYS 42  ? 1_555 FE2 ? C SF4 . ? A SF4 201 ? 1_555 S3 ? C SF4 . ? A SF4 201 ? 1_555 118.0 ? 
27 S1 ? C SF4 .  ? A SF4 201 ? 1_555 FE2 ? C SF4 . ? A SF4 201 ? 1_555 S3 ? C SF4 . ? A SF4 201 ? 1_555 105.0 ? 
28 SG ? A CYS 42 ? A CYS 42  ? 1_555 FE2 ? C SF4 . ? A SF4 201 ? 1_555 S4 ? C SF4 . ? A SF4 201 ? 1_555 122.6 ? 
29 S1 ? C SF4 .  ? A SF4 201 ? 1_555 FE2 ? C SF4 . ? A SF4 201 ? 1_555 S4 ? C SF4 . ? A SF4 201 ? 1_555 106.4 ? 
30 S3 ? C SF4 .  ? A SF4 201 ? 1_555 FE2 ? C SF4 . ? A SF4 201 ? 1_555 S4 ? C SF4 . ? A SF4 201 ? 1_555 104.1 ? 
31 SG ? A CYS 45 ? A CYS 45  ? 1_555 FE3 ? C SF4 . ? A SF4 201 ? 1_555 S1 ? C SF4 . ? A SF4 201 ? 1_555 107.1 ? 
32 SG ? A CYS 45 ? A CYS 45  ? 1_555 FE3 ? C SF4 . ? A SF4 201 ? 1_555 S2 ? C SF4 . ? A SF4 201 ? 1_555 119.0 ? 
33 S1 ? C SF4 .  ? A SF4 201 ? 1_555 FE3 ? C SF4 . ? A SF4 201 ? 1_555 S2 ? C SF4 . ? A SF4 201 ? 1_555 103.9 ? 
34 SG ? A CYS 45 ? A CYS 45  ? 1_555 FE3 ? C SF4 . ? A SF4 201 ? 1_555 S4 ? C SF4 . ? A SF4 201 ? 1_555 112.7 ? 
35 S1 ? C SF4 .  ? A SF4 201 ? 1_555 FE3 ? C SF4 . ? A SF4 201 ? 1_555 S4 ? C SF4 . ? A SF4 201 ? 1_555 107.3 ? 
36 S2 ? C SF4 .  ? A SF4 201 ? 1_555 FE3 ? C SF4 . ? A SF4 201 ? 1_555 S4 ? C SF4 . ? A SF4 201 ? 1_555 105.9 ? 
37 SG ? A CYS 49 ? A CYS 49  ? 1_555 FE4 ? B F3S . ? A F3S 200 ? 1_555 S2 ? B F3S . ? A F3S 200 ? 1_555 111.9 ? 
38 SG ? A CYS 49 ? A CYS 49  ? 1_555 FE4 ? B F3S . ? A F3S 200 ? 1_555 S3 ? B F3S . ? A F3S 200 ? 1_555 110.4 ? 
39 S2 ? B F3S .  ? A F3S 200 ? 1_555 FE4 ? B F3S . ? A F3S 200 ? 1_555 S3 ? B F3S . ? A F3S 200 ? 1_555 105.5 ? 
40 SG ? A CYS 49 ? A CYS 49  ? 1_555 FE4 ? B F3S . ? A F3S 200 ? 1_555 S4 ? B F3S . ? A F3S 200 ? 1_555 111.9 ? 
41 S2 ? B F3S .  ? A F3S 200 ? 1_555 FE4 ? B F3S . ? A F3S 200 ? 1_555 S4 ? B F3S . ? A F3S 200 ? 1_555 110.5 ? 
42 S3 ? B F3S .  ? A F3S 200 ? 1_555 FE4 ? B F3S . ? A F3S 200 ? 1_555 S4 ? B F3S . ? A F3S 200 ? 1_555 106.4 ? 
# 
loop_
_struct_sheet.id 
_struct_sheet.type 
_struct_sheet.number_strands 
_struct_sheet.details 
A ? 2 ? 
B ? 2 ? 
# 
loop_
_struct_sheet_order.sheet_id 
_struct_sheet_order.range_id_1 
_struct_sheet_order.range_id_2 
_struct_sheet_order.offset 
_struct_sheet_order.sense 
A 1 2 ? anti-parallel 
B 1 2 ? anti-parallel 
# 
loop_
_struct_sheet_range.sheet_id 
_struct_sheet_range.id 
_struct_sheet_range.beg_label_comp_id 
_struct_sheet_range.beg_label_asym_id 
_struct_sheet_range.beg_label_seq_id 
_struct_sheet_range.pdbx_beg_PDB_ins_code 
_struct_sheet_range.end_label_comp_id 
_struct_sheet_range.end_label_asym_id 
_struct_sheet_range.end_label_seq_id 
_struct_sheet_range.pdbx_end_PDB_ins_code 
_struct_sheet_range.beg_auth_comp_id 
_struct_sheet_range.beg_auth_asym_id 
_struct_sheet_range.beg_auth_seq_id 
_struct_sheet_range.end_auth_comp_id 
_struct_sheet_range.end_auth_asym_id 
_struct_sheet_range.end_auth_seq_id 
A 1 HIS A 2  ? VAL A 4  ? HIS A 2  VAL A 4  
A 2 ILE A 54 ? SER A 56 ? ILE A 54 SER A 56 
B 1 PHE A 25 ? GLU A 27 ? PHE A 25 GLU A 27 
B 2 LEU A 32 ? ILE A 34 ? LEU A 32 ILE A 34 
# 
loop_
_pdbx_struct_sheet_hbond.sheet_id 
_pdbx_struct_sheet_hbond.range_id_1 
_pdbx_struct_sheet_hbond.range_id_2 
_pdbx_struct_sheet_hbond.range_1_label_atom_id 
_pdbx_struct_sheet_hbond.range_1_label_comp_id 
_pdbx_struct_sheet_hbond.range_1_label_asym_id 
_pdbx_struct_sheet_hbond.range_1_label_seq_id 
_pdbx_struct_sheet_hbond.range_1_PDB_ins_code 
_pdbx_struct_sheet_hbond.range_1_auth_atom_id 
_pdbx_struct_sheet_hbond.range_1_auth_comp_id 
_pdbx_struct_sheet_hbond.range_1_auth_asym_id 
_pdbx_struct_sheet_hbond.range_1_auth_seq_id 
_pdbx_struct_sheet_hbond.range_2_label_atom_id 
_pdbx_struct_sheet_hbond.range_2_label_comp_id 
_pdbx_struct_sheet_hbond.range_2_label_asym_id 
_pdbx_struct_sheet_hbond.range_2_label_seq_id 
_pdbx_struct_sheet_hbond.range_2_PDB_ins_code 
_pdbx_struct_sheet_hbond.range_2_auth_atom_id 
_pdbx_struct_sheet_hbond.range_2_auth_comp_id 
_pdbx_struct_sheet_hbond.range_2_auth_asym_id 
_pdbx_struct_sheet_hbond.range_2_auth_seq_id 
A 1 2 N VAL A 3  ? N VAL A 3  O PHE A 55 ? O PHE A 55 
B 1 2 N TYR A 26 ? N TYR A 26 O VAL A 33 ? O VAL A 33 
# 
loop_
_struct_site.id 
_struct_site.pdbx_evidence_code 
_struct_site.pdbx_auth_asym_id 
_struct_site.pdbx_auth_comp_id 
_struct_site.pdbx_auth_seq_id 
_struct_site.pdbx_auth_ins_code 
_struct_site.pdbx_num_residues 
_struct_site.details 
AC1 Software A F3S 200 ? 8  'BINDING SITE FOR RESIDUE F3S A 200' 
AC2 Software A SF4 201 ? 11 'BINDING SITE FOR RESIDUE SF4 A 201' 
# 
loop_
_struct_site_gen.id 
_struct_site_gen.site_id 
_struct_site_gen.pdbx_num_res 
_struct_site_gen.label_comp_id 
_struct_site_gen.label_asym_id 
_struct_site_gen.label_seq_id 
_struct_site_gen.pdbx_auth_ins_code 
_struct_site_gen.auth_comp_id 
_struct_site_gen.auth_asym_id 
_struct_site_gen.auth_seq_id 
_struct_site_gen.label_atom_id 
_struct_site_gen.label_alt_id 
_struct_site_gen.symmetry 
_struct_site_gen.details 
1  AC1 8  CYS A 8  ? CYS A 8  . ? 1_555 ? 
2  AC1 8  LYS A 12 ? LYS A 12 . ? 1_555 ? 
3  AC1 8  TYR A 13 ? TYR A 13 . ? 1_555 ? 
4  AC1 8  THR A 14 ? THR A 14 . ? 1_555 ? 
5  AC1 8  ASP A 15 ? ASP A 15 . ? 1_555 ? 
6  AC1 8  CYS A 16 ? CYS A 16 . ? 1_555 ? 
7  AC1 8  LEU A 32 ? LEU A 32 . ? 1_555 ? 
8  AC1 8  CYS A 49 ? CYS A 49 . ? 1_555 ? 
9  AC2 11 HIS A 2  ? HIS A 2  . ? 1_555 ? 
10 AC2 11 CYS A 20 ? CYS A 20 . ? 1_555 ? 
11 AC2 11 VAL A 22 ? VAL A 22 . ? 1_555 ? 
12 AC2 11 CYS A 24 ? CYS A 24 . ? 1_555 ? 
13 AC2 11 PHE A 25 ? PHE A 25 . ? 1_555 ? 
14 AC2 11 ILE A 34 ? ILE A 34 . ? 1_555 ? 
15 AC2 11 CYS A 39 ? CYS A 39 . ? 1_555 ? 
16 AC2 11 ILE A 40 ? ILE A 40 . ? 1_555 ? 
17 AC2 11 CYS A 42 ? CYS A 42 . ? 1_555 ? 
18 AC2 11 ALA A 43 ? ALA A 43 . ? 1_555 ? 
19 AC2 11 CYS A 45 ? CYS A 45 . ? 1_555 ? 
# 
loop_
_pdbx_validate_torsion.id 
_pdbx_validate_torsion.PDB_model_num 
_pdbx_validate_torsion.auth_comp_id 
_pdbx_validate_torsion.auth_asym_id 
_pdbx_validate_torsion.auth_seq_id 
_pdbx_validate_torsion.PDB_ins_code 
_pdbx_validate_torsion.label_alt_id 
_pdbx_validate_torsion.phi 
_pdbx_validate_torsion.psi 
1 1 THR A 5  ? ? -109.69 -169.15 
2 1 ASN A 30 ? ? -141.57 33.79   
# 
loop_
_chem_comp_atom.comp_id 
_chem_comp_atom.atom_id 
_chem_comp_atom.type_symbol 
_chem_comp_atom.pdbx_aromatic_flag 
_chem_comp_atom.pdbx_stereo_config 
_chem_comp_atom.pdbx_ordinal 
ALA N    N  N N 1   
ALA CA   C  N S 2   
ALA C    C  N N 3   
ALA O    O  N N 4   
ALA CB   C  N N 5   
ALA OXT  O  N N 6   
ALA H    H  N N 7   
ALA H2   H  N N 8   
ALA HA   H  N N 9   
ALA HB1  H  N N 10  
ALA HB2  H  N N 11  
ALA HB3  H  N N 12  
ALA HXT  H  N N 13  
ARG N    N  N N 14  
ARG CA   C  N S 15  
ARG C    C  N N 16  
ARG O    O  N N 17  
ARG CB   C  N N 18  
ARG CG   C  N N 19  
ARG CD   C  N N 20  
ARG NE   N  N N 21  
ARG CZ   C  N N 22  
ARG NH1  N  N N 23  
ARG NH2  N  N N 24  
ARG OXT  O  N N 25  
ARG H    H  N N 26  
ARG H2   H  N N 27  
ARG HA   H  N N 28  
ARG HB2  H  N N 29  
ARG HB3  H  N N 30  
ARG HG2  H  N N 31  
ARG HG3  H  N N 32  
ARG HD2  H  N N 33  
ARG HD3  H  N N 34  
ARG HE   H  N N 35  
ARG HH11 H  N N 36  
ARG HH12 H  N N 37  
ARG HH21 H  N N 38  
ARG HH22 H  N N 39  
ARG HXT  H  N N 40  
ASN N    N  N N 41  
ASN CA   C  N S 42  
ASN C    C  N N 43  
ASN O    O  N N 44  
ASN CB   C  N N 45  
ASN CG   C  N N 46  
ASN OD1  O  N N 47  
ASN ND2  N  N N 48  
ASN OXT  O  N N 49  
ASN H    H  N N 50  
ASN H2   H  N N 51  
ASN HA   H  N N 52  
ASN HB2  H  N N 53  
ASN HB3  H  N N 54  
ASN HD21 H  N N 55  
ASN HD22 H  N N 56  
ASN HXT  H  N N 57  
ASP N    N  N N 58  
ASP CA   C  N S 59  
ASP C    C  N N 60  
ASP O    O  N N 61  
ASP CB   C  N N 62  
ASP CG   C  N N 63  
ASP OD1  O  N N 64  
ASP OD2  O  N N 65  
ASP OXT  O  N N 66  
ASP H    H  N N 67  
ASP H2   H  N N 68  
ASP HA   H  N N 69  
ASP HB2  H  N N 70  
ASP HB3  H  N N 71  
ASP HD2  H  N N 72  
ASP HXT  H  N N 73  
CYS N    N  N N 74  
CYS CA   C  N R 75  
CYS C    C  N N 76  
CYS O    O  N N 77  
CYS CB   C  N N 78  
CYS SG   S  N N 79  
CYS OXT  O  N N 80  
CYS H    H  N N 81  
CYS H2   H  N N 82  
CYS HA   H  N N 83  
CYS HB2  H  N N 84  
CYS HB3  H  N N 85  
CYS HG   H  N N 86  
CYS HXT  H  N N 87  
F3S FE1  FE N N 88  
F3S FE3  FE N N 89  
F3S FE4  FE N N 90  
F3S S1   S  N N 91  
F3S S2   S  N N 92  
F3S S3   S  N N 93  
F3S S4   S  N N 94  
GLN N    N  N N 95  
GLN CA   C  N S 96  
GLN C    C  N N 97  
GLN O    O  N N 98  
GLN CB   C  N N 99  
GLN CG   C  N N 100 
GLN CD   C  N N 101 
GLN OE1  O  N N 102 
GLN NE2  N  N N 103 
GLN OXT  O  N N 104 
GLN H    H  N N 105 
GLN H2   H  N N 106 
GLN HA   H  N N 107 
GLN HB2  H  N N 108 
GLN HB3  H  N N 109 
GLN HG2  H  N N 110 
GLN HG3  H  N N 111 
GLN HE21 H  N N 112 
GLN HE22 H  N N 113 
GLN HXT  H  N N 114 
GLU N    N  N N 115 
GLU CA   C  N S 116 
GLU C    C  N N 117 
GLU O    O  N N 118 
GLU CB   C  N N 119 
GLU CG   C  N N 120 
GLU CD   C  N N 121 
GLU OE1  O  N N 122 
GLU OE2  O  N N 123 
GLU OXT  O  N N 124 
GLU H    H  N N 125 
GLU H2   H  N N 126 
GLU HA   H  N N 127 
GLU HB2  H  N N 128 
GLU HB3  H  N N 129 
GLU HG2  H  N N 130 
GLU HG3  H  N N 131 
GLU HE2  H  N N 132 
GLU HXT  H  N N 133 
GLY N    N  N N 134 
GLY CA   C  N N 135 
GLY C    C  N N 136 
GLY O    O  N N 137 
GLY OXT  O  N N 138 
GLY H    H  N N 139 
GLY H2   H  N N 140 
GLY HA2  H  N N 141 
GLY HA3  H  N N 142 
GLY HXT  H  N N 143 
HIS N    N  N N 144 
HIS CA   C  N S 145 
HIS C    C  N N 146 
HIS O    O  N N 147 
HIS CB   C  N N 148 
HIS CG   C  Y N 149 
HIS ND1  N  Y N 150 
HIS CD2  C  Y N 151 
HIS CE1  C  Y N 152 
HIS NE2  N  Y N 153 
HIS OXT  O  N N 154 
HIS H    H  N N 155 
HIS H2   H  N N 156 
HIS HA   H  N N 157 
HIS HB2  H  N N 158 
HIS HB3  H  N N 159 
HIS HD1  H  N N 160 
HIS HD2  H  N N 161 
HIS HE1  H  N N 162 
HIS HE2  H  N N 163 
HIS HXT  H  N N 164 
HOH O    O  N N 165 
HOH H1   H  N N 166 
HOH H2   H  N N 167 
ILE N    N  N N 168 
ILE CA   C  N S 169 
ILE C    C  N N 170 
ILE O    O  N N 171 
ILE CB   C  N S 172 
ILE CG1  C  N N 173 
ILE CG2  C  N N 174 
ILE CD1  C  N N 175 
ILE OXT  O  N N 176 
ILE H    H  N N 177 
ILE H2   H  N N 178 
ILE HA   H  N N 179 
ILE HB   H  N N 180 
ILE HG12 H  N N 181 
ILE HG13 H  N N 182 
ILE HG21 H  N N 183 
ILE HG22 H  N N 184 
ILE HG23 H  N N 185 
ILE HD11 H  N N 186 
ILE HD12 H  N N 187 
ILE HD13 H  N N 188 
ILE HXT  H  N N 189 
LEU N    N  N N 190 
LEU CA   C  N S 191 
LEU C    C  N N 192 
LEU O    O  N N 193 
LEU CB   C  N N 194 
LEU CG   C  N N 195 
LEU CD1  C  N N 196 
LEU CD2  C  N N 197 
LEU OXT  O  N N 198 
LEU H    H  N N 199 
LEU H2   H  N N 200 
LEU HA   H  N N 201 
LEU HB2  H  N N 202 
LEU HB3  H  N N 203 
LEU HG   H  N N 204 
LEU HD11 H  N N 205 
LEU HD12 H  N N 206 
LEU HD13 H  N N 207 
LEU HD21 H  N N 208 
LEU HD22 H  N N 209 
LEU HD23 H  N N 210 
LEU HXT  H  N N 211 
LYS N    N  N N 212 
LYS CA   C  N S 213 
LYS C    C  N N 214 
LYS O    O  N N 215 
LYS CB   C  N N 216 
LYS CG   C  N N 217 
LYS CD   C  N N 218 
LYS CE   C  N N 219 
LYS NZ   N  N N 220 
LYS OXT  O  N N 221 
LYS H    H  N N 222 
LYS H2   H  N N 223 
LYS HA   H  N N 224 
LYS HB2  H  N N 225 
LYS HB3  H  N N 226 
LYS HG2  H  N N 227 
LYS HG3  H  N N 228 
LYS HD2  H  N N 229 
LYS HD3  H  N N 230 
LYS HE2  H  N N 231 
LYS HE3  H  N N 232 
LYS HZ1  H  N N 233 
LYS HZ2  H  N N 234 
LYS HZ3  H  N N 235 
LYS HXT  H  N N 236 
MET N    N  N N 237 
MET CA   C  N S 238 
MET C    C  N N 239 
MET O    O  N N 240 
MET CB   C  N N 241 
MET CG   C  N N 242 
MET SD   S  N N 243 
MET CE   C  N N 244 
MET OXT  O  N N 245 
MET H    H  N N 246 
MET H2   H  N N 247 
MET HA   H  N N 248 
MET HB2  H  N N 249 
MET HB3  H  N N 250 
MET HG2  H  N N 251 
MET HG3  H  N N 252 
MET HE1  H  N N 253 
MET HE2  H  N N 254 
MET HE3  H  N N 255 
MET HXT  H  N N 256 
PHE N    N  N N 257 
PHE CA   C  N S 258 
PHE C    C  N N 259 
PHE O    O  N N 260 
PHE CB   C  N N 261 
PHE CG   C  Y N 262 
PHE CD1  C  Y N 263 
PHE CD2  C  Y N 264 
PHE CE1  C  Y N 265 
PHE CE2  C  Y N 266 
PHE CZ   C  Y N 267 
PHE OXT  O  N N 268 
PHE H    H  N N 269 
PHE H2   H  N N 270 
PHE HA   H  N N 271 
PHE HB2  H  N N 272 
PHE HB3  H  N N 273 
PHE HD1  H  N N 274 
PHE HD2  H  N N 275 
PHE HE1  H  N N 276 
PHE HE2  H  N N 277 
PHE HZ   H  N N 278 
PHE HXT  H  N N 279 
PRO N    N  N N 280 
PRO CA   C  N S 281 
PRO C    C  N N 282 
PRO O    O  N N 283 
PRO CB   C  N N 284 
PRO CG   C  N N 285 
PRO CD   C  N N 286 
PRO OXT  O  N N 287 
PRO H    H  N N 288 
PRO HA   H  N N 289 
PRO HB2  H  N N 290 
PRO HB3  H  N N 291 
PRO HG2  H  N N 292 
PRO HG3  H  N N 293 
PRO HD2  H  N N 294 
PRO HD3  H  N N 295 
PRO HXT  H  N N 296 
SER N    N  N N 297 
SER CA   C  N S 298 
SER C    C  N N 299 
SER O    O  N N 300 
SER CB   C  N N 301 
SER OG   O  N N 302 
SER OXT  O  N N 303 
SER H    H  N N 304 
SER H2   H  N N 305 
SER HA   H  N N 306 
SER HB2  H  N N 307 
SER HB3  H  N N 308 
SER HG   H  N N 309 
SER HXT  H  N N 310 
SF4 FE1  FE N N 311 
SF4 FE2  FE N N 312 
SF4 FE3  FE N N 313 
SF4 FE4  FE N N 314 
SF4 S1   S  N N 315 
SF4 S2   S  N N 316 
SF4 S3   S  N N 317 
SF4 S4   S  N N 318 
THR N    N  N N 319 
THR CA   C  N S 320 
THR C    C  N N 321 
THR O    O  N N 322 
THR CB   C  N R 323 
THR OG1  O  N N 324 
THR CG2  C  N N 325 
THR OXT  O  N N 326 
THR H    H  N N 327 
THR H2   H  N N 328 
THR HA   H  N N 329 
THR HB   H  N N 330 
THR HG1  H  N N 331 
THR HG21 H  N N 332 
THR HG22 H  N N 333 
THR HG23 H  N N 334 
THR HXT  H  N N 335 
TRP N    N  N N 336 
TRP CA   C  N S 337 
TRP C    C  N N 338 
TRP O    O  N N 339 
TRP CB   C  N N 340 
TRP CG   C  Y N 341 
TRP CD1  C  Y N 342 
TRP CD2  C  Y N 343 
TRP NE1  N  Y N 344 
TRP CE2  C  Y N 345 
TRP CE3  C  Y N 346 
TRP CZ2  C  Y N 347 
TRP CZ3  C  Y N 348 
TRP CH2  C  Y N 349 
TRP OXT  O  N N 350 
TRP H    H  N N 351 
TRP H2   H  N N 352 
TRP HA   H  N N 353 
TRP HB2  H  N N 354 
TRP HB3  H  N N 355 
TRP HD1  H  N N 356 
TRP HE1  H  N N 357 
TRP HE3  H  N N 358 
TRP HZ2  H  N N 359 
TRP HZ3  H  N N 360 
TRP HH2  H  N N 361 
TRP HXT  H  N N 362 
TYR N    N  N N 363 
TYR CA   C  N S 364 
TYR C    C  N N 365 
TYR O    O  N N 366 
TYR CB   C  N N 367 
TYR CG   C  Y N 368 
TYR CD1  C  Y N 369 
TYR CD2  C  Y N 370 
TYR CE1  C  Y N 371 
TYR CE2  C  Y N 372 
TYR CZ   C  Y N 373 
TYR OH   O  N N 374 
TYR OXT  O  N N 375 
TYR H    H  N N 376 
TYR H2   H  N N 377 
TYR HA   H  N N 378 
TYR HB2  H  N N 379 
TYR HB3  H  N N 380 
TYR HD1  H  N N 381 
TYR HD2  H  N N 382 
TYR HE1  H  N N 383 
TYR HE2  H  N N 384 
TYR HH   H  N N 385 
TYR HXT  H  N N 386 
VAL N    N  N N 387 
VAL CA   C  N S 388 
VAL C    C  N N 389 
VAL O    O  N N 390 
VAL CB   C  N N 391 
VAL CG1  C  N N 392 
VAL CG2  C  N N 393 
VAL OXT  O  N N 394 
VAL H    H  N N 395 
VAL H2   H  N N 396 
VAL HA   H  N N 397 
VAL HB   H  N N 398 
VAL HG11 H  N N 399 
VAL HG12 H  N N 400 
VAL HG13 H  N N 401 
VAL HG21 H  N N 402 
VAL HG22 H  N N 403 
VAL HG23 H  N N 404 
VAL HXT  H  N N 405 
# 
loop_
_chem_comp_bond.comp_id 
_chem_comp_bond.atom_id_1 
_chem_comp_bond.atom_id_2 
_chem_comp_bond.value_order 
_chem_comp_bond.pdbx_aromatic_flag 
_chem_comp_bond.pdbx_stereo_config 
_chem_comp_bond.pdbx_ordinal 
ALA N   CA   sing N N 1   
ALA N   H    sing N N 2   
ALA N   H2   sing N N 3   
ALA CA  C    sing N N 4   
ALA CA  CB   sing N N 5   
ALA CA  HA   sing N N 6   
ALA C   O    doub N N 7   
ALA C   OXT  sing N N 8   
ALA CB  HB1  sing N N 9   
ALA CB  HB2  sing N N 10  
ALA CB  HB3  sing N N 11  
ALA OXT HXT  sing N N 12  
ARG N   CA   sing N N 13  
ARG N   H    sing N N 14  
ARG N   H2   sing N N 15  
ARG CA  C    sing N N 16  
ARG CA  CB   sing N N 17  
ARG CA  HA   sing N N 18  
ARG C   O    doub N N 19  
ARG C   OXT  sing N N 20  
ARG CB  CG   sing N N 21  
ARG CB  HB2  sing N N 22  
ARG CB  HB3  sing N N 23  
ARG CG  CD   sing N N 24  
ARG CG  HG2  sing N N 25  
ARG CG  HG3  sing N N 26  
ARG CD  NE   sing N N 27  
ARG CD  HD2  sing N N 28  
ARG CD  HD3  sing N N 29  
ARG NE  CZ   sing N N 30  
ARG NE  HE   sing N N 31  
ARG CZ  NH1  sing N N 32  
ARG CZ  NH2  doub N N 33  
ARG NH1 HH11 sing N N 34  
ARG NH1 HH12 sing N N 35  
ARG NH2 HH21 sing N N 36  
ARG NH2 HH22 sing N N 37  
ARG OXT HXT  sing N N 38  
ASN N   CA   sing N N 39  
ASN N   H    sing N N 40  
ASN N   H2   sing N N 41  
ASN CA  C    sing N N 42  
ASN CA  CB   sing N N 43  
ASN CA  HA   sing N N 44  
ASN C   O    doub N N 45  
ASN C   OXT  sing N N 46  
ASN CB  CG   sing N N 47  
ASN CB  HB2  sing N N 48  
ASN CB  HB3  sing N N 49  
ASN CG  OD1  doub N N 50  
ASN CG  ND2  sing N N 51  
ASN ND2 HD21 sing N N 52  
ASN ND2 HD22 sing N N 53  
ASN OXT HXT  sing N N 54  
ASP N   CA   sing N N 55  
ASP N   H    sing N N 56  
ASP N   H2   sing N N 57  
ASP CA  C    sing N N 58  
ASP CA  CB   sing N N 59  
ASP CA  HA   sing N N 60  
ASP C   O    doub N N 61  
ASP C   OXT  sing N N 62  
ASP CB  CG   sing N N 63  
ASP CB  HB2  sing N N 64  
ASP CB  HB3  sing N N 65  
ASP CG  OD1  doub N N 66  
ASP CG  OD2  sing N N 67  
ASP OD2 HD2  sing N N 68  
ASP OXT HXT  sing N N 69  
CYS N   CA   sing N N 70  
CYS N   H    sing N N 71  
CYS N   H2   sing N N 72  
CYS CA  C    sing N N 73  
CYS CA  CB   sing N N 74  
CYS CA  HA   sing N N 75  
CYS C   O    doub N N 76  
CYS C   OXT  sing N N 77  
CYS CB  SG   sing N N 78  
CYS CB  HB2  sing N N 79  
CYS CB  HB3  sing N N 80  
CYS SG  HG   sing N N 81  
CYS OXT HXT  sing N N 82  
F3S FE1 S1   sing N N 83  
F3S FE1 S2   sing N N 84  
F3S FE1 S3   sing N N 85  
F3S FE3 S1   sing N N 86  
F3S FE3 S3   sing N N 87  
F3S FE3 S4   sing N N 88  
F3S FE4 S2   sing N N 89  
F3S FE4 S3   sing N N 90  
F3S FE4 S4   sing N N 91  
GLN N   CA   sing N N 92  
GLN N   H    sing N N 93  
GLN N   H2   sing N N 94  
GLN CA  C    sing N N 95  
GLN CA  CB   sing N N 96  
GLN CA  HA   sing N N 97  
GLN C   O    doub N N 98  
GLN C   OXT  sing N N 99  
GLN CB  CG   sing N N 100 
GLN CB  HB2  sing N N 101 
GLN CB  HB3  sing N N 102 
GLN CG  CD   sing N N 103 
GLN CG  HG2  sing N N 104 
GLN CG  HG3  sing N N 105 
GLN CD  OE1  doub N N 106 
GLN CD  NE2  sing N N 107 
GLN NE2 HE21 sing N N 108 
GLN NE2 HE22 sing N N 109 
GLN OXT HXT  sing N N 110 
GLU N   CA   sing N N 111 
GLU N   H    sing N N 112 
GLU N   H2   sing N N 113 
GLU CA  C    sing N N 114 
GLU CA  CB   sing N N 115 
GLU CA  HA   sing N N 116 
GLU C   O    doub N N 117 
GLU C   OXT  sing N N 118 
GLU CB  CG   sing N N 119 
GLU CB  HB2  sing N N 120 
GLU CB  HB3  sing N N 121 
GLU CG  CD   sing N N 122 
GLU CG  HG2  sing N N 123 
GLU CG  HG3  sing N N 124 
GLU CD  OE1  doub N N 125 
GLU CD  OE2  sing N N 126 
GLU OE2 HE2  sing N N 127 
GLU OXT HXT  sing N N 128 
GLY N   CA   sing N N 129 
GLY N   H    sing N N 130 
GLY N   H2   sing N N 131 
GLY CA  C    sing N N 132 
GLY CA  HA2  sing N N 133 
GLY CA  HA3  sing N N 134 
GLY C   O    doub N N 135 
GLY C   OXT  sing N N 136 
GLY OXT HXT  sing N N 137 
HIS N   CA   sing N N 138 
HIS N   H    sing N N 139 
HIS N   H2   sing N N 140 
HIS CA  C    sing N N 141 
HIS CA  CB   sing N N 142 
HIS CA  HA   sing N N 143 
HIS C   O    doub N N 144 
HIS C   OXT  sing N N 145 
HIS CB  CG   sing N N 146 
HIS CB  HB2  sing N N 147 
HIS CB  HB3  sing N N 148 
HIS CG  ND1  sing Y N 149 
HIS CG  CD2  doub Y N 150 
HIS ND1 CE1  doub Y N 151 
HIS ND1 HD1  sing N N 152 
HIS CD2 NE2  sing Y N 153 
HIS CD2 HD2  sing N N 154 
HIS CE1 NE2  sing Y N 155 
HIS CE1 HE1  sing N N 156 
HIS NE2 HE2  sing N N 157 
HIS OXT HXT  sing N N 158 
HOH O   H1   sing N N 159 
HOH O   H2   sing N N 160 
ILE N   CA   sing N N 161 
ILE N   H    sing N N 162 
ILE N   H2   sing N N 163 
ILE CA  C    sing N N 164 
ILE CA  CB   sing N N 165 
ILE CA  HA   sing N N 166 
ILE C   O    doub N N 167 
ILE C   OXT  sing N N 168 
ILE CB  CG1  sing N N 169 
ILE CB  CG2  sing N N 170 
ILE CB  HB   sing N N 171 
ILE CG1 CD1  sing N N 172 
ILE CG1 HG12 sing N N 173 
ILE CG1 HG13 sing N N 174 
ILE CG2 HG21 sing N N 175 
ILE CG2 HG22 sing N N 176 
ILE CG2 HG23 sing N N 177 
ILE CD1 HD11 sing N N 178 
ILE CD1 HD12 sing N N 179 
ILE CD1 HD13 sing N N 180 
ILE OXT HXT  sing N N 181 
LEU N   CA   sing N N 182 
LEU N   H    sing N N 183 
LEU N   H2   sing N N 184 
LEU CA  C    sing N N 185 
LEU CA  CB   sing N N 186 
LEU CA  HA   sing N N 187 
LEU C   O    doub N N 188 
LEU C   OXT  sing N N 189 
LEU CB  CG   sing N N 190 
LEU CB  HB2  sing N N 191 
LEU CB  HB3  sing N N 192 
LEU CG  CD1  sing N N 193 
LEU CG  CD2  sing N N 194 
LEU CG  HG   sing N N 195 
LEU CD1 HD11 sing N N 196 
LEU CD1 HD12 sing N N 197 
LEU CD1 HD13 sing N N 198 
LEU CD2 HD21 sing N N 199 
LEU CD2 HD22 sing N N 200 
LEU CD2 HD23 sing N N 201 
LEU OXT HXT  sing N N 202 
LYS N   CA   sing N N 203 
LYS N   H    sing N N 204 
LYS N   H2   sing N N 205 
LYS CA  C    sing N N 206 
LYS CA  CB   sing N N 207 
LYS CA  HA   sing N N 208 
LYS C   O    doub N N 209 
LYS C   OXT  sing N N 210 
LYS CB  CG   sing N N 211 
LYS CB  HB2  sing N N 212 
LYS CB  HB3  sing N N 213 
LYS CG  CD   sing N N 214 
LYS CG  HG2  sing N N 215 
LYS CG  HG3  sing N N 216 
LYS CD  CE   sing N N 217 
LYS CD  HD2  sing N N 218 
LYS CD  HD3  sing N N 219 
LYS CE  NZ   sing N N 220 
LYS CE  HE2  sing N N 221 
LYS CE  HE3  sing N N 222 
LYS NZ  HZ1  sing N N 223 
LYS NZ  HZ2  sing N N 224 
LYS NZ  HZ3  sing N N 225 
LYS OXT HXT  sing N N 226 
MET N   CA   sing N N 227 
MET N   H    sing N N 228 
MET N   H2   sing N N 229 
MET CA  C    sing N N 230 
MET CA  CB   sing N N 231 
MET CA  HA   sing N N 232 
MET C   O    doub N N 233 
MET C   OXT  sing N N 234 
MET CB  CG   sing N N 235 
MET CB  HB2  sing N N 236 
MET CB  HB3  sing N N 237 
MET CG  SD   sing N N 238 
MET CG  HG2  sing N N 239 
MET CG  HG3  sing N N 240 
MET SD  CE   sing N N 241 
MET CE  HE1  sing N N 242 
MET CE  HE2  sing N N 243 
MET CE  HE3  sing N N 244 
MET OXT HXT  sing N N 245 
PHE N   CA   sing N N 246 
PHE N   H    sing N N 247 
PHE N   H2   sing N N 248 
PHE CA  C    sing N N 249 
PHE CA  CB   sing N N 250 
PHE CA  HA   sing N N 251 
PHE C   O    doub N N 252 
PHE C   OXT  sing N N 253 
PHE CB  CG   sing N N 254 
PHE CB  HB2  sing N N 255 
PHE CB  HB3  sing N N 256 
PHE CG  CD1  doub Y N 257 
PHE CG  CD2  sing Y N 258 
PHE CD1 CE1  sing Y N 259 
PHE CD1 HD1  sing N N 260 
PHE CD2 CE2  doub Y N 261 
PHE CD2 HD2  sing N N 262 
PHE CE1 CZ   doub Y N 263 
PHE CE1 HE1  sing N N 264 
PHE CE2 CZ   sing Y N 265 
PHE CE2 HE2  sing N N 266 
PHE CZ  HZ   sing N N 267 
PHE OXT HXT  sing N N 268 
PRO N   CA   sing N N 269 
PRO N   CD   sing N N 270 
PRO N   H    sing N N 271 
PRO CA  C    sing N N 272 
PRO CA  CB   sing N N 273 
PRO CA  HA   sing N N 274 
PRO C   O    doub N N 275 
PRO C   OXT  sing N N 276 
PRO CB  CG   sing N N 277 
PRO CB  HB2  sing N N 278 
PRO CB  HB3  sing N N 279 
PRO CG  CD   sing N N 280 
PRO CG  HG2  sing N N 281 
PRO CG  HG3  sing N N 282 
PRO CD  HD2  sing N N 283 
PRO CD  HD3  sing N N 284 
PRO OXT HXT  sing N N 285 
SER N   CA   sing N N 286 
SER N   H    sing N N 287 
SER N   H2   sing N N 288 
SER CA  C    sing N N 289 
SER CA  CB   sing N N 290 
SER CA  HA   sing N N 291 
SER C   O    doub N N 292 
SER C   OXT  sing N N 293 
SER CB  OG   sing N N 294 
SER CB  HB2  sing N N 295 
SER CB  HB3  sing N N 296 
SER OG  HG   sing N N 297 
SER OXT HXT  sing N N 298 
SF4 FE1 S2   sing N N 299 
SF4 FE1 S3   sing N N 300 
SF4 FE1 S4   sing N N 301 
SF4 FE2 S1   sing N N 302 
SF4 FE2 S3   sing N N 303 
SF4 FE2 S4   sing N N 304 
SF4 FE3 S1   sing N N 305 
SF4 FE3 S2   sing N N 306 
SF4 FE3 S4   sing N N 307 
SF4 FE4 S1   sing N N 308 
SF4 FE4 S2   sing N N 309 
SF4 FE4 S3   sing N N 310 
THR N   CA   sing N N 311 
THR N   H    sing N N 312 
THR N   H2   sing N N 313 
THR CA  C    sing N N 314 
THR CA  CB   sing N N 315 
THR CA  HA   sing N N 316 
THR C   O    doub N N 317 
THR C   OXT  sing N N 318 
THR CB  OG1  sing N N 319 
THR CB  CG2  sing N N 320 
THR CB  HB   sing N N 321 
THR OG1 HG1  sing N N 322 
THR CG2 HG21 sing N N 323 
THR CG2 HG22 sing N N 324 
THR CG2 HG23 sing N N 325 
THR OXT HXT  sing N N 326 
TRP N   CA   sing N N 327 
TRP N   H    sing N N 328 
TRP N   H2   sing N N 329 
TRP CA  C    sing N N 330 
TRP CA  CB   sing N N 331 
TRP CA  HA   sing N N 332 
TRP C   O    doub N N 333 
TRP C   OXT  sing N N 334 
TRP CB  CG   sing N N 335 
TRP CB  HB2  sing N N 336 
TRP CB  HB3  sing N N 337 
TRP CG  CD1  doub Y N 338 
TRP CG  CD2  sing Y N 339 
TRP CD1 NE1  sing Y N 340 
TRP CD1 HD1  sing N N 341 
TRP CD2 CE2  doub Y N 342 
TRP CD2 CE3  sing Y N 343 
TRP NE1 CE2  sing Y N 344 
TRP NE1 HE1  sing N N 345 
TRP CE2 CZ2  sing Y N 346 
TRP CE3 CZ3  doub Y N 347 
TRP CE3 HE3  sing N N 348 
TRP CZ2 CH2  doub Y N 349 
TRP CZ2 HZ2  sing N N 350 
TRP CZ3 CH2  sing Y N 351 
TRP CZ3 HZ3  sing N N 352 
TRP CH2 HH2  sing N N 353 
TRP OXT HXT  sing N N 354 
TYR N   CA   sing N N 355 
TYR N   H    sing N N 356 
TYR N   H2   sing N N 357 
TYR CA  C    sing N N 358 
TYR CA  CB   sing N N 359 
TYR CA  HA   sing N N 360 
TYR C   O    doub N N 361 
TYR C   OXT  sing N N 362 
TYR CB  CG   sing N N 363 
TYR CB  HB2  sing N N 364 
TYR CB  HB3  sing N N 365 
TYR CG  CD1  doub Y N 366 
TYR CG  CD2  sing Y N 367 
TYR CD1 CE1  sing Y N 368 
TYR CD1 HD1  sing N N 369 
TYR CD2 CE2  doub Y N 370 
TYR CD2 HD2  sing N N 371 
TYR CE1 CZ   doub Y N 372 
TYR CE1 HE1  sing N N 373 
TYR CE2 CZ   sing Y N 374 
TYR CE2 HE2  sing N N 375 
TYR CZ  OH   sing N N 376 
TYR OH  HH   sing N N 377 
TYR OXT HXT  sing N N 378 
VAL N   CA   sing N N 379 
VAL N   H    sing N N 380 
VAL N   H2   sing N N 381 
VAL CA  C    sing N N 382 
VAL CA  CB   sing N N 383 
VAL CA  HA   sing N N 384 
VAL C   O    doub N N 385 
VAL C   OXT  sing N N 386 
VAL CB  CG1  sing N N 387 
VAL CB  CG2  sing N N 388 
VAL CB  HB   sing N N 389 
VAL CG1 HG11 sing N N 390 
VAL CG1 HG12 sing N N 391 
VAL CG1 HG13 sing N N 392 
VAL CG2 HG21 sing N N 393 
VAL CG2 HG22 sing N N 394 
VAL CG2 HG23 sing N N 395 
VAL OXT HXT  sing N N 396 
# 
_atom_sites.entry_id                    1F5B 
_atom_sites.fract_transf_matrix[1][1]   0.01581116 
_atom_sites.fract_transf_matrix[1][2]   0.00423804 
_atom_sites.fract_transf_matrix[1][3]   -0.00762244 
_atom_sites.fract_transf_matrix[2][1]   -0.00591396 
_atom_sites.fract_transf_matrix[2][2]   0.01680907 
_atom_sites.fract_transf_matrix[2][3]   -0.00292152 
_atom_sites.fract_transf_matrix[3][1]   0.00382603 
_atom_sites.fract_transf_matrix[3][2]   0.00301705 
_atom_sites.fract_transf_matrix[3][3]   0.00961375 
_atom_sites.fract_transf_vector[1]      0.284700 
_atom_sites.fract_transf_vector[2]      0.238377 
_atom_sites.fract_transf_vector[3]      0.181400 
# 
loop_
_atom_type.symbol 
C  
FE 
N  
O  
S  
# 
loop_
_atom_site.group_PDB 
_atom_site.id 
_atom_site.type_symbol 
_atom_site.label_atom_id 
_atom_site.label_alt_id 
_atom_site.label_comp_id 
_atom_site.label_asym_id 
_atom_site.label_entity_id 
_atom_site.label_seq_id 
_atom_site.pdbx_PDB_ins_code 
_atom_site.Cartn_x 
_atom_site.Cartn_y 
_atom_site.Cartn_z 
_atom_site.occupancy 
_atom_site.B_iso_or_equiv 
_atom_site.pdbx_formal_charge 
_atom_site.auth_seq_id 
_atom_site.auth_comp_id 
_atom_site.auth_asym_id 
_atom_site.auth_atom_id 
_atom_site.pdbx_PDB_model_num 
ATOM   1    N  N   . ALA A 1 1   ? -3.807  1.395   -12.878 1.00 18.66 ? 1   ALA A N   1 
ATOM   2    C  CA  . ALA A 1 1   ? -3.981  1.414   -11.397 1.00 18.31 ? 1   ALA A CA  1 
ATOM   3    C  C   . ALA A 1 1   ? -2.656  1.678   -10.702 1.00 18.07 ? 1   ALA A C   1 
ATOM   4    O  O   . ALA A 1 1   ? -1.586  1.526   -11.299 1.00 18.16 ? 1   ALA A O   1 
ATOM   5    C  CB  . ALA A 1 1   ? -4.544  0.078   -10.925 1.00 18.99 ? 1   ALA A CB  1 
ATOM   6    N  N   . HIS A 1 2   ? -2.733  2.099   -9.443  1.00 17.44 ? 2   HIS A N   1 
ATOM   7    C  CA  . HIS A 1 2   ? -1.539  2.331   -8.650  1.00 17.08 ? 2   HIS A CA  1 
ATOM   8    C  C   . HIS A 1 2   ? -1.356  1.100   -7.771  1.00 16.68 ? 2   HIS A C   1 
ATOM   9    O  O   . HIS A 1 2   ? -2.303  0.340   -7.550  1.00 16.68 ? 2   HIS A O   1 
ATOM   10   C  CB  . HIS A 1 2   ? -1.664  3.619   -7.833  1.00 17.30 ? 2   HIS A CB  1 
ATOM   11   C  CG  . HIS A 1 2   ? -1.150  4.826   -8.555  1.00 17.65 ? 2   HIS A CG  1 
ATOM   12   N  ND1 . HIS A 1 2   ? -1.648  5.230   -9.777  1.00 17.70 ? 2   HIS A ND1 1 
ATOM   13   C  CD2 . HIS A 1 2   ? -0.152  5.689   -8.253  1.00 17.61 ? 2   HIS A CD2 1 
ATOM   14   C  CE1 . HIS A 1 2   ? -0.978  6.290   -10.194 1.00 17.68 ? 2   HIS A CE1 1 
ATOM   15   N  NE2 . HIS A 1 2   ? -0.064  6.588   -9.289  1.00 17.79 ? 2   HIS A NE2 1 
ATOM   16   N  N   . VAL A 1 3   ? -0.139  0.900   -7.283  1.00 16.23 ? 3   VAL A N   1 
ATOM   17   C  CA  . VAL A 1 3   ? 0.179   -0.288  -6.502  1.00 15.74 ? 3   VAL A CA  1 
ATOM   18   C  C   . VAL A 1 3   ? 1.013   0.005   -5.261  1.00 15.38 ? 3   VAL A C   1 
ATOM   19   O  O   . VAL A 1 3   ? 1.970   0.771   -5.319  1.00 15.11 ? 3   VAL A O   1 
ATOM   20   C  CB  . VAL A 1 3   ? 0.964   -1.286  -7.396  1.00 15.73 ? 3   VAL A CB  1 
ATOM   21   C  CG1 . VAL A 1 3   ? 1.254   -2.578  -6.638  1.00 15.72 ? 3   VAL A CG1 1 
ATOM   22   C  CG2 . VAL A 1 3   ? 0.177   -1.569  -8.672  1.00 15.81 ? 3   VAL A CG2 1 
ATOM   23   N  N   . VAL A 1 4   ? 0.651   -0.614  -4.140  1.00 15.11 ? 4   VAL A N   1 
ATOM   24   C  CA  . VAL A 1 4   ? 1.409   -0.435  -2.905  1.00 15.05 ? 4   VAL A CA  1 
ATOM   25   C  C   . VAL A 1 4   ? 2.487   -1.511  -2.916  1.00 15.26 ? 4   VAL A C   1 
ATOM   26   O  O   . VAL A 1 4   ? 2.184   -2.685  -3.141  1.00 15.15 ? 4   VAL A O   1 
ATOM   27   C  CB  . VAL A 1 4   ? 0.526   -0.633  -1.663  1.00 14.83 ? 4   VAL A CB  1 
ATOM   28   C  CG1 . VAL A 1 4   ? 1.330   -0.339  -0.402  1.00 14.73 ? 4   VAL A CG1 1 
ATOM   29   C  CG2 . VAL A 1 4   ? -0.697  0.272   -1.748  1.00 14.63 ? 4   VAL A CG2 1 
ATOM   30   N  N   . THR A 1 5   ? 3.737   -1.119  -2.690  1.00 15.38 ? 5   THR A N   1 
ATOM   31   C  CA  . THR A 1 5   ? 4.819   -2.090  -2.703  1.00 15.69 ? 5   THR A CA  1 
ATOM   32   C  C   . THR A 1 5   ? 5.441   -2.389  -1.344  1.00 15.98 ? 5   THR A C   1 
ATOM   33   O  O   . THR A 1 5   ? 4.918   -1.989  -0.301  1.00 16.11 ? 5   THR A O   1 
ATOM   34   C  CB  . THR A 1 5   ? 5.916   -1.700  -3.730  1.00 15.49 ? 5   THR A CB  1 
ATOM   35   O  OG1 . THR A 1 5   ? 6.480   -0.427  -3.400  1.00 15.83 ? 5   THR A OG1 1 
ATOM   36   C  CG2 . THR A 1 5   ? 5.309   -1.628  -5.124  1.00 15.81 ? 5   THR A CG2 1 
ATOM   37   N  N   . ASP A 1 6   ? 6.567   -3.096  -1.380  1.00 16.19 ? 6   ASP A N   1 
ATOM   38   C  CA  . ASP A 1 6   ? 7.275   -3.568  -0.196  1.00 16.35 ? 6   ASP A CA  1 
ATOM   39   C  C   . ASP A 1 6   ? 7.442   -2.704  1.049   1.00 16.35 ? 6   ASP A C   1 
ATOM   40   O  O   . ASP A 1 6   ? 7.156   -3.164  2.154   1.00 16.28 ? 6   ASP A O   1 
ATOM   41   C  CB  . ASP A 1 6   ? 8.659   -4.084  -0.603  1.00 16.59 ? 6   ASP A CB  1 
ATOM   42   C  CG  . ASP A 1 6   ? 9.220   -5.086  0.391   1.00 16.96 ? 6   ASP A CG  1 
ATOM   43   O  OD1 . ASP A 1 6   ? 8.875   -6.283  0.285   1.00 17.06 ? 6   ASP A OD1 1 
ATOM   44   O  OD2 . ASP A 1 6   ? 9.990   -4.677  1.284   1.00 17.18 ? 6   ASP A OD2 1 
ATOM   45   N  N   . ASN A 1 7   ? 7.896   -1.465  0.894   1.00 16.48 ? 7   ASN A N   1 
ATOM   46   C  CA  . ASN A 1 7   ? 8.144   -0.641  2.072   1.00 16.55 ? 7   ASN A CA  1 
ATOM   47   C  C   . ASN A 1 7   ? 6.946   -0.320  2.962   1.00 16.43 ? 7   ASN A C   1 
ATOM   48   O  O   . ASN A 1 7   ? 7.118   0.165   4.078   1.00 16.66 ? 7   ASN A O   1 
ATOM   49   C  CB  . ASN A 1 7   ? 8.876   0.647   1.677   1.00 16.79 ? 7   ASN A CB  1 
ATOM   50   C  CG  . ASN A 1 7   ? 9.688   1.221   2.825   1.00 17.07 ? 7   ASN A CG  1 
ATOM   51   O  OD1 . ASN A 1 7   ? 10.229  0.474   3.644   1.00 17.30 ? 7   ASN A OD1 1 
ATOM   52   N  ND2 . ASN A 1 7   ? 9.791   2.545   2.885   1.00 17.13 ? 7   ASN A ND2 1 
ATOM   53   N  N   . CYS A 1 8   ? 5.736   -0.594  2.489   1.00 16.28 ? 8   CYS A N   1 
ATOM   54   C  CA  . CYS A 1 8   ? 4.548   -0.340  3.297   1.00 16.16 ? 8   CYS A CA  1 
ATOM   55   C  C   . CYS A 1 8   ? 4.461   -1.352  4.438   1.00 16.28 ? 8   CYS A C   1 
ATOM   56   O  O   . CYS A 1 8   ? 4.016   -1.029  5.539   1.00 16.13 ? 8   CYS A O   1 
ATOM   57   C  CB  . CYS A 1 8   ? 3.283   -0.445  2.445   1.00 16.24 ? 8   CYS A CB  1 
ATOM   58   S  SG  . CYS A 1 8   ? 1.734   -0.314  3.393   1.00 15.92 ? 8   CYS A SG  1 
ATOM   59   N  N   . ILE A 1 9   ? 4.897   -2.578  4.162   1.00 16.24 ? 9   ILE A N   1 
ATOM   60   C  CA  . ILE A 1 9   ? 4.853   -3.658  5.145   1.00 16.53 ? 9   ILE A CA  1 
ATOM   61   C  C   . ILE A 1 9   ? 5.562   -3.309  6.456   1.00 16.66 ? 9   ILE A C   1 
ATOM   62   O  O   . ILE A 1 9   ? 6.722   -2.909  6.465   1.00 16.43 ? 9   ILE A O   1 
ATOM   63   C  CB  . ILE A 1 9   ? 5.453   -4.949  4.555   1.00 16.36 ? 9   ILE A CB  1 
ATOM   64   C  CG1 . ILE A 1 9   ? 4.715   -5.303  3.261   1.00 16.45 ? 9   ILE A CG1 1 
ATOM   65   C  CG2 . ILE A 1 9   ? 5.317   -6.102  5.551   1.00 16.55 ? 9   ILE A CG2 1 
ATOM   66   C  CD1 . ILE A 1 9   ? 5.323   -6.460  2.500   1.00 16.02 ? 9   ILE A CD1 1 
ATOM   67   N  N   . LYS A 1 10  ? 4.831   -3.478  7.554   1.00 17.15 ? 10  LYS A N   1 
ATOM   68   C  CA  . LYS A 1 10  ? 5.307   -3.184  8.904   1.00 17.76 ? 10  LYS A CA  1 
ATOM   69   C  C   . LYS A 1 10  ? 5.463   -1.692  9.191   1.00 17.85 ? 10  LYS A C   1 
ATOM   70   O  O   . LYS A 1 10  ? 6.007   -1.304  10.223  1.00 17.87 ? 10  LYS A O   1 
ATOM   71   C  CB  . LYS A 1 10  ? 6.608   -3.933  9.208   1.00 18.13 ? 10  LYS A CB  1 
ATOM   72   C  CG  . LYS A 1 10  ? 6.368   -5.347  9.741   1.00 19.07 ? 10  LYS A CG  1 
ATOM   73   C  CD  . LYS A 1 10  ? 7.651   -5.971  10.268  1.00 19.42 ? 10  LYS A CD  1 
ATOM   74   C  CE  . LYS A 1 10  ? 7.396   -7.296  10.979  1.00 20.05 ? 10  LYS A CE  1 
ATOM   75   N  NZ  . LYS A 1 10  ? 6.673   -7.120  12.273  1.00 20.09 ? 10  LYS A NZ  1 
ATOM   76   N  N   . CYS A 1 11  ? 4.987   -0.862  8.266   1.00 17.92 ? 11  CYS A N   1 
ATOM   77   C  CA  . CYS A 1 11  ? 5.006   0.588   8.444   1.00 18.26 ? 11  CYS A CA  1 
ATOM   78   C  C   . CYS A 1 11  ? 3.537   0.988   8.516   1.00 18.39 ? 11  CYS A C   1 
ATOM   79   O  O   . CYS A 1 11  ? 3.067   1.477   9.547   1.00 18.51 ? 11  CYS A O   1 
ATOM   80   C  CB  . CYS A 1 11  ? 5.699   1.281   7.268   1.00 18.43 ? 11  CYS A CB  1 
ATOM   81   S  SG  . CYS A 1 11  ? 7.497   1.124   7.287   1.00 18.67 ? 11  CYS A SG  1 
ATOM   82   N  N   . LYS A 1 12  ? 2.817   0.771   7.416   1.00 18.43 ? 12  LYS A N   1 
ATOM   83   C  CA  . LYS A 1 12  ? 1.385   1.047   7.348   1.00 18.60 ? 12  LYS A CA  1 
ATOM   84   C  C   . LYS A 1 12  ? 0.997   2.381   7.994   1.00 19.01 ? 12  LYS A C   1 
ATOM   85   O  O   . LYS A 1 12  ? 0.216   2.417   8.949   1.00 18.96 ? 12  LYS A O   1 
ATOM   86   C  CB  . LYS A 1 12  ? 0.639   -0.110  8.029   1.00 18.67 ? 12  LYS A CB  1 
ATOM   87   C  CG  . LYS A 1 12  ? -0.863  -0.140  7.834   1.00 18.74 ? 12  LYS A CG  1 
ATOM   88   C  CD  . LYS A 1 12  ? -1.471  -1.275  8.657   1.00 18.81 ? 12  LYS A CD  1 
ATOM   89   C  CE  . LYS A 1 12  ? -2.988  -1.268  8.588   1.00 19.08 ? 12  LYS A CE  1 
ATOM   90   N  NZ  . LYS A 1 12  ? -3.587  -2.306  9.477   1.00 19.30 ? 12  LYS A NZ  1 
ATOM   91   N  N   . TYR A 1 13  ? 1.542   3.472   7.461   1.00 19.23 ? 13  TYR A N   1 
ATOM   92   C  CA  . TYR A 1 13  ? 1.267   4.813   7.974   1.00 19.96 ? 13  TYR A CA  1 
ATOM   93   C  C   . TYR A 1 13  ? -0.199  5.210   7.790   1.00 20.35 ? 13  TYR A C   1 
ATOM   94   O  O   . TYR A 1 13  ? -0.770  5.907   8.629   1.00 20.67 ? 13  TYR A O   1 
ATOM   95   C  CB  . TYR A 1 13  ? 2.166   5.832   7.269   1.00 19.89 ? 13  TYR A CB  1 
ATOM   96   C  CG  . TYR A 1 13  ? 3.634   5.707   7.613   1.00 19.92 ? 13  TYR A CG  1 
ATOM   97   C  CD1 . TYR A 1 13  ? 4.118   6.126   8.853   1.00 20.16 ? 13  TYR A CD1 1 
ATOM   98   C  CD2 . TYR A 1 13  ? 4.546   5.178   6.697   1.00 20.03 ? 13  TYR A CD2 1 
ATOM   99   C  CE1 . TYR A 1 13  ? 5.471   6.024   9.171   1.00 20.25 ? 13  TYR A CE1 1 
ATOM   100  C  CE2 . TYR A 1 13  ? 5.899   5.069   7.004   1.00 19.99 ? 13  TYR A CE2 1 
ATOM   101  C  CZ  . TYR A 1 13  ? 6.356   5.496   8.243   1.00 20.20 ? 13  TYR A CZ  1 
ATOM   102  O  OH  . TYR A 1 13  ? 7.694   5.400   8.548   1.00 20.50 ? 13  TYR A OH  1 
ATOM   103  N  N   . THR A 1 14  ? -0.784  4.755   6.684   1.00 20.59 ? 14  THR A N   1 
ATOM   104  C  CA  . THR A 1 14  ? -2.176  5.005   6.301   1.00 21.01 ? 14  THR A CA  1 
ATOM   105  C  C   . THR A 1 14  ? -2.502  6.444   5.902   1.00 21.36 ? 14  THR A C   1 
ATOM   106  O  O   . THR A 1 14  ? -3.673  6.809   5.794   1.00 21.66 ? 14  THR A O   1 
ATOM   107  C  CB  . THR A 1 14  ? -3.188  4.555   7.399   1.00 21.10 ? 14  THR A CB  1 
ATOM   108  O  OG1 . THR A 1 14  ? -3.146  5.457   8.513   1.00 21.25 ? 14  THR A OG1 1 
ATOM   109  C  CG2 . THR A 1 14  ? -2.865  3.147   7.869   1.00 20.94 ? 14  THR A CG2 1 
ATOM   110  N  N   . ASP A 1 15  ? -1.474  7.253   5.670   1.00 21.80 ? 15  ASP A N   1 
ATOM   111  C  CA  . ASP A 1 15  ? -1.681  8.642   5.267   1.00 22.26 ? 15  ASP A CA  1 
ATOM   112  C  C   . ASP A 1 15  ? -2.261  8.699   3.855   1.00 22.05 ? 15  ASP A C   1 
ATOM   113  O  O   . ASP A 1 15  ? -2.875  9.691   3.460   1.00 22.44 ? 15  ASP A O   1 
ATOM   114  C  CB  . ASP A 1 15  ? -0.359  9.415   5.302   1.00 23.40 ? 15  ASP A CB  1 
ATOM   115  C  CG  . ASP A 1 15  ? 0.252   9.463   6.687   1.00 24.20 ? 15  ASP A CG  1 
ATOM   116  O  OD1 . ASP A 1 15  ? -0.484  9.742   7.657   1.00 25.27 ? 15  ASP A OD1 1 
ATOM   117  O  OD2 . ASP A 1 15  ? 1.472   9.233   6.806   1.00 25.20 ? 15  ASP A OD2 1 
ATOM   118  N  N   . CYS A 1 16  ? -2.067  7.619   3.107   1.00 21.35 ? 16  CYS A N   1 
ATOM   119  C  CA  . CYS A 1 16  ? -2.539  7.515   1.730   1.00 20.79 ? 16  CYS A CA  1 
ATOM   120  C  C   . CYS A 1 16  ? -4.056  7.515   1.559   1.00 21.23 ? 16  CYS A C   1 
ATOM   121  O  O   . CYS A 1 16  ? -4.569  8.017   0.559   1.00 21.11 ? 16  CYS A O   1 
ATOM   122  C  CB  . CYS A 1 16  ? -1.976  6.243   1.099   1.00 19.89 ? 16  CYS A CB  1 
ATOM   123  S  SG  . CYS A 1 16  ? -2.352  4.752   2.080   1.00 18.06 ? 16  CYS A SG  1 
ATOM   124  N  N   . VAL A 1 17  ? -4.769  6.954   2.530   1.00 21.55 ? 17  VAL A N   1 
ATOM   125  C  CA  . VAL A 1 17  ? -6.225  6.848   2.457   1.00 22.15 ? 17  VAL A CA  1 
ATOM   126  C  C   . VAL A 1 17  ? -7.003  8.159   2.520   1.00 22.62 ? 17  VAL A C   1 
ATOM   127  O  O   . VAL A 1 17  ? -8.103  8.257   1.981   1.00 22.91 ? 17  VAL A O   1 
ATOM   128  C  CB  . VAL A 1 17  ? -6.771  5.931   3.574   1.00 22.15 ? 17  VAL A CB  1 
ATOM   129  C  CG1 . VAL A 1 17  ? -6.091  4.569   3.510   1.00 22.14 ? 17  VAL A CG1 1 
ATOM   130  C  CG2 . VAL A 1 17  ? -6.550  6.577   4.932   1.00 22.21 ? 17  VAL A CG2 1 
ATOM   131  N  N   . GLU A 1 18  ? -6.440  9.160   3.182   1.00 23.29 ? 18  GLU A N   1 
ATOM   132  C  CA  . GLU A 1 18  ? -7.124  10.441  3.323   1.00 23.85 ? 18  GLU A CA  1 
ATOM   133  C  C   . GLU A 1 18  ? -7.341  11.204  2.019   1.00 23.56 ? 18  GLU A C   1 
ATOM   134  O  O   . GLU A 1 18  ? -8.315  11.949  1.895   1.00 23.83 ? 18  GLU A O   1 
ATOM   135  C  CB  . GLU A 1 18  ? -6.374  11.328  4.320   1.00 24.90 ? 18  GLU A CB  1 
ATOM   136  C  CG  . GLU A 1 18  ? -6.501  10.880  5.775   1.00 26.74 ? 18  GLU A CG  1 
ATOM   137  C  CD  . GLU A 1 18  ? -7.936  10.919  6.283   1.00 27.75 ? 18  GLU A CD  1 
ATOM   138  O  OE1 . GLU A 1 18  ? -8.764  10.102  5.818   1.00 28.72 ? 18  GLU A OE1 1 
ATOM   139  O  OE2 . GLU A 1 18  ? -8.241  11.771  7.146   1.00 28.56 ? 18  GLU A OE2 1 
ATOM   140  N  N   . VAL A 1 19  ? -6.453  11.020  1.046   1.00 22.93 ? 19  VAL A N   1 
ATOM   141  C  CA  . VAL A 1 19  ? -6.580  11.731  -0.224  1.00 22.37 ? 19  VAL A CA  1 
ATOM   142  C  C   . VAL A 1 19  ? -7.204  10.913  -1.355  1.00 21.88 ? 19  VAL A C   1 
ATOM   143  O  O   . VAL A 1 19  ? -7.416  11.437  -2.448  1.00 21.77 ? 19  VAL A O   1 
ATOM   144  C  CB  . VAL A 1 19  ? -5.210  12.255  -0.722  1.00 22.44 ? 19  VAL A CB  1 
ATOM   145  C  CG1 . VAL A 1 19  ? -4.566  13.140  0.341   1.00 22.60 ? 19  VAL A CG1 1 
ATOM   146  C  CG2 . VAL A 1 19  ? -4.300  11.086  -1.081  1.00 22.27 ? 19  VAL A CG2 1 
ATOM   147  N  N   . CYS A 1 20  ? -7.493  9.640   -1.106  1.00 21.31 ? 20  CYS A N   1 
ATOM   148  C  CA  . CYS A 1 20  ? -8.085  8.803   -2.148  1.00 20.96 ? 20  CYS A CA  1 
ATOM   149  C  C   . CYS A 1 20  ? -9.540  9.194   -2.388  1.00 21.14 ? 20  CYS A C   1 
ATOM   150  O  O   . CYS A 1 20  ? -10.396 9.010   -1.520  1.00 20.90 ? 20  CYS A O   1 
ATOM   151  C  CB  . CYS A 1 20  ? -8.005  7.322   -1.771  1.00 20.34 ? 20  CYS A CB  1 
ATOM   152  S  SG  . CYS A 1 20  ? -8.453  6.206   -3.142  1.00 19.55 ? 20  CYS A SG  1 
ATOM   153  N  N   . PRO A 1 21  ? -9.841  9.730   -3.581  1.00 21.31 ? 21  PRO A N   1 
ATOM   154  C  CA  . PRO A 1 21  ? -11.204 10.149  -3.915  1.00 21.45 ? 21  PRO A CA  1 
ATOM   155  C  C   . PRO A 1 21  ? -12.229 9.029   -4.056  1.00 21.43 ? 21  PRO A C   1 
ATOM   156  O  O   . PRO A 1 21  ? -13.424 9.257   -3.863  1.00 21.56 ? 21  PRO A O   1 
ATOM   157  C  CB  . PRO A 1 21  ? -11.009 10.934  -5.213  1.00 21.51 ? 21  PRO A CB  1 
ATOM   158  C  CG  . PRO A 1 21  ? -9.878  10.224  -5.859  1.00 21.76 ? 21  PRO A CG  1 
ATOM   159  C  CD  . PRO A 1 21  ? -8.923  9.982   -4.707  1.00 21.31 ? 21  PRO A CD  1 
ATOM   160  N  N   . VAL A 1 22  ? -11.772 7.822   -4.378  1.00 21.33 ? 22  VAL A N   1 
ATOM   161  C  CA  . VAL A 1 22  ? -12.683 6.698   -4.553  1.00 21.32 ? 22  VAL A CA  1 
ATOM   162  C  C   . VAL A 1 22  ? -12.586 5.604   -3.485  1.00 21.26 ? 22  VAL A C   1 
ATOM   163  O  O   . VAL A 1 22  ? -13.149 4.524   -3.657  1.00 21.34 ? 22  VAL A O   1 
ATOM   164  C  CB  . VAL A 1 22  ? -12.488 6.043   -5.939  1.00 21.30 ? 22  VAL A CB  1 
ATOM   165  C  CG1 . VAL A 1 22  ? -12.858 7.033   -7.034  1.00 21.48 ? 22  VAL A CG1 1 
ATOM   166  C  CG2 . VAL A 1 22  ? -11.045 5.592   -6.105  1.00 21.43 ? 22  VAL A CG2 1 
ATOM   167  N  N   . ASP A 1 23  ? -11.881 5.885   -2.392  1.00 21.19 ? 23  ASP A N   1 
ATOM   168  C  CA  . ASP A 1 23  ? -11.723 4.923   -1.296  1.00 20.98 ? 23  ASP A CA  1 
ATOM   169  C  C   . ASP A 1 23  ? -11.449 3.499   -1.788  1.00 20.56 ? 23  ASP A C   1 
ATOM   170  O  O   . ASP A 1 23  ? -12.221 2.577   -1.507  1.00 20.28 ? 23  ASP A O   1 
ATOM   171  C  CB  . ASP A 1 23  ? -12.975 4.907   -0.407  1.00 21.77 ? 23  ASP A CB  1 
ATOM   172  C  CG  . ASP A 1 23  ? -13.285 6.264   0.200   1.00 22.40 ? 23  ASP A CG  1 
ATOM   173  O  OD1 . ASP A 1 23  ? -12.336 6.996   0.556   1.00 22.92 ? 23  ASP A OD1 1 
ATOM   174  O  OD2 . ASP A 1 23  ? -14.483 6.594   0.337   1.00 23.19 ? 23  ASP A OD2 1 
ATOM   175  N  N   . CYS A 1 24  ? -10.344 3.315   -2.503  1.00 19.95 ? 24  CYS A N   1 
ATOM   176  C  CA  . CYS A 1 24  ? -10.007 1.998   -3.033  1.00 19.54 ? 24  CYS A CA  1 
ATOM   177  C  C   . CYS A 1 24  ? -8.848  1.304   -2.321  1.00 19.32 ? 24  CYS A C   1 
ATOM   178  O  O   . CYS A 1 24  ? -8.162  0.465   -2.907  1.00 19.30 ? 24  CYS A O   1 
ATOM   179  C  CB  . CYS A 1 24  ? -9.711  2.093   -4.535  1.00 19.40 ? 24  CYS A CB  1 
ATOM   180  S  SG  . CYS A 1 24  ? -8.362  3.199   -4.977  1.00 19.11 ? 24  CYS A SG  1 
ATOM   181  N  N   . PHE A 1 25  ? -8.635  1.653   -1.056  1.00 19.18 ? 25  PHE A N   1 
ATOM   182  C  CA  . PHE A 1 25  ? -7.577  1.032   -0.263  1.00 19.06 ? 25  PHE A CA  1 
ATOM   183  C  C   . PHE A 1 25  ? -8.187  -0.046  0.625   1.00 19.23 ? 25  PHE A C   1 
ATOM   184  O  O   . PHE A 1 25  ? -9.266  0.145   1.193   1.00 19.42 ? 25  PHE A O   1 
ATOM   185  C  CB  . PHE A 1 25  ? -6.876  2.074   0.612   1.00 18.80 ? 25  PHE A CB  1 
ATOM   186  C  CG  . PHE A 1 25  ? -5.821  2.868   -0.110  1.00 18.62 ? 25  PHE A CG  1 
ATOM   187  C  CD1 . PHE A 1 25  ? -4.539  2.352   -0.279  1.00 18.44 ? 25  PHE A CD1 1 
ATOM   188  C  CD2 . PHE A 1 25  ? -6.109  4.129   -0.621  1.00 18.42 ? 25  PHE A CD2 1 
ATOM   189  C  CE1 . PHE A 1 25  ? -3.558  3.083   -0.947  1.00 18.44 ? 25  PHE A CE1 1 
ATOM   190  C  CE2 . PHE A 1 25  ? -5.136  4.870   -1.291  1.00 18.40 ? 25  PHE A CE2 1 
ATOM   191  C  CZ  . PHE A 1 25  ? -3.857  4.347   -1.455  1.00 18.36 ? 25  PHE A CZ  1 
ATOM   192  N  N   . TYR A 1 26  ? -7.511  -1.184  0.731   1.00 19.27 ? 26  TYR A N   1 
ATOM   193  C  CA  . TYR A 1 26  ? -7.995  -2.267  1.574   1.00 19.40 ? 26  TYR A CA  1 
ATOM   194  C  C   . TYR A 1 26  ? -6.902  -2.632  2.571   1.00 19.55 ? 26  TYR A C   1 
ATOM   195  O  O   . TYR A 1 26  ? -5.720  -2.704  2.230   1.00 19.14 ? 26  TYR A O   1 
ATOM   196  C  CB  . TYR A 1 26  ? -8.455  -3.440  0.707   1.00 19.75 ? 26  TYR A CB  1 
ATOM   197  C  CG  . TYR A 1 26  ? -9.667  -3.045  -0.114  1.00 20.25 ? 26  TYR A CG  1 
ATOM   198  C  CD1 . TYR A 1 26  ? -9.540  -2.200  -1.219  1.00 20.35 ? 26  TYR A CD1 1 
ATOM   199  C  CD2 . TYR A 1 26  ? -10.952 -3.416  0.285   1.00 20.61 ? 26  TYR A CD2 1 
ATOM   200  C  CE1 . TYR A 1 26  ? -10.661 -1.727  -1.900  1.00 20.69 ? 26  TYR A CE1 1 
ATOM   201  C  CE2 . TYR A 1 26  ? -12.082 -2.947  -0.389  1.00 20.83 ? 26  TYR A CE2 1 
ATOM   202  C  CZ  . TYR A 1 26  ? -11.927 -2.100  -1.477  1.00 20.91 ? 26  TYR A CZ  1 
ATOM   203  O  OH  . TYR A 1 26  ? -13.037 -1.605  -2.128  1.00 21.21 ? 26  TYR A OH  1 
ATOM   204  N  N   . GLU A 1 27  ? -7.320  -2.849  3.812   1.00 19.79 ? 27  GLU A N   1 
ATOM   205  C  CA  . GLU A 1 27  ? -6.407  -3.095  4.919   1.00 19.90 ? 27  GLU A CA  1 
ATOM   206  C  C   . GLU A 1 27  ? -6.091  -4.505  5.406   1.00 19.78 ? 27  GLU A C   1 
ATOM   207  O  O   . GLU A 1 27  ? -6.980  -5.322  5.645   1.00 19.72 ? 27  GLU A O   1 
ATOM   208  C  CB  . GLU A 1 27  ? -6.887  -2.248  6.103   1.00 20.56 ? 27  GLU A CB  1 
ATOM   209  C  CG  . GLU A 1 27  ? -6.336  -2.618  7.459   1.00 21.25 ? 27  GLU A CG  1 
ATOM   210  C  CD  . GLU A 1 27  ? -6.895  -1.732  8.555   1.00 21.60 ? 27  GLU A CD  1 
ATOM   211  O  OE1 . GLU A 1 27  ? -8.091  -1.373  8.474   1.00 22.16 ? 27  GLU A OE1 1 
ATOM   212  O  OE2 . GLU A 1 27  ? -6.149  -1.402  9.500   1.00 21.90 ? 27  GLU A OE2 1 
ATOM   213  N  N   . GLY A 1 28  ? -4.796  -4.754  5.569   1.00 19.40 ? 28  GLY A N   1 
ATOM   214  C  CA  . GLY A 1 28  ? -4.315  -6.023  6.076   1.00 19.00 ? 28  GLY A CA  1 
ATOM   215  C  C   . GLY A 1 28  ? -3.710  -5.741  7.442   1.00 18.80 ? 28  GLY A C   1 
ATOM   216  O  O   . GLY A 1 28  ? -3.600  -4.578  7.830   1.00 18.62 ? 28  GLY A O   1 
ATOM   217  N  N   . PRO A 1 29  ? -3.315  -6.771  8.201   1.00 18.56 ? 29  PRO A N   1 
ATOM   218  C  CA  . PRO A 1 29  ? -2.727  -6.542  9.524   1.00 18.51 ? 29  PRO A CA  1 
ATOM   219  C  C   . PRO A 1 29  ? -1.522  -5.596  9.541   1.00 18.18 ? 29  PRO A C   1 
ATOM   220  O  O   . PRO A 1 29  ? -1.383  -4.790  10.459  1.00 18.30 ? 29  PRO A O   1 
ATOM   221  C  CB  . PRO A 1 29  ? -2.366  -7.952  9.982   1.00 18.43 ? 29  PRO A CB  1 
ATOM   222  C  CG  . PRO A 1 29  ? -3.455  -8.775  9.374   1.00 18.66 ? 29  PRO A CG  1 
ATOM   223  C  CD  . PRO A 1 29  ? -3.540  -8.210  7.970   1.00 18.62 ? 29  PRO A CD  1 
ATOM   224  N  N   . ASN A 1 30  ? -0.655  -5.689  8.535   1.00 17.82 ? 30  ASN A N   1 
ATOM   225  C  CA  . ASN A 1 30  ? 0.526   -4.828  8.481   1.00 17.63 ? 30  ASN A CA  1 
ATOM   226  C  C   . ASN A 1 30  ? 0.860   -4.357  7.072   1.00 17.39 ? 30  ASN A C   1 
ATOM   227  O  O   . ASN A 1 30  ? 2.029   -4.152  6.742   1.00 17.37 ? 30  ASN A O   1 
ATOM   228  C  CB  . ASN A 1 30  ? 1.745   -5.551  9.085   1.00 17.46 ? 30  ASN A CB  1 
ATOM   229  C  CG  . ASN A 1 30  ? 2.192   -6.771  8.273   1.00 17.71 ? 30  ASN A CG  1 
ATOM   230  O  OD1 . ASN A 1 30  ? 1.653   -7.074  7.208   1.00 17.52 ? 30  ASN A OD1 1 
ATOM   231  N  ND2 . ASN A 1 30  ? 3.200   -7.474  8.787   1.00 17.28 ? 30  ASN A ND2 1 
ATOM   232  N  N   . PHE A 1 31  ? -0.173  -4.144  6.260   1.00 17.04 ? 31  PHE A N   1 
ATOM   233  C  CA  . PHE A 1 31  ? 0.016   -3.739  4.871   1.00 16.66 ? 31  PHE A CA  1 
ATOM   234  C  C   . PHE A 1 31  ? -1.316  -3.254  4.294   1.00 16.79 ? 31  PHE A C   1 
ATOM   235  O  O   . PHE A 1 31  ? -2.382  -3.622  4.783   1.00 16.75 ? 31  PHE A O   1 
ATOM   236  C  CB  . PHE A 1 31  ? 0.515   -4.965  4.088   1.00 16.02 ? 31  PHE A CB  1 
ATOM   237  C  CG  . PHE A 1 31  ? 0.844   -4.706  2.640   1.00 15.72 ? 31  PHE A CG  1 
ATOM   238  C  CD1 . PHE A 1 31  ? 1.786   -3.748  2.278   1.00 15.25 ? 31  PHE A CD1 1 
ATOM   239  C  CD2 . PHE A 1 31  ? 0.270   -5.492  1.640   1.00 15.56 ? 31  PHE A CD2 1 
ATOM   240  C  CE1 . PHE A 1 31  ? 2.156   -3.581  0.940   1.00 15.18 ? 31  PHE A CE1 1 
ATOM   241  C  CE2 . PHE A 1 31  ? 0.633   -5.334  0.302   1.00 15.49 ? 31  PHE A CE2 1 
ATOM   242  C  CZ  . PHE A 1 31  ? 1.580   -4.377  -0.047  1.00 14.95 ? 31  PHE A CZ  1 
ATOM   243  N  N   . LEU A 1 32  ? -1.249  -2.406  3.272   1.00 16.88 ? 32  LEU A N   1 
ATOM   244  C  CA  . LEU A 1 32  ? -2.451  -1.919  2.599   1.00 16.88 ? 32  LEU A CA  1 
ATOM   245  C  C   . LEU A 1 32  ? -2.285  -2.221  1.116   1.00 16.69 ? 32  LEU A C   1 
ATOM   246  O  O   . LEU A 1 32  ? -1.164  -2.295  0.619   1.00 16.56 ? 32  LEU A O   1 
ATOM   247  C  CB  . LEU A 1 32  ? -2.634  -0.402  2.761   1.00 17.27 ? 32  LEU A CB  1 
ATOM   248  C  CG  . LEU A 1 32  ? -3.016  0.249   4.091   1.00 18.11 ? 32  LEU A CG  1 
ATOM   249  C  CD1 . LEU A 1 32  ? -3.782  1.535   3.779   1.00 17.88 ? 32  LEU A CD1 1 
ATOM   250  C  CD2 . LEU A 1 32  ? -3.875  -0.668  4.934   1.00 18.39 ? 32  LEU A CD2 1 
ATOM   251  N  N   . VAL A 1 33  ? -3.399  -2.403  0.418   1.00 16.62 ? 33  VAL A N   1 
ATOM   252  C  CA  . VAL A 1 33  ? -3.359  -2.655  -1.015  1.00 16.52 ? 33  VAL A CA  1 
ATOM   253  C  C   . VAL A 1 33  ? -4.382  -1.776  -1.714  1.00 16.74 ? 33  VAL A C   1 
ATOM   254  O  O   . VAL A 1 33  ? -5.329  -1.283  -1.095  1.00 16.58 ? 33  VAL A O   1 
ATOM   255  C  CB  . VAL A 1 33  ? -3.659  -4.135  -1.366  1.00 16.35 ? 33  VAL A CB  1 
ATOM   256  C  CG1 . VAL A 1 33  ? -2.550  -5.034  -0.825  1.00 16.10 ? 33  VAL A CG1 1 
ATOM   257  C  CG2 . VAL A 1 33  ? -5.017  -4.542  -0.813  1.00 16.38 ? 33  VAL A CG2 1 
ATOM   258  N  N   . ILE A 1 34  ? -4.177  -1.580  -3.011  1.00 17.04 ? 34  ILE A N   1 
ATOM   259  C  CA  . ILE A 1 34  ? -5.065  -0.770  -3.828  1.00 17.41 ? 34  ILE A CA  1 
ATOM   260  C  C   . ILE A 1 34  ? -5.845  -1.677  -4.762  1.00 18.16 ? 34  ILE A C   1 
ATOM   261  O  O   . ILE A 1 34  ? -5.269  -2.547  -5.412  1.00 18.20 ? 34  ILE A O   1 
ATOM   262  C  CB  . ILE A 1 34  ? -4.259  0.247   -4.671  1.00 16.86 ? 34  ILE A CB  1 
ATOM   263  C  CG1 . ILE A 1 34  ? -3.639  1.297   -3.749  1.00 16.59 ? 34  ILE A CG1 1 
ATOM   264  C  CG2 . ILE A 1 34  ? -5.157  0.889   -5.734  1.00 16.45 ? 34  ILE A CG2 1 
ATOM   265  C  CD1 . ILE A 1 34  ? -2.645  2.224   -4.424  1.00 16.41 ? 34  ILE A CD1 1 
ATOM   266  N  N   . HIS A 1 35  ? -7.160  -1.481  -4.819  1.00 19.16 ? 35  HIS A N   1 
ATOM   267  C  CA  . HIS A 1 35  ? -8.005  -2.280  -5.697  1.00 20.21 ? 35  HIS A CA  1 
ATOM   268  C  C   . HIS A 1 35  ? -7.849  -1.704  -7.106  1.00 20.80 ? 35  HIS A C   1 
ATOM   269  O  O   . HIS A 1 35  ? -8.293  -0.591  -7.382  1.00 20.65 ? 35  HIS A O   1 
ATOM   270  C  CB  . HIS A 1 35  ? -9.462  -2.191  -5.251  1.00 20.61 ? 35  HIS A CB  1 
ATOM   271  C  CG  . HIS A 1 35  ? -10.340 -3.232  -5.869  1.00 21.21 ? 35  HIS A CG  1 
ATOM   272  N  ND1 . HIS A 1 35  ? -10.383 -3.456  -7.228  1.00 21.62 ? 35  HIS A ND1 1 
ATOM   273  C  CD2 . HIS A 1 35  ? -11.203 -4.115  -5.314  1.00 21.50 ? 35  HIS A CD2 1 
ATOM   274  C  CE1 . HIS A 1 35  ? -11.234 -4.434  -7.484  1.00 21.72 ? 35  HIS A CE1 1 
ATOM   275  N  NE2 . HIS A 1 35  ? -11.745 -4.851  -6.339  1.00 21.83 ? 35  HIS A NE2 1 
ATOM   276  N  N   . PRO A 1 36  ? -7.217  -2.464  -8.016  1.00 21.49 ? 36  PRO A N   1 
ATOM   277  C  CA  . PRO A 1 36  ? -6.985  -2.036  -9.397  1.00 22.08 ? 36  PRO A CA  1 
ATOM   278  C  C   . PRO A 1 36  ? -8.205  -1.640  -10.223 1.00 22.70 ? 36  PRO A C   1 
ATOM   279  O  O   . PRO A 1 36  ? -8.099  -0.799  -11.116 1.00 23.13 ? 36  PRO A O   1 
ATOM   280  C  CB  . PRO A 1 36  ? -6.230  -3.221  -10.001 1.00 21.99 ? 36  PRO A CB  1 
ATOM   281  C  CG  . PRO A 1 36  ? -6.795  -4.380  -9.255  1.00 21.87 ? 36  PRO A CG  1 
ATOM   282  C  CD  . PRO A 1 36  ? -6.812  -3.870  -7.835  1.00 21.58 ? 36  PRO A CD  1 
ATOM   283  N  N   . ASP A 1 37  ? -9.357  -2.230  -9.935  1.00 23.27 ? 37  ASP A N   1 
ATOM   284  C  CA  . ASP A 1 37  ? -10.562 -1.907  -10.692 1.00 23.71 ? 37  ASP A CA  1 
ATOM   285  C  C   . ASP A 1 37  ? -11.276 -0.655  -10.197 1.00 23.47 ? 37  ASP A C   1 
ATOM   286  O  O   . ASP A 1 37  ? -12.055 -0.049  -10.933 1.00 23.91 ? 37  ASP A O   1 
ATOM   287  C  CB  . ASP A 1 37  ? -11.526 -3.094  -10.681 1.00 24.76 ? 37  ASP A CB  1 
ATOM   288  C  CG  . ASP A 1 37  ? -10.967 -4.298  -11.417 1.00 25.41 ? 37  ASP A CG  1 
ATOM   289  O  OD1 . ASP A 1 37  ? -10.559 -4.138  -12.587 1.00 26.51 ? 37  ASP A OD1 1 
ATOM   290  O  OD2 . ASP A 1 37  ? -10.939 -5.400  -10.832 1.00 26.13 ? 37  ASP A OD2 1 
ATOM   291  N  N   . GLU A 1 38  ? -11.007 -0.263  -8.957  1.00 22.90 ? 38  GLU A N   1 
ATOM   292  C  CA  . GLU A 1 38  ? -11.645 0.918   -8.392  1.00 22.36 ? 38  GLU A CA  1 
ATOM   293  C  C   . GLU A 1 38  ? -10.748 2.150   -8.490  1.00 21.83 ? 38  GLU A C   1 
ATOM   294  O  O   . GLU A 1 38  ? -11.238 3.276   -8.572  1.00 21.87 ? 38  GLU A O   1 
ATOM   295  C  CB  . GLU A 1 38  ? -12.021 0.658   -6.933  1.00 22.51 ? 38  GLU A CB  1 
ATOM   296  C  CG  . GLU A 1 38  ? -12.740 -0.665  -6.715  1.00 22.77 ? 38  GLU A CG  1 
ATOM   297  C  CD  . GLU A 1 38  ? -13.162 -0.872  -5.274  1.00 22.81 ? 38  GLU A CD  1 
ATOM   298  O  OE1 . GLU A 1 38  ? -12.481 -0.339  -4.375  1.00 22.80 ? 38  GLU A OE1 1 
ATOM   299  O  OE2 . GLU A 1 38  ? -14.167 -1.578  -5.042  1.00 23.14 ? 38  GLU A OE2 1 
ATOM   300  N  N   . CYS A 1 39  ? -9.436  1.932   -8.481  1.00 21.08 ? 39  CYS A N   1 
ATOM   301  C  CA  . CYS A 1 39  ? -8.467  3.021   -8.571  1.00 20.34 ? 39  CYS A CA  1 
ATOM   302  C  C   . CYS A 1 39  ? -8.615  3.776   -9.896  1.00 20.37 ? 39  CYS A C   1 
ATOM   303  O  O   . CYS A 1 39  ? -8.737  3.157   -10.954 1.00 20.41 ? 39  CYS A O   1 
ATOM   304  C  CB  . CYS A 1 39  ? -7.050  2.456   -8.448  1.00 19.75 ? 39  CYS A CB  1 
ATOM   305  S  SG  . CYS A 1 39  ? -5.707  3.665   -8.653  1.00 18.76 ? 39  CYS A SG  1 
ATOM   306  N  N   . ILE A 1 40  ? -8.606  5.107   -9.839  1.00 20.12 ? 40  ILE A N   1 
ATOM   307  C  CA  . ILE A 1 40  ? -8.736  5.915   -11.053 1.00 20.12 ? 40  ILE A CA  1 
ATOM   308  C  C   . ILE A 1 40  ? -7.414  6.557   -11.467 1.00 20.14 ? 40  ILE A C   1 
ATOM   309  O  O   . ILE A 1 40  ? -7.377  7.428   -12.340 1.00 20.15 ? 40  ILE A O   1 
ATOM   310  C  CB  . ILE A 1 40  ? -9.801  7.025   -10.884 1.00 19.98 ? 40  ILE A CB  1 
ATOM   311  C  CG1 . ILE A 1 40  ? -9.438  7.935   -9.710  1.00 19.91 ? 40  ILE A CG1 1 
ATOM   312  C  CG2 . ILE A 1 40  ? -11.164 6.397   -10.672 1.00 20.19 ? 40  ILE A CG2 1 
ATOM   313  C  CD1 . ILE A 1 40  ? -10.341 9.154   -9.570  1.00 20.10 ? 40  ILE A CD1 1 
ATOM   314  N  N   . ASP A 1 41  ? -6.329  6.117   -10.835 1.00 20.01 ? 41  ASP A N   1 
ATOM   315  C  CA  . ASP A 1 41  ? -4.989  6.616   -11.124 1.00 20.08 ? 41  ASP A CA  1 
ATOM   316  C  C   . ASP A 1 41  ? -4.820  8.128   -11.037 1.00 19.85 ? 41  ASP A C   1 
ATOM   317  O  O   . ASP A 1 41  ? -4.120  8.729   -11.851 1.00 19.80 ? 41  ASP A O   1 
ATOM   318  C  CB  . ASP A 1 41  ? -4.534  6.130   -12.502 1.00 20.37 ? 41  ASP A CB  1 
ATOM   319  C  CG  . ASP A 1 41  ? -4.169  4.664   -12.501 1.00 20.86 ? 41  ASP A CG  1 
ATOM   320  O  OD1 . ASP A 1 41  ? -3.348  4.271   -11.647 1.00 21.26 ? 41  ASP A OD1 1 
ATOM   321  O  OD2 . ASP A 1 41  ? -4.694  3.910   -13.348 1.00 21.04 ? 41  ASP A OD2 1 
ATOM   322  N  N   . CYS A 1 42  ? -5.448  8.737   -10.040 1.00 19.73 ? 42  CYS A N   1 
ATOM   323  C  CA  . CYS A 1 42  ? -5.343  10.176  -9.856  1.00 19.49 ? 42  CYS A CA  1 
ATOM   324  C  C   . CYS A 1 42  ? -3.951  10.540  -9.340  1.00 19.72 ? 42  CYS A C   1 
ATOM   325  O  O   . CYS A 1 42  ? -3.544  11.700  -9.387  1.00 19.85 ? 42  CYS A O   1 
ATOM   326  C  CB  . CYS A 1 42  ? -6.415  10.659  -8.878  1.00 19.23 ? 42  CYS A CB  1 
ATOM   327  S  SG  . CYS A 1 42  ? -6.158  10.155  -7.145  1.00 18.45 ? 42  CYS A SG  1 
ATOM   328  N  N   . ALA A 1 43  ? -3.234  9.531   -8.846  1.00 19.71 ? 43  ALA A N   1 
ATOM   329  C  CA  . ALA A 1 43  ? -1.871  9.670   -8.327  1.00 19.74 ? 43  ALA A CA  1 
ATOM   330  C  C   . ALA A 1 43  ? -1.698  10.539  -7.083  1.00 19.77 ? 43  ALA A C   1 
ATOM   331  O  O   . ALA A 1 43  ? -0.572  10.781  -6.651  1.00 19.61 ? 43  ALA A O   1 
ATOM   332  C  CB  . ALA A 1 43  ? -0.941  10.174  -9.434  1.00 19.96 ? 43  ALA A CB  1 
ATOM   333  N  N   . LEU A 1 44  ? -2.801  10.993  -6.497  1.00 19.84 ? 44  LEU A N   1 
ATOM   334  C  CA  . LEU A 1 44  ? -2.731  11.852  -5.320  1.00 20.02 ? 44  LEU A CA  1 
ATOM   335  C  C   . LEU A 1 44  ? -2.150  11.180  -4.077  1.00 19.97 ? 44  LEU A C   1 
ATOM   336  O  O   . LEU A 1 44  ? -1.626  11.852  -3.191  1.00 20.11 ? 44  LEU A O   1 
ATOM   337  C  CB  . LEU A 1 44  ? -4.121  12.413  -5.006  1.00 20.12 ? 44  LEU A CB  1 
ATOM   338  C  CG  . LEU A 1 44  ? -4.669  13.383  -6.059  1.00 20.37 ? 44  LEU A CG  1 
ATOM   339  C  CD1 . LEU A 1 44  ? -6.113  13.735  -5.745  1.00 20.25 ? 44  LEU A CD1 1 
ATOM   340  C  CD2 . LEU A 1 44  ? -3.806  14.630  -6.090  1.00 20.26 ? 44  LEU A CD2 1 
ATOM   341  N  N   . CYS A 1 45  ? -2.230  9.857   -4.017  1.00 19.96 ? 45  CYS A N   1 
ATOM   342  C  CA  . CYS A 1 45  ? -1.719  9.131   -2.861  1.00 20.02 ? 45  CYS A CA  1 
ATOM   343  C  C   . CYS A 1 45  ? -0.206  8.954   -2.829  1.00 20.30 ? 45  CYS A C   1 
ATOM   344  O  O   . CYS A 1 45  ? 0.377   8.813   -1.752  1.00 20.34 ? 45  CYS A O   1 
ATOM   345  C  CB  . CYS A 1 45  ? -2.374  7.752   -2.788  1.00 19.43 ? 45  CYS A CB  1 
ATOM   346  S  SG  . CYS A 1 45  ? -2.068  6.731   -4.263  1.00 18.34 ? 45  CYS A SG  1 
ATOM   347  N  N   . GLU A 1 46  ? 0.436   8.973   -3.992  1.00 20.72 ? 46  GLU A N   1 
ATOM   348  C  CA  . GLU A 1 46  ? 1.880   8.748   -4.037  1.00 20.90 ? 46  GLU A CA  1 
ATOM   349  C  C   . GLU A 1 46  ? 2.731   9.662   -3.154  1.00 21.02 ? 46  GLU A C   1 
ATOM   350  O  O   . GLU A 1 46  ? 3.545   9.182   -2.369  1.00 20.69 ? 46  GLU A O   1 
ATOM   351  C  CB  A GLU A 1 46  ? 2.386   8.780   -5.482  0.40 20.98 ? 46  GLU A CB  1 
ATOM   352  C  CB  B GLU A 1 46  ? 2.389   8.865   -5.477  0.40 21.16 ? 46  GLU A CB  1 
ATOM   353  C  CG  A GLU A 1 46  ? 3.721   8.063   -5.647  0.40 21.15 ? 46  GLU A CG  1 
ATOM   354  C  CG  B GLU A 1 46  ? 1.787   7.880   -6.460  0.40 21.55 ? 46  GLU A CG  1 
ATOM   355  C  CD  A GLU A 1 46  ? 3.952   7.559   -7.057  0.40 21.28 ? 46  GLU A CD  1 
ATOM   356  C  CD  B GLU A 1 46  ? 2.479   7.928   -7.810  0.40 21.82 ? 46  GLU A CD  1 
ATOM   357  O  OE1 A GLU A 1 46  ? 3.077   6.835   -7.580  0.40 21.43 ? 46  GLU A OE1 1 
ATOM   358  O  OE1 B GLU A 1 46  ? 3.698   7.665   -7.860  0.40 22.18 ? 46  GLU A OE1 1 
ATOM   359  O  OE2 A GLU A 1 46  ? 5.011   7.875   -7.638  0.40 21.49 ? 46  GLU A OE2 1 
ATOM   360  O  OE2 B GLU A 1 46  ? 1.810   8.230   -8.820  0.40 21.98 ? 46  GLU A OE2 1 
ATOM   361  N  N   . PRO A 1 47  ? 2.559   10.990  -3.264  1.00 21.04 ? 47  PRO A N   1 
ATOM   362  C  CA  . PRO A 1 47  ? 3.380   11.861  -2.417  1.00 21.34 ? 47  PRO A CA  1 
ATOM   363  C  C   . PRO A 1 47  ? 3.006   11.848  -0.933  1.00 21.42 ? 47  PRO A C   1 
ATOM   364  O  O   . PRO A 1 47  ? 3.762   12.337  -0.094  1.00 21.83 ? 47  PRO A O   1 
ATOM   365  C  CB  . PRO A 1 47  ? 3.188   13.236  -3.057  1.00 21.27 ? 47  PRO A CB  1 
ATOM   366  C  CG  . PRO A 1 47  ? 1.786   13.162  -3.574  1.00 21.36 ? 47  PRO A CG  1 
ATOM   367  C  CD  . PRO A 1 47  ? 1.730   11.783  -4.191  1.00 21.26 ? 47  PRO A CD  1 
ATOM   368  N  N   . GLU A 1 48  ? 1.850   11.273  -0.612  1.00 21.46 ? 48  GLU A N   1 
ATOM   369  C  CA  . GLU A 1 48  ? 1.375   11.222  0.768   1.00 21.47 ? 48  GLU A CA  1 
ATOM   370  C  C   . GLU A 1 48  ? 1.960   10.086  1.600   1.00 21.04 ? 48  GLU A C   1 
ATOM   371  O  O   . GLU A 1 48  ? 1.895   10.115  2.831   1.00 21.02 ? 48  GLU A O   1 
ATOM   372  C  CB  . GLU A 1 48  ? -0.151  11.117  0.789   1.00 22.49 ? 48  GLU A CB  1 
ATOM   373  C  CG  . GLU A 1 48  ? -0.850  12.299  0.149   1.00 23.96 ? 48  GLU A CG  1 
ATOM   374  C  CD  . GLU A 1 48  ? -0.391  13.613  0.740   1.00 24.75 ? 48  GLU A CD  1 
ATOM   375  O  OE1 . GLU A 1 48  ? -0.522  13.782  1.970   1.00 25.38 ? 48  GLU A OE1 1 
ATOM   376  O  OE2 . GLU A 1 48  ? 0.100   14.471  -0.024  1.00 25.57 ? 48  GLU A OE2 1 
ATOM   377  N  N   . CYS A 1 49  ? 2.525   9.085   0.933   1.00 20.24 ? 49  CYS A N   1 
ATOM   378  C  CA  . CYS A 1 49  ? 3.102   7.937   1.626   1.00 19.58 ? 49  CYS A CA  1 
ATOM   379  C  C   . CYS A 1 49  ? 4.522   8.183   2.116   1.00 19.60 ? 49  CYS A C   1 
ATOM   380  O  O   . CYS A 1 49  ? 5.447   8.304   1.315   1.00 19.80 ? 49  CYS A O   1 
ATOM   381  C  CB  . CYS A 1 49  ? 3.102   6.720   0.710   1.00 19.09 ? 49  CYS A CB  1 
ATOM   382  S  SG  . CYS A 1 49  ? 3.894   5.269   1.470   1.00 17.80 ? 49  CYS A SG  1 
ATOM   383  N  N   . PRO A 1 50  ? 4.720   8.243   3.445   1.00 19.62 ? 50  PRO A N   1 
ATOM   384  C  CA  . PRO A 1 50  ? 6.060   8.476   3.992   1.00 19.66 ? 50  PRO A CA  1 
ATOM   385  C  C   . PRO A 1 50  ? 7.043   7.385   3.577   1.00 19.65 ? 50  PRO A C   1 
ATOM   386  O  O   . PRO A 1 50  ? 8.245   7.627   3.462   1.00 19.82 ? 50  PRO A O   1 
ATOM   387  C  CB  . PRO A 1 50  ? 5.821   8.490   5.504   1.00 19.54 ? 50  PRO A CB  1 
ATOM   388  C  CG  . PRO A 1 50  ? 4.403   8.971   5.621   1.00 19.58 ? 50  PRO A CG  1 
ATOM   389  C  CD  . PRO A 1 50  ? 3.716   8.195   4.523   1.00 19.54 ? 50  PRO A CD  1 
ATOM   390  N  N   . ALA A 1 51  ? 6.524   6.182   3.355   1.00 19.61 ? 51  ALA A N   1 
ATOM   391  C  CA  . ALA A 1 51  ? 7.360   5.054   2.963   1.00 19.59 ? 51  ALA A CA  1 
ATOM   392  C  C   . ALA A 1 51  ? 7.682   5.060   1.469   1.00 19.60 ? 51  ALA A C   1 
ATOM   393  O  O   . ALA A 1 51  ? 8.469   4.236   0.998   1.00 19.34 ? 51  ALA A O   1 
ATOM   394  C  CB  . ALA A 1 51  ? 6.677   3.741   3.349   1.00 19.58 ? 51  ALA A CB  1 
ATOM   395  N  N   . GLN A 1 52  ? 7.085   5.995   0.733   1.00 19.69 ? 52  GLN A N   1 
ATOM   396  C  CA  . GLN A 1 52  ? 7.300   6.102   -0.710  1.00 19.99 ? 52  GLN A CA  1 
ATOM   397  C  C   . GLN A 1 52  ? 7.125   4.727   -1.343  1.00 19.50 ? 52  GLN A C   1 
ATOM   398  O  O   . GLN A 1 52  ? 7.881   4.338   -2.235  1.00 19.39 ? 52  GLN A O   1 
ATOM   399  C  CB  . GLN A 1 52  ? 8.710   6.633   -1.000  1.00 20.94 ? 52  GLN A CB  1 
ATOM   400  C  CG  . GLN A 1 52  ? 9.013   7.964   -0.321  1.00 22.77 ? 52  GLN A CG  1 
ATOM   401  C  CD  . GLN A 1 52  ? 10.376  8.518   -0.692  1.00 23.73 ? 52  GLN A CD  1 
ATOM   402  O  OE1 . GLN A 1 52  ? 11.392  7.827   -0.585  1.00 24.74 ? 52  GLN A OE1 1 
ATOM   403  N  NE2 . GLN A 1 52  ? 10.407  9.774   -1.124  1.00 24.59 ? 52  GLN A NE2 1 
ATOM   404  N  N   . ALA A 1 53  ? 6.106   4.009   -0.880  1.00 19.05 ? 53  ALA A N   1 
ATOM   405  C  CA  . ALA A 1 53  ? 5.829   2.655   -1.344  1.00 18.55 ? 53  ALA A CA  1 
ATOM   406  C  C   . ALA A 1 53  ? 4.805   2.532   -2.465  1.00 18.31 ? 53  ALA A C   1 
ATOM   407  O  O   . ALA A 1 53  ? 4.621   1.447   -3.016  1.00 18.13 ? 53  ALA A O   1 
ATOM   408  C  CB  . ALA A 1 53  ? 5.390   1.799   -0.163  1.00 18.64 ? 53  ALA A CB  1 
ATOM   409  N  N   . ILE A 1 54  ? 4.134   3.627   -2.809  1.00 17.84 ? 54  ILE A N   1 
ATOM   410  C  CA  . ILE A 1 54  ? 3.131   3.571   -3.865  1.00 17.72 ? 54  ILE A CA  1 
ATOM   411  C  C   . ILE A 1 54  ? 3.697   3.987   -5.219  1.00 17.86 ? 54  ILE A C   1 
ATOM   412  O  O   . ILE A 1 54  ? 4.405   4.991   -5.325  1.00 17.72 ? 54  ILE A O   1 
ATOM   413  C  CB  . ILE A 1 54  ? 1.923   4.473   -3.536  1.00 17.62 ? 54  ILE A CB  1 
ATOM   414  C  CG1 . ILE A 1 54  ? 1.323   4.063   -2.190  1.00 17.51 ? 54  ILE A CG1 1 
ATOM   415  C  CG2 . ILE A 1 54  ? 0.867   4.357   -4.634  1.00 17.59 ? 54  ILE A CG2 1 
ATOM   416  C  CD1 . ILE A 1 54  ? 0.202   4.971   -1.714  1.00 17.51 ? 54  ILE A CD1 1 
ATOM   417  N  N   . PHE A 1 55  ? 3.384   3.202   -6.249  1.00 18.00 ? 55  PHE A N   1 
ATOM   418  C  CA  . PHE A 1 55  ? 3.840   3.481   -7.611  1.00 18.37 ? 55  PHE A CA  1 
ATOM   419  C  C   . PHE A 1 55  ? 2.707   3.257   -8.606  1.00 18.65 ? 55  PHE A C   1 
ATOM   420  O  O   . PHE A 1 55  ? 1.772   2.506   -8.339  1.00 18.36 ? 55  PHE A O   1 
ATOM   421  C  CB  . PHE A 1 55  ? 4.971   2.537   -8.038  1.00 18.53 ? 55  PHE A CB  1 
ATOM   422  C  CG  . PHE A 1 55  ? 6.232   2.669   -7.244  1.00 18.89 ? 55  PHE A CG  1 
ATOM   423  C  CD1 . PHE A 1 55  ? 6.379   2.011   -6.025  1.00 19.09 ? 55  PHE A CD1 1 
ATOM   424  C  CD2 . PHE A 1 55  ? 7.297   3.416   -7.735  1.00 19.11 ? 55  PHE A CD2 1 
ATOM   425  C  CE1 . PHE A 1 55  ? 7.572   2.093   -5.311  1.00 19.16 ? 55  PHE A CE1 1 
ATOM   426  C  CE2 . PHE A 1 55  ? 8.492   3.505   -7.029  1.00 19.40 ? 55  PHE A CE2 1 
ATOM   427  C  CZ  . PHE A 1 55  ? 8.630   2.841   -5.815  1.00 19.38 ? 55  PHE A CZ  1 
ATOM   428  N  N   . SER A 1 56  ? 2.785   3.911   -9.758  1.00 19.11 ? 56  SER A N   1 
ATOM   429  C  CA  . SER A 1 56  ? 1.792   3.670   -10.790 1.00 19.87 ? 56  SER A CA  1 
ATOM   430  C  C   . SER A 1 56  ? 2.250   2.293   -11.274 1.00 20.30 ? 56  SER A C   1 
ATOM   431  O  O   . SER A 1 56  ? 3.426   1.953   -11.126 1.00 19.97 ? 56  SER A O   1 
ATOM   432  C  CB  . SER A 1 56  ? 1.906   4.706   -11.912 1.00 20.13 ? 56  SER A CB  1 
ATOM   433  O  OG  . SER A 1 56  ? 3.192   4.673   -12.504 1.00 20.97 ? 56  SER A OG  1 
ATOM   434  N  N   . GLU A 1 57  ? 1.348   1.496   -11.833 1.00 21.00 ? 57  GLU A N   1 
ATOM   435  C  CA  . GLU A 1 57  ? 1.733   0.161   -12.278 1.00 22.06 ? 57  GLU A CA  1 
ATOM   436  C  C   . GLU A 1 57  ? 2.972   0.135   -13.174 1.00 22.52 ? 57  GLU A C   1 
ATOM   437  O  O   . GLU A 1 57  ? 3.870   -0.685  -12.969 1.00 22.28 ? 57  GLU A O   1 
ATOM   438  C  CB  . GLU A 1 57  ? 0.576   -0.527  -13.004 1.00 22.63 ? 57  GLU A CB  1 
ATOM   439  C  CG  . GLU A 1 57  ? 0.772   -2.031  -13.118 1.00 23.59 ? 57  GLU A CG  1 
ATOM   440  C  CD  . GLU A 1 57  ? -0.324  -2.718  -13.908 1.00 24.27 ? 57  GLU A CD  1 
ATOM   441  O  OE1 . GLU A 1 57  ? -1.476  -2.237  -13.873 1.00 24.82 ? 57  GLU A OE1 1 
ATOM   442  O  OE2 . GLU A 1 57  ? -0.034  -3.750  -14.550 1.00 24.83 ? 57  GLU A OE2 1 
ATOM   443  N  N   . ASP A 1 58  ? 3.026   1.030   -14.159 1.00 23.12 ? 58  ASP A N   1 
ATOM   444  C  CA  . ASP A 1 58  ? 4.156   1.072   -15.084 1.00 23.74 ? 58  ASP A CA  1 
ATOM   445  C  C   . ASP A 1 58  ? 5.473   1.487   -14.437 1.00 23.65 ? 58  ASP A C   1 
ATOM   446  O  O   . ASP A 1 58  ? 6.536   1.351   -15.047 1.00 23.69 ? 58  ASP A O   1 
ATOM   447  C  CB  . ASP A 1 58  ? 3.872   2.023   -16.253 1.00 24.85 ? 58  ASP A CB  1 
ATOM   448  C  CG  . ASP A 1 58  ? 2.656   1.616   -17.065 1.00 25.97 ? 58  ASP A CG  1 
ATOM   449  O  OD1 . ASP A 1 58  ? 2.438   0.401   -17.261 1.00 26.80 ? 58  ASP A OD1 1 
ATOM   450  O  OD2 . ASP A 1 58  ? 1.923   2.522   -17.526 1.00 26.88 ? 58  ASP A OD2 1 
ATOM   451  N  N   . GLU A 1 59  ? 5.409   1.999   -13.211 1.00 23.32 ? 59  GLU A N   1 
ATOM   452  C  CA  . GLU A 1 59  ? 6.614   2.436   -12.520 1.00 23.07 ? 59  GLU A CA  1 
ATOM   453  C  C   . GLU A 1 59  ? 7.042   1.521   -11.373 1.00 22.36 ? 59  GLU A C   1 
ATOM   454  O  O   . GLU A 1 59  ? 8.027   1.796   -10.689 1.00 22.04 ? 59  GLU A O   1 
ATOM   455  C  CB  . GLU A 1 59  ? 6.433   3.870   -12.012 1.00 23.99 ? 59  GLU A CB  1 
ATOM   456  C  CG  . GLU A 1 59  ? 6.484   4.917   -13.119 1.00 25.34 ? 59  GLU A CG  1 
ATOM   457  C  CD  . GLU A 1 59  ? 6.134   6.310   -12.629 1.00 26.23 ? 59  GLU A CD  1 
ATOM   458  O  OE1 . GLU A 1 59  ? 6.644   6.719   -11.565 1.00 27.02 ? 59  GLU A OE1 1 
ATOM   459  O  OE2 . GLU A 1 59  ? 5.354   7.004   -13.316 1.00 27.43 ? 59  GLU A OE2 1 
ATOM   460  N  N   . VAL A 1 60  ? 6.307   0.435   -11.165 1.00 21.72 ? 60  VAL A N   1 
ATOM   461  C  CA  . VAL A 1 60  ? 6.656   -0.509  -10.110 1.00 21.19 ? 60  VAL A CA  1 
ATOM   462  C  C   . VAL A 1 60  ? 8.037   -1.082  -10.426 1.00 21.05 ? 60  VAL A C   1 
ATOM   463  O  O   . VAL A 1 60  ? 8.254   -1.624  -11.507 1.00 20.90 ? 60  VAL A O   1 
ATOM   464  C  CB  . VAL A 1 60  ? 5.638   -1.666  -10.036 1.00 21.12 ? 60  VAL A CB  1 
ATOM   465  C  CG1 . VAL A 1 60  ? 6.138   -2.746  -9.087  1.00 20.97 ? 60  VAL A CG1 1 
ATOM   466  C  CG2 . VAL A 1 60  ? 4.290   -1.139  -9.566  1.00 21.05 ? 60  VAL A CG2 1 
ATOM   467  N  N   . PRO A 1 61  ? 8.989   -0.953  -9.489  1.00 20.91 ? 61  PRO A N   1 
ATOM   468  C  CA  . PRO A 1 61  ? 10.351  -1.464  -9.676  1.00 20.88 ? 61  PRO A CA  1 
ATOM   469  C  C   . PRO A 1 61  ? 10.381  -2.912  -10.157 1.00 20.82 ? 61  PRO A C   1 
ATOM   470  O  O   . PRO A 1 61  ? 9.494   -3.703  -9.843  1.00 20.57 ? 61  PRO A O   1 
ATOM   471  C  CB  . PRO A 1 61  ? 10.967  -1.295  -8.294  1.00 21.06 ? 61  PRO A CB  1 
ATOM   472  C  CG  . PRO A 1 61  ? 10.321  -0.031  -7.818  1.00 20.86 ? 61  PRO A CG  1 
ATOM   473  C  CD  . PRO A 1 61  ? 8.872   -0.248  -8.199  1.00 20.90 ? 61  PRO A CD  1 
ATOM   474  N  N   . GLU A 1 62  ? 11.415  -3.250  -10.918 1.00 20.85 ? 62  GLU A N   1 
ATOM   475  C  CA  . GLU A 1 62  ? 11.562  -4.594  -11.457 1.00 21.04 ? 62  GLU A CA  1 
ATOM   476  C  C   . GLU A 1 62  ? 11.537  -5.658  -10.363 1.00 20.95 ? 62  GLU A C   1 
ATOM   477  O  O   . GLU A 1 62  ? 10.934  -6.714  -10.540 1.00 20.85 ? 62  GLU A O   1 
ATOM   478  C  CB  . GLU A 1 62  ? 12.871  -4.693  -12.253 1.00 21.48 ? 62  GLU A CB  1 
ATOM   479  C  CG  . GLU A 1 62  ? 13.026  -5.947  -13.119 1.00 22.40 ? 62  GLU A CG  1 
ATOM   480  C  CD  . GLU A 1 62  ? 13.237  -7.222  -12.316 1.00 22.98 ? 62  GLU A CD  1 
ATOM   481  O  OE1 . GLU A 1 62  ? 14.047  -7.202  -11.366 1.00 23.43 ? 62  GLU A OE1 1 
ATOM   482  O  OE2 . GLU A 1 62  ? 12.604  -8.249  -12.646 1.00 23.66 ? 62  GLU A OE2 1 
ATOM   483  N  N   . ASP A 1 63  ? 12.173  -5.377  -9.228  1.00 20.97 ? 63  ASP A N   1 
ATOM   484  C  CA  . ASP A 1 63  ? 12.217  -6.357  -8.145  1.00 21.10 ? 63  ASP A CA  1 
ATOM   485  C  C   . ASP A 1 63  ? 10.988  -6.389  -7.238  1.00 21.08 ? 63  ASP A C   1 
ATOM   486  O  O   . ASP A 1 63  ? 11.012  -7.029  -6.187  1.00 21.13 ? 63  ASP A O   1 
ATOM   487  C  CB  . ASP A 1 63  ? 13.486  -6.171  -7.293  1.00 21.45 ? 63  ASP A CB  1 
ATOM   488  C  CG  . ASP A 1 63  ? 13.559  -4.810  -6.622  1.00 21.85 ? 63  ASP A CG  1 
ATOM   489  O  OD1 . ASP A 1 63  ? 12.555  -4.072  -6.635  1.00 21.74 ? 63  ASP A OD1 1 
ATOM   490  O  OD2 . ASP A 1 63  ? 14.633  -4.482  -6.066  1.00 22.43 ? 63  ASP A OD2 1 
ATOM   491  N  N   . MET A 1 64  ? 9.917   -5.709  -7.639  1.00 20.87 ? 64  MET A N   1 
ATOM   492  C  CA  . MET A 1 64  ? 8.692   -5.699  -6.844  1.00 20.59 ? 64  MET A CA  1 
ATOM   493  C  C   . MET A 1 64  ? 7.453   -5.926  -7.705  1.00 20.15 ? 64  MET A C   1 
ATOM   494  O  O   . MET A 1 64  ? 6.336   -5.625  -7.292  1.00 20.00 ? 64  MET A O   1 
ATOM   495  C  CB  . MET A 1 64  ? 8.555   -4.382  -6.078  1.00 20.93 ? 64  MET A CB  1 
ATOM   496  C  CG  . MET A 1 64  ? 9.639   -4.170  -5.030  1.00 21.35 ? 64  MET A CG  1 
ATOM   497  S  SD  . MET A 1 64  ? 9.260   -2.837  -3.886  1.00 22.07 ? 64  MET A SD  1 
ATOM   498  C  CE  . MET A 1 64  ? 9.574   -1.408  -4.895  1.00 22.09 ? 64  MET A CE  1 
ATOM   499  N  N   . GLN A 1 65  ? 7.655   -6.472  -8.898  1.00 19.66 ? 65  GLN A N   1 
ATOM   500  C  CA  . GLN A 1 65  ? 6.552   -6.741  -9.810  1.00 19.36 ? 65  GLN A CA  1 
ATOM   501  C  C   . GLN A 1 65  ? 5.483   -7.633  -9.181  1.00 19.17 ? 65  GLN A C   1 
ATOM   502  O  O   . GLN A 1 65  ? 4.304   -7.533  -9.519  1.00 18.61 ? 65  GLN A O   1 
ATOM   503  C  CB  . GLN A 1 65  ? 7.091   -7.386  -11.088 1.00 19.20 ? 65  GLN A CB  1 
ATOM   504  C  CG  . GLN A 1 65  ? 7.858   -6.427  -11.976 1.00 19.08 ? 65  GLN A CG  1 
ATOM   505  C  CD  . GLN A 1 65  ? 6.948   -5.411  -12.637 1.00 18.87 ? 65  GLN A CD  1 
ATOM   506  O  OE1 . GLN A 1 65  ? 6.036   -5.778  -13.375 1.00 19.03 ? 65  GLN A OE1 1 
ATOM   507  N  NE2 . GLN A 1 65  ? 7.187   -4.132  -12.375 1.00 19.16 ? 65  GLN A NE2 1 
ATOM   508  N  N   . GLU A 1 66  ? 5.899   -8.501  -8.264  1.00 19.18 ? 66  GLU A N   1 
ATOM   509  C  CA  . GLU A 1 66  ? 4.978   -9.408  -7.587  1.00 19.23 ? 66  GLU A CA  1 
ATOM   510  C  C   . GLU A 1 66  ? 3.837   -8.661  -6.899  1.00 18.66 ? 66  GLU A C   1 
ATOM   511  O  O   . GLU A 1 66  ? 2.721   -9.170  -6.803  1.00 18.38 ? 66  GLU A O   1 
ATOM   512  C  CB  . GLU A 1 66  ? 5.749   -10.249 -6.561  1.00 20.24 ? 66  GLU A CB  1 
ATOM   513  C  CG  . GLU A 1 66  ? 4.900   -10.956 -5.503  1.00 22.25 ? 66  GLU A CG  1 
ATOM   514  C  CD  . GLU A 1 66  ? 3.779   -11.803 -6.084  1.00 23.04 ? 66  GLU A CD  1 
ATOM   515  O  OE1 . GLU A 1 66  ? 4.009   -12.505 -7.092  1.00 24.17 ? 66  GLU A OE1 1 
ATOM   516  O  OE2 . GLU A 1 66  ? 2.665   -11.777 -5.517  1.00 24.05 ? 66  GLU A OE2 1 
ATOM   517  N  N   . PHE A 1 67  ? 4.119   -7.450  -6.431  1.00 18.21 ? 67  PHE A N   1 
ATOM   518  C  CA  . PHE A 1 67  ? 3.115   -6.642  -5.742  1.00 17.87 ? 67  PHE A CA  1 
ATOM   519  C  C   . PHE A 1 67  ? 1.918   -6.223  -6.589  1.00 18.11 ? 67  PHE A C   1 
ATOM   520  O  O   . PHE A 1 67  ? 0.844   -5.953  -6.051  1.00 17.64 ? 67  PHE A O   1 
ATOM   521  C  CB  . PHE A 1 67  ? 3.778   -5.405  -5.130  1.00 17.33 ? 67  PHE A CB  1 
ATOM   522  C  CG  . PHE A 1 67  ? 4.540   -5.699  -3.872  1.00 16.81 ? 67  PHE A CG  1 
ATOM   523  C  CD1 . PHE A 1 67  ? 3.882   -5.758  -2.647  1.00 16.41 ? 67  PHE A CD1 1 
ATOM   524  C  CD2 . PHE A 1 67  ? 5.901   -5.978  -3.916  1.00 16.45 ? 67  PHE A CD2 1 
ATOM   525  C  CE1 . PHE A 1 67  ? 4.571   -6.098  -1.482  1.00 16.47 ? 67  PHE A CE1 1 
ATOM   526  C  CE2 . PHE A 1 67  ? 6.599   -6.319  -2.760  1.00 16.49 ? 67  PHE A CE2 1 
ATOM   527  C  CZ  . PHE A 1 67  ? 5.932   -6.380  -1.541  1.00 16.23 ? 67  PHE A CZ  1 
ATOM   528  N  N   . ILE A 1 68  ? 2.093   -6.161  -7.906  1.00 18.31 ? 68  ILE A N   1 
ATOM   529  C  CA  . ILE A 1 68  ? 0.989   -5.768  -8.772  1.00 18.70 ? 68  ILE A CA  1 
ATOM   530  C  C   . ILE A 1 68  ? -0.142  -6.783  -8.623  1.00 18.86 ? 68  ILE A C   1 
ATOM   531  O  O   . ILE A 1 68  ? -1.270  -6.429  -8.282  1.00 18.66 ? 68  ILE A O   1 
ATOM   532  C  CB  . ILE A 1 68  ? 1.439   -5.686  -10.249 1.00 18.88 ? 68  ILE A CB  1 
ATOM   533  C  CG1 . ILE A 1 68  ? 2.526   -4.616  -10.392 1.00 19.11 ? 68  ILE A CG1 1 
ATOM   534  C  CG2 . ILE A 1 68  ? 0.246   -5.353  -11.141 1.00 19.27 ? 68  ILE A CG2 1 
ATOM   535  C  CD1 . ILE A 1 68  ? 3.233   -4.615  -11.743 1.00 19.02 ? 68  ILE A CD1 1 
ATOM   536  N  N   . GLN A 1 69  ? 0.174   -8.050  -8.859  1.00 19.22 ? 69  GLN A N   1 
ATOM   537  C  CA  . GLN A 1 69  ? -0.809  -9.116  -8.737  1.00 19.63 ? 69  GLN A CA  1 
ATOM   538  C  C   . GLN A 1 69  ? -1.284  -9.243  -7.290  1.00 19.14 ? 69  GLN A C   1 
ATOM   539  O  O   . GLN A 1 69  ? -2.468  -9.462  -7.029  1.00 18.87 ? 69  GLN A O   1 
ATOM   540  C  CB  . GLN A 1 69  ? -0.187  -10.436 -9.203  1.00 20.85 ? 69  GLN A CB  1 
ATOM   541  C  CG  . GLN A 1 69  ? -1.051  -11.653 -8.984  1.00 23.05 ? 69  GLN A CG  1 
ATOM   542  C  CD  . GLN A 1 69  ? -0.365  -12.937 -9.422  1.00 23.94 ? 69  GLN A CD  1 
ATOM   543  O  OE1 . GLN A 1 69  ? 0.803   -13.169 -9.107  1.00 25.04 ? 69  GLN A OE1 1 
ATOM   544  N  NE2 . GLN A 1 69  ? -1.094  -13.781 -10.145 1.00 25.00 ? 69  GLN A NE2 1 
ATOM   545  N  N   . LEU A 1 70  ? -0.356  -9.094  -6.350  1.00 18.67 ? 70  LEU A N   1 
ATOM   546  C  CA  . LEU A 1 70  ? -0.686  -9.214  -4.936  1.00 18.39 ? 70  LEU A CA  1 
ATOM   547  C  C   . LEU A 1 70  ? -1.730  -8.187  -4.483  1.00 18.10 ? 70  LEU A C   1 
ATOM   548  O  O   . LEU A 1 70  ? -2.611  -8.506  -3.688  1.00 17.90 ? 70  LEU A O   1 
ATOM   549  C  CB  . LEU A 1 70  ? 0.586   -9.089  -4.094  1.00 18.20 ? 70  LEU A CB  1 
ATOM   550  C  CG  . LEU A 1 70  ? 0.491   -9.472  -2.613  1.00 18.42 ? 70  LEU A CG  1 
ATOM   551  C  CD1 . LEU A 1 70  ? 0.102   -10.939 -2.476  1.00 18.16 ? 70  LEU A CD1 1 
ATOM   552  C  CD2 . LEU A 1 70  ? 1.831   -9.219  -1.949  1.00 18.43 ? 70  LEU A CD2 1 
ATOM   553  N  N   . ASN A 1 71  ? -1.632  -6.957  -4.984  1.00 18.08 ? 71  ASN A N   1 
ATOM   554  C  CA  . ASN A 1 71  ? -2.601  -5.924  -4.621  1.00 18.09 ? 71  ASN A CA  1 
ATOM   555  C  C   . ASN A 1 71  ? -3.992  -6.331  -5.109  1.00 18.33 ? 71  ASN A C   1 
ATOM   556  O  O   . ASN A 1 71  ? -4.980  -6.206  -4.386  1.00 18.30 ? 71  ASN A O   1 
ATOM   557  C  CB  . ASN A 1 71  ? -2.222  -4.571  -5.241  1.00 17.58 ? 71  ASN A CB  1 
ATOM   558  C  CG  . ASN A 1 71  ? -1.291  -3.748  -4.355  1.00 17.37 ? 71  ASN A CG  1 
ATOM   559  O  OD1 . ASN A 1 71  ? -1.621  -2.625  -3.970  1.00 16.94 ? 71  ASN A OD1 1 
ATOM   560  N  ND2 . ASN A 1 71  ? -0.124  -4.298  -4.040  1.00 17.19 ? 71  ASN A ND2 1 
ATOM   561  N  N   . ALA A 1 72  ? -4.060  -6.822  -6.343  1.00 18.73 ? 72  ALA A N   1 
ATOM   562  C  CA  . ALA A 1 72  ? -5.327  -7.240  -6.929  1.00 19.24 ? 72  ALA A CA  1 
ATOM   563  C  C   . ALA A 1 72  ? -5.952  -8.383  -6.138  1.00 19.68 ? 72  ALA A C   1 
ATOM   564  O  O   . ALA A 1 72  ? -7.159  -8.398  -5.893  1.00 19.85 ? 72  ALA A O   1 
ATOM   565  C  CB  . ALA A 1 72  ? -5.112  -7.663  -8.379  1.00 19.18 ? 72  ALA A CB  1 
ATOM   566  N  N   . GLU A 1 73  ? -5.119  -9.336  -5.732  1.00 20.16 ? 73  GLU A N   1 
ATOM   567  C  CA  . GLU A 1 73  ? -5.574  -10.499 -4.978  1.00 20.59 ? 73  GLU A CA  1 
ATOM   568  C  C   . GLU A 1 73  ? -6.079  -10.173 -3.575  1.00 20.59 ? 73  GLU A C   1 
ATOM   569  O  O   . GLU A 1 73  ? -7.174  -10.582 -3.196  1.00 20.44 ? 73  GLU A O   1 
ATOM   570  C  CB  . GLU A 1 73  ? -4.444  -11.526 -4.893  1.00 21.17 ? 73  GLU A CB  1 
ATOM   571  C  CG  . GLU A 1 73  ? -4.076  -12.143 -6.234  1.00 22.10 ? 73  GLU A CG  1 
ATOM   572  C  CD  . GLU A 1 73  ? -2.653  -12.668 -6.269  1.00 22.80 ? 73  GLU A CD  1 
ATOM   573  O  OE1 . GLU A 1 73  ? -2.310  -13.393 -7.226  1.00 24.14 ? 73  GLU A OE1 1 
ATOM   574  O  OE2 . GLU A 1 73  ? -1.872  -12.351 -5.350  1.00 22.98 ? 73  GLU A OE2 1 
ATOM   575  N  N   . LEU A 1 74  ? -5.287  -9.435  -2.807  1.00 20.66 ? 74  LEU A N   1 
ATOM   576  C  CA  . LEU A 1 74  ? -5.672  -9.088  -1.443  1.00 20.90 ? 74  LEU A CA  1 
ATOM   577  C  C   . LEU A 1 74  ? -6.805  -8.064  -1.354  1.00 21.30 ? 74  LEU A C   1 
ATOM   578  O  O   . LEU A 1 74  ? -7.539  -8.034  -0.366  1.00 21.06 ? 74  LEU A O   1 
ATOM   579  C  CB  . LEU A 1 74  ? -4.450  -8.589  -0.667  1.00 20.51 ? 74  LEU A CB  1 
ATOM   580  C  CG  . LEU A 1 74  ? -3.349  -9.639  -0.472  1.00 20.36 ? 74  LEU A CG  1 
ATOM   581  C  CD1 . LEU A 1 74  ? -2.121  -9.002  0.151   1.00 20.17 ? 74  LEU A CD1 1 
ATOM   582  C  CD2 . LEU A 1 74  ? -3.874  -10.774 0.404   1.00 20.40 ? 74  LEU A CD2 1 
ATOM   583  N  N   . ALA A 1 75  ? -6.956  -7.235  -2.380  1.00 21.95 ? 75  ALA A N   1 
ATOM   584  C  CA  . ALA A 1 75  ? -8.015  -6.229  -2.375  1.00 22.76 ? 75  ALA A CA  1 
ATOM   585  C  C   . ALA A 1 75  ? -9.384  -6.900  -2.427  1.00 23.40 ? 75  ALA A C   1 
ATOM   586  O  O   . ALA A 1 75  ? -10.404 -6.281  -2.121  1.00 23.55 ? 75  ALA A O   1 
ATOM   587  C  CB  . ALA A 1 75  ? -7.849  -5.279  -3.559  1.00 22.56 ? 75  ALA A CB  1 
ATOM   588  N  N   . GLU A 1 76  ? -9.398  -8.172  -2.815  1.00 24.19 ? 76  GLU A N   1 
ATOM   589  C  CA  . GLU A 1 76  ? -10.636 -8.935  -2.912  1.00 25.02 ? 76  GLU A CA  1 
ATOM   590  C  C   . GLU A 1 76  ? -11.020 -9.601  -1.593  1.00 25.16 ? 76  GLU A C   1 
ATOM   591  O  O   . GLU A 1 76  ? -12.172 -9.996  -1.410  1.00 25.35 ? 76  GLU A O   1 
ATOM   592  C  CB  . GLU A 1 76  ? -10.505 -10.014 -3.992  1.00 25.66 ? 76  GLU A CB  1 
ATOM   593  C  CG  . GLU A 1 76  ? -10.290 -9.477  -5.396  1.00 26.84 ? 76  GLU A CG  1 
ATOM   594  C  CD  . GLU A 1 76  ? -11.491 -8.713  -5.915  1.00 27.49 ? 76  GLU A CD  1 
ATOM   595  O  OE1 . GLU A 1 76  ? -11.384 -8.093  -6.993  1.00 28.23 ? 76  GLU A OE1 1 
ATOM   596  O  OE2 . GLU A 1 76  ? -12.547 -8.734  -5.247  1.00 28.39 ? 76  GLU A OE2 1 
ATOM   597  N  N   . VAL A 1 77  ? -10.066 -9.715  -0.674  1.00 25.11 ? 77  VAL A N   1 
ATOM   598  C  CA  . VAL A 1 77  ? -10.327 -10.374 0.603   1.00 25.17 ? 77  VAL A CA  1 
ATOM   599  C  C   . VAL A 1 77  ? -10.192 -9.510  1.856   1.00 24.96 ? 77  VAL A C   1 
ATOM   600  O  O   . VAL A 1 77  ? -10.666 -9.895  2.927   1.00 25.08 ? 77  VAL A O   1 
ATOM   601  C  CB  . VAL A 1 77  ? -9.415  -11.611 0.776   1.00 25.35 ? 77  VAL A CB  1 
ATOM   602  C  CG1 . VAL A 1 77  ? -9.653  -12.595 -0.362  1.00 25.63 ? 77  VAL A CG1 1 
ATOM   603  C  CG2 . VAL A 1 77  ? -7.957  -11.185 0.812   1.00 25.58 ? 77  VAL A CG2 1 
ATOM   604  N  N   . TRP A 1 78  ? -9.544  -8.356  1.740   1.00 24.49 ? 78  TRP A N   1 
ATOM   605  C  CA  . TRP A 1 78  ? -9.376  -7.476  2.894   1.00 24.05 ? 78  TRP A CA  1 
ATOM   606  C  C   . TRP A 1 78  ? -10.454 -6.403  2.994   1.00 24.11 ? 78  TRP A C   1 
ATOM   607  O  O   . TRP A 1 78  ? -11.041 -6.002  1.992   1.00 24.12 ? 78  TRP A O   1 
ATOM   608  C  CB  . TRP A 1 78  ? -8.007  -6.797  2.863   1.00 23.52 ? 78  TRP A CB  1 
ATOM   609  C  CG  . TRP A 1 78  ? -6.873  -7.684  3.271   1.00 22.73 ? 78  TRP A CG  1 
ATOM   610  C  CD1 . TRP A 1 78  ? -6.959  -8.904  3.888   1.00 22.62 ? 78  TRP A CD1 1 
ATOM   611  C  CD2 . TRP A 1 78  ? -5.478  -7.394  3.149   1.00 22.42 ? 78  TRP A CD2 1 
ATOM   612  N  NE1 . TRP A 1 78  ? -5.699  -9.386  4.158   1.00 22.33 ? 78  TRP A NE1 1 
ATOM   613  C  CE2 . TRP A 1 78  ? -4.773  -8.479  3.716   1.00 22.26 ? 78  TRP A CE2 1 
ATOM   614  C  CE3 . TRP A 1 78  ? -4.753  -6.318  2.617   1.00 22.21 ? 78  TRP A CE3 1 
ATOM   615  C  CZ2 . TRP A 1 78  ? -3.376  -8.519  3.767   1.00 22.10 ? 78  TRP A CZ2 1 
ATOM   616  C  CZ3 . TRP A 1 78  ? -3.364  -6.359  2.669   1.00 22.14 ? 78  TRP A CZ3 1 
ATOM   617  C  CH2 . TRP A 1 78  ? -2.691  -7.455  3.240   1.00 22.12 ? 78  TRP A CH2 1 
ATOM   618  N  N   . PRO A 1 79  ? -10.724 -5.922  4.218   1.00 24.27 ? 79  PRO A N   1 
ATOM   619  C  CA  . PRO A 1 79  ? -11.739 -4.889  4.436   1.00 24.35 ? 79  PRO A CA  1 
ATOM   620  C  C   . PRO A 1 79  ? -11.298 -3.506  3.963   1.00 24.40 ? 79  PRO A C   1 
ATOM   621  O  O   . PRO A 1 79  ? -10.120 -3.153  4.028   1.00 24.39 ? 79  PRO A O   1 
ATOM   622  C  CB  . PRO A 1 79  ? -11.957 -4.941  5.945   1.00 24.34 ? 79  PRO A CB  1 
ATOM   623  C  CG  . PRO A 1 79  ? -10.590 -5.270  6.451   1.00 24.18 ? 79  PRO A CG  1 
ATOM   624  C  CD  . PRO A 1 79  ? -10.152 -6.366  5.502   1.00 24.30 ? 79  PRO A CD  1 
ATOM   625  N  N   . ASN A 1 80  ? -12.265 -2.731  3.490   1.00 24.60 ? 80  ASN A N   1 
ATOM   626  C  CA  . ASN A 1 80  ? -12.026 -1.379  3.004   1.00 24.85 ? 80  ASN A CA  1 
ATOM   627  C  C   . ASN A 1 80  ? -11.575 -0.496  4.171   1.00 25.10 ? 80  ASN A C   1 
ATOM   628  O  O   . ASN A 1 80  ? -12.048 -0.657  5.299   1.00 25.08 ? 80  ASN A O   1 
ATOM   629  C  CB  . ASN A 1 80  ? -13.329 -0.832  2.406   1.00 25.01 ? 80  ASN A CB  1 
ATOM   630  C  CG  . ASN A 1 80  ? -13.143 0.479   1.660   1.00 25.13 ? 80  ASN A CG  1 
ATOM   631  O  OD1 . ASN A 1 80  ? -14.104 1.219   1.452   1.00 25.28 ? 80  ASN A OD1 1 
ATOM   632  N  ND2 . ASN A 1 80  ? -11.916 0.765   1.240   1.00 25.35 ? 80  ASN A ND2 1 
ATOM   633  N  N   . ILE A 1 81  ? -10.645 0.416   3.906   1.00 25.12 ? 81  ILE A N   1 
ATOM   634  C  CA  . ILE A 1 81  ? -10.165 1.347   4.923   1.00 25.38 ? 81  ILE A CA  1 
ATOM   635  C  C   . ILE A 1 81  ? -10.203 2.742   4.308   1.00 25.82 ? 81  ILE A C   1 
ATOM   636  O  O   . ILE A 1 81  ? -9.585  2.992   3.270   1.00 25.68 ? 81  ILE A O   1 
ATOM   637  C  CB  . ILE A 1 81  ? -8.728  1.018   5.392   1.00 25.16 ? 81  ILE A CB  1 
ATOM   638  C  CG1 . ILE A 1 81  ? -8.257  2.087   6.384   1.00 24.94 ? 81  ILE A CG1 1 
ATOM   639  C  CG2 . ILE A 1 81  ? -7.786  0.925   4.197   1.00 24.97 ? 81  ILE A CG2 1 
ATOM   640  C  CD1 . ILE A 1 81  ? -6.924  1.795   7.031   1.00 24.63 ? 81  ILE A CD1 1 
ATOM   641  N  N   . THR A 1 82  ? -10.932 3.649   4.947   1.00 26.37 ? 82  THR A N   1 
ATOM   642  C  CA  . THR A 1 82  ? -11.073 5.003   4.427   1.00 27.09 ? 82  THR A CA  1 
ATOM   643  C  C   . THR A 1 82  ? -10.644 6.101   5.391   1.00 27.70 ? 82  THR A C   1 
ATOM   644  O  O   . THR A 1 82  ? -10.666 7.282   5.042   1.00 27.69 ? 82  THR A O   1 
ATOM   645  C  CB  . THR A 1 82  ? -12.528 5.267   4.015   1.00 27.12 ? 82  THR A CB  1 
ATOM   646  O  OG1 . THR A 1 82  ? -13.376 5.169   5.167   1.00 27.06 ? 82  THR A OG1 1 
ATOM   647  C  CG2 . THR A 1 82  ? -12.978 4.247   2.982   1.00 27.00 ? 82  THR A CG2 1 
ATOM   648  N  N   . GLU A 1 83  ? -10.257 5.720   6.602   1.00 28.41 ? 83  GLU A N   1 
ATOM   649  C  CA  . GLU A 1 83  ? -9.835  6.701   7.593   1.00 29.31 ? 83  GLU A CA  1 
ATOM   650  C  C   . GLU A 1 83  ? -8.400  6.491   8.053   1.00 29.43 ? 83  GLU A C   1 
ATOM   651  O  O   . GLU A 1 83  ? -7.954  5.361   8.243   1.00 29.48 ? 83  GLU A O   1 
ATOM   652  C  CB  . GLU A 1 83  ? -10.771 6.665   8.802   1.00 29.91 ? 83  GLU A CB  1 
ATOM   653  C  CG  . GLU A 1 83  ? -12.210 7.016   8.471   1.00 31.29 ? 83  GLU A CG  1 
ATOM   654  C  CD  . GLU A 1 83  ? -13.115 6.958   9.684   1.00 31.87 ? 83  GLU A CD  1 
ATOM   655  O  OE1 . GLU A 1 83  ? -12.874 7.721   10.644  1.00 32.53 ? 83  GLU A OE1 1 
ATOM   656  O  OE2 . GLU A 1 83  ? -14.067 6.146   9.677   1.00 32.51 ? 83  GLU A OE2 1 
ATOM   657  N  N   . LYS A 1 84  ? -7.685  7.596   8.231   1.00 29.63 ? 84  LYS A N   1 
ATOM   658  C  CA  . LYS A 1 84  ? -6.302  7.557   8.681   1.00 29.98 ? 84  LYS A CA  1 
ATOM   659  C  C   . LYS A 1 84  ? -6.260  7.088   10.131  1.00 30.05 ? 84  LYS A C   1 
ATOM   660  O  O   . LYS A 1 84  ? -7.079  7.500   10.954  1.00 30.10 ? 84  LYS A O   1 
ATOM   661  C  CB  . LYS A 1 84  ? -5.677  8.956   8.557   1.00 30.35 ? 84  LYS A CB  1 
ATOM   662  C  CG  . LYS A 1 84  ? -4.189  9.056   8.900   1.00 30.75 ? 84  LYS A CG  1 
ATOM   663  C  CD  . LYS A 1 84  ? -3.934  9.014   10.401  1.00 31.15 ? 84  LYS A CD  1 
ATOM   664  C  CE  . LYS A 1 84  ? -2.481  9.331   10.732  1.00 31.43 ? 84  LYS A CE  1 
ATOM   665  N  NZ  . LYS A 1 84  ? -1.512  8.410   10.072  1.00 31.48 ? 84  LYS A NZ  1 
ATOM   666  N  N   . LYS A 1 85  ? -5.308  6.214   10.431  1.00 30.09 ? 85  LYS A N   1 
ATOM   667  C  CA  . LYS A 1 85  ? -5.137  5.698   11.781  1.00 30.10 ? 85  LYS A CA  1 
ATOM   668  C  C   . LYS A 1 85  ? -3.659  5.828   12.116  1.00 30.00 ? 85  LYS A C   1 
ATOM   669  O  O   . LYS A 1 85  ? -2.859  6.189   11.256  1.00 29.80 ? 85  LYS A O   1 
ATOM   670  C  CB  . LYS A 1 85  ? -5.586  4.236   11.851  1.00 30.36 ? 85  LYS A CB  1 
ATOM   671  C  CG  . LYS A 1 85  ? -4.862  3.317   10.886  1.00 30.63 ? 85  LYS A CG  1 
ATOM   672  C  CD  . LYS A 1 85  ? -5.563  1.971   10.758  1.00 30.85 ? 85  LYS A CD  1 
ATOM   673  C  CE  . LYS A 1 85  ? -5.594  1.220   12.073  1.00 31.07 ? 85  LYS A CE  1 
ATOM   674  N  NZ  . LYS A 1 85  ? -6.215  -0.123  11.912  1.00 31.08 ? 85  LYS A NZ  1 
ATOM   675  N  N   . ASP A 1 86  ? -3.292  5.550   13.361  1.00 29.95 ? 86  ASP A N   1 
ATOM   676  C  CA  . ASP A 1 86  ? -1.894  5.656   13.753  1.00 30.06 ? 86  ASP A CA  1 
ATOM   677  C  C   . ASP A 1 86  ? -1.045  4.605   13.050  1.00 29.83 ? 86  ASP A C   1 
ATOM   678  O  O   . ASP A 1 86  ? -1.484  3.475   12.843  1.00 29.78 ? 86  ASP A O   1 
ATOM   679  C  CB  . ASP A 1 86  ? -1.748  5.498   15.269  1.00 30.64 ? 86  ASP A CB  1 
ATOM   680  C  CG  . ASP A 1 86  ? -2.433  6.609   16.041  1.00 31.13 ? 86  ASP A CG  1 
ATOM   681  O  OD1 . ASP A 1 86  ? -2.232  7.788   15.686  1.00 31.61 ? 86  ASP A OD1 1 
ATOM   682  O  OD2 . ASP A 1 86  ? -3.163  6.305   17.007  1.00 31.80 ? 86  ASP A OD2 1 
ATOM   683  N  N   . PRO A 1 87  ? 0.182   4.973   12.655  1.00 29.66 ? 87  PRO A N   1 
ATOM   684  C  CA  . PRO A 1 87  ? 1.071   4.027   11.977  1.00 29.55 ? 87  PRO A CA  1 
ATOM   685  C  C   . PRO A 1 87  ? 1.377   2.865   12.916  1.00 29.52 ? 87  PRO A C   1 
ATOM   686  O  O   . PRO A 1 87  ? 1.173   2.969   14.126  1.00 29.58 ? 87  PRO A O   1 
ATOM   687  C  CB  . PRO A 1 87  ? 2.310   4.870   11.687  1.00 29.50 ? 87  PRO A CB  1 
ATOM   688  C  CG  . PRO A 1 87  ? 1.746   6.248   11.517  1.00 29.69 ? 87  PRO A CG  1 
ATOM   689  C  CD  . PRO A 1 87  ? 0.758   6.328   12.655  1.00 29.59 ? 87  PRO A CD  1 
ATOM   690  N  N   . LEU A 1 88  ? 1.861   1.758   12.365  1.00 29.40 ? 88  LEU A N   1 
ATOM   691  C  CA  . LEU A 1 88  ? 2.191   0.606   13.194  1.00 29.48 ? 88  LEU A CA  1 
ATOM   692  C  C   . LEU A 1 88  ? 3.315   0.962   14.159  1.00 29.66 ? 88  LEU A C   1 
ATOM   693  O  O   . LEU A 1 88  ? 4.174   1.788   13.851  1.00 29.68 ? 88  LEU A O   1 
ATOM   694  C  CB  . LEU A 1 88  ? 2.632   -0.574  12.325  1.00 29.29 ? 88  LEU A CB  1 
ATOM   695  C  CG  . LEU A 1 88  ? 1.554   -1.283  11.505  1.00 29.17 ? 88  LEU A CG  1 
ATOM   696  C  CD1 . LEU A 1 88  ? 2.204   -2.308  10.589  1.00 29.06 ? 88  LEU A CD1 1 
ATOM   697  C  CD2 . LEU A 1 88  ? 0.555   -1.949  12.438  1.00 29.16 ? 88  LEU A CD2 1 
ATOM   698  N  N   . PRO A 1 89  ? 3.312   0.355   15.355  1.00 29.88 ? 89  PRO A N   1 
ATOM   699  C  CA  . PRO A 1 89  ? 4.375   0.658   16.312  1.00 29.98 ? 89  PRO A CA  1 
ATOM   700  C  C   . PRO A 1 89  ? 5.722   0.276   15.700  1.00 29.90 ? 89  PRO A C   1 
ATOM   701  O  O   . PRO A 1 89  ? 5.859   -0.795  15.103  1.00 30.13 ? 89  PRO A O   1 
ATOM   702  C  CB  . PRO A 1 89  ? 4.009   -0.210  17.511  1.00 30.06 ? 89  PRO A CB  1 
ATOM   703  C  CG  . PRO A 1 89  ? 2.512   -0.232  17.452  1.00 30.07 ? 89  PRO A CG  1 
ATOM   704  C  CD  . PRO A 1 89  ? 2.260   -0.466  15.980  1.00 29.96 ? 89  PRO A CD  1 
ATOM   705  N  N   . ASP A 1 90  ? 6.702   1.160   15.836  1.00 29.81 ? 90  ASP A N   1 
ATOM   706  C  CA  . ASP A 1 90  ? 8.040   0.925   15.300  1.00 29.53 ? 90  ASP A CA  1 
ATOM   707  C  C   . ASP A 1 90  ? 8.102   1.022   13.780  1.00 28.93 ? 90  ASP A C   1 
ATOM   708  O  O   . ASP A 1 90  ? 9.002   0.462   13.156  1.00 28.58 ? 90  ASP A O   1 
ATOM   709  C  CB  . ASP A 1 90  ? 8.561   -0.446  15.742  1.00 30.49 ? 90  ASP A CB  1 
ATOM   710  C  CG  . ASP A 1 90  ? 8.741   -0.541  17.242  1.00 31.21 ? 90  ASP A CG  1 
ATOM   711  O  OD1 . ASP A 1 90  ? 7.739   -0.403  17.975  1.00 32.01 ? 90  ASP A OD1 1 
ATOM   712  O  OD2 . ASP A 1 90  ? 9.888   -0.752  17.688  1.00 32.11 ? 90  ASP A OD2 1 
ATOM   713  N  N   . ALA A 1 91  ? 7.146   1.732   13.186  1.00 28.27 ? 91  ALA A N   1 
ATOM   714  C  CA  . ALA A 1 91  ? 7.119   1.902   11.738  1.00 27.76 ? 91  ALA A CA  1 
ATOM   715  C  C   . ALA A 1 91  ? 8.440   2.511   11.280  1.00 27.46 ? 91  ALA A C   1 
ATOM   716  O  O   . ALA A 1 91  ? 8.978   2.145   10.235  1.00 27.19 ? 91  ALA A O   1 
ATOM   717  C  CB  . ALA A 1 91  ? 5.958   2.804   11.338  1.00 27.64 ? 91  ALA A CB  1 
ATOM   718  N  N   . GLU A 1 92  ? 8.961   3.440   12.075  1.00 27.31 ? 92  GLU A N   1 
ATOM   719  C  CA  . GLU A 1 92  ? 10.219  4.103   11.757  1.00 27.25 ? 92  GLU A CA  1 
ATOM   720  C  C   . GLU A 1 92  ? 11.359  3.096   11.639  1.00 26.70 ? 92  GLU A C   1 
ATOM   721  O  O   . GLU A 1 92  ? 12.217  3.215   10.764  1.00 26.61 ? 92  GLU A O   1 
ATOM   722  C  CB  . GLU A 1 92  ? 10.557  5.135   12.836  1.00 28.05 ? 92  GLU A CB  1 
ATOM   723  C  CG  . GLU A 1 92  ? 11.858  5.878   12.596  1.00 29.42 ? 92  GLU A CG  1 
ATOM   724  C  CD  . GLU A 1 92  ? 12.186  6.850   13.713  1.00 30.18 ? 92  GLU A CD  1 
ATOM   725  O  OE1 . GLU A 1 92  ? 11.368  7.760   13.973  1.00 30.88 ? 92  GLU A OE1 1 
ATOM   726  O  OE2 . GLU A 1 92  ? 13.263  6.703   14.332  1.00 30.88 ? 92  GLU A OE2 1 
ATOM   727  N  N   . ASP A 1 93  ? 11.360  2.105   12.524  1.00 26.22 ? 93  ASP A N   1 
ATOM   728  C  CA  . ASP A 1 93  ? 12.391  1.072   12.526  1.00 25.68 ? 93  ASP A CA  1 
ATOM   729  C  C   . ASP A 1 93  ? 12.379  0.276   11.222  1.00 24.90 ? 93  ASP A C   1 
ATOM   730  O  O   . ASP A 1 93  ? 13.431  -0.117  10.712  1.00 24.86 ? 93  ASP A O   1 
ATOM   731  C  CB  . ASP A 1 93  ? 12.173  0.095   13.687  1.00 26.34 ? 93  ASP A CB  1 
ATOM   732  C  CG  . ASP A 1 93  ? 12.281  0.757   15.049  1.00 26.93 ? 93  ASP A CG  1 
ATOM   733  O  OD1 . ASP A 1 93  ? 11.970  0.078   16.051  1.00 27.57 ? 93  ASP A OD1 1 
ATOM   734  O  OD2 . ASP A 1 93  ? 12.675  1.939   15.123  1.00 27.39 ? 93  ASP A OD2 1 
ATOM   735  N  N   . TRP A 1 94  ? 11.185  0.041   10.687  1.00 23.86 ? 94  TRP A N   1 
ATOM   736  C  CA  . TRP A 1 94  ? 11.042  -0.739  9.462   1.00 22.93 ? 94  TRP A CA  1 
ATOM   737  C  C   . TRP A 1 94  ? 11.034  0.048   8.158   1.00 22.73 ? 94  TRP A C   1 
ATOM   738  O  O   . TRP A 1 94  ? 11.144  -0.535  7.079   1.00 22.57 ? 94  TRP A O   1 
ATOM   739  C  CB  . TRP A 1 94  ? 9.781   -1.599  9.545   1.00 22.13 ? 94  TRP A CB  1 
ATOM   740  C  CG  . TRP A 1 94  ? 9.884   -2.682  10.567  1.00 21.29 ? 94  TRP A CG  1 
ATOM   741  C  CD1 . TRP A 1 94  ? 9.470   -2.630  11.867  1.00 21.03 ? 94  TRP A CD1 1 
ATOM   742  C  CD2 . TRP A 1 94  ? 10.474  -3.971  10.384  1.00 20.86 ? 94  TRP A CD2 1 
ATOM   743  N  NE1 . TRP A 1 94  ? 9.766   -3.812  12.504  1.00 20.75 ? 94  TRP A NE1 1 
ATOM   744  C  CE2 . TRP A 1 94  ? 10.384  -4.654  11.617  1.00 20.76 ? 94  TRP A CE2 1 
ATOM   745  C  CE3 . TRP A 1 94  ? 11.073  -4.618  9.293   1.00 20.78 ? 94  TRP A CE3 1 
ATOM   746  C  CZ2 . TRP A 1 94  ? 10.869  -5.955  11.792  1.00 20.63 ? 94  TRP A CZ2 1 
ATOM   747  C  CZ3 . TRP A 1 94  ? 11.557  -5.913  9.467   1.00 20.83 ? 94  TRP A CZ3 1 
ATOM   748  C  CH2 . TRP A 1 94  ? 11.450  -6.565  10.709  1.00 20.58 ? 94  TRP A CH2 1 
ATOM   749  N  N   . ASP A 1 95  ? 10.907  1.365   8.251   1.00 22.64 ? 95  ASP A N   1 
ATOM   750  C  CA  . ASP A 1 95  ? 10.888  2.197   7.056   1.00 22.71 ? 95  ASP A CA  1 
ATOM   751  C  C   . ASP A 1 95  ? 12.260  2.191   6.388   1.00 22.82 ? 95  ASP A C   1 
ATOM   752  O  O   . ASP A 1 95  ? 13.219  2.759   6.913   1.00 23.03 ? 95  ASP A O   1 
ATOM   753  C  CB  . ASP A 1 95  ? 10.505  3.633   7.419   1.00 22.64 ? 95  ASP A CB  1 
ATOM   754  C  CG  . ASP A 1 95  ? 10.114  4.451   6.208   1.00 22.53 ? 95  ASP A CG  1 
ATOM   755  O  OD1 . ASP A 1 95  ? 10.797  4.336   5.171   1.00 22.57 ? 95  ASP A OD1 1 
ATOM   756  O  OD2 . ASP A 1 95  ? 9.128   5.212   6.297   1.00 22.61 ? 95  ASP A OD2 1 
ATOM   757  N  N   . GLY A 1 96  ? 12.355  1.543   5.233   1.00 22.73 ? 96  GLY A N   1 
ATOM   758  C  CA  . GLY A 1 96  ? 13.624  1.490   4.532   1.00 22.68 ? 96  GLY A CA  1 
ATOM   759  C  C   . GLY A 1 96  ? 14.233  0.102   4.499   1.00 22.56 ? 96  GLY A C   1 
ATOM   760  O  O   . GLY A 1 96  ? 15.157  -0.156  3.729   1.00 22.70 ? 96  GLY A O   1 
ATOM   761  N  N   . VAL A 1 97  ? 13.729  -0.793  5.342   1.00 22.43 ? 97  VAL A N   1 
ATOM   762  C  CA  . VAL A 1 97  ? 14.234  -2.160  5.374   1.00 22.38 ? 97  VAL A CA  1 
ATOM   763  C  C   . VAL A 1 97  ? 13.738  -2.877  4.121   1.00 22.32 ? 97  VAL A C   1 
ATOM   764  O  O   . VAL A 1 97  ? 12.559  -2.797  3.780   1.00 22.24 ? 97  VAL A O   1 
ATOM   765  C  CB  . VAL A 1 97  ? 13.740  -2.908  6.628   1.00 22.43 ? 97  VAL A CB  1 
ATOM   766  C  CG1 . VAL A 1 97  ? 14.231  -4.351  6.603   1.00 22.41 ? 97  VAL A CG1 1 
ATOM   767  C  CG2 . VAL A 1 97  ? 14.239  -2.192  7.880   1.00 22.53 ? 97  VAL A CG2 1 
ATOM   768  N  N   . LYS A 1 98  ? 14.639  -3.570  3.435   1.00 22.24 ? 98  LYS A N   1 
ATOM   769  C  CA  . LYS A 1 98  ? 14.285  -4.273  2.207   1.00 22.15 ? 98  LYS A CA  1 
ATOM   770  C  C   . LYS A 1 98  ? 13.761  -5.691  2.418   1.00 21.64 ? 98  LYS A C   1 
ATOM   771  O  O   . LYS A 1 98  ? 13.972  -6.296  3.469   1.00 21.55 ? 98  LYS A O   1 
ATOM   772  C  CB  . LYS A 1 98  ? 15.495  -4.308  1.268   1.00 23.12 ? 98  LYS A CB  1 
ATOM   773  C  CG  . LYS A 1 98  ? 15.935  -2.935  0.765   1.00 24.25 ? 98  LYS A CG  1 
ATOM   774  C  CD  . LYS A 1 98  ? 14.884  -2.318  -0.156  1.00 25.43 ? 98  LYS A CD  1 
ATOM   775  C  CE  . LYS A 1 98  ? 15.319  -0.955  -0.686  1.00 26.23 ? 98  LYS A CE  1 
ATOM   776  N  NZ  . LYS A 1 98  ? 15.373  0.092   0.381   1.00 26.96 ? 98  LYS A NZ  1 
ATOM   777  N  N   . GLY A 1 99  ? 13.068  -6.200  1.401   1.00 20.94 ? 99  GLY A N   1 
ATOM   778  C  CA  . GLY A 1 99  ? 12.525  -7.548  1.440   1.00 20.19 ? 99  GLY A CA  1 
ATOM   779  C  C   . GLY A 1 99  ? 11.526  -7.849  2.538   1.00 19.60 ? 99  GLY A C   1 
ATOM   780  O  O   . GLY A 1 99  ? 11.465  -8.979  3.026   1.00 19.66 ? 99  GLY A O   1 
ATOM   781  N  N   . LYS A 1 100 ? 10.726  -6.858  2.918   1.00 18.97 ? 100 LYS A N   1 
ATOM   782  C  CA  . LYS A 1 100 ? 9.744   -7.050  3.978   1.00 18.40 ? 100 LYS A CA  1 
ATOM   783  C  C   . LYS A 1 100 ? 8.569   -7.951  3.599   1.00 18.42 ? 100 LYS A C   1 
ATOM   784  O  O   . LYS A 1 100 ? 7.723   -8.255  4.436   1.00 18.34 ? 100 LYS A O   1 
ATOM   785  C  CB  . LYS A 1 100 ? 9.236   -5.690  4.472   1.00 18.08 ? 100 LYS A CB  1 
ATOM   786  C  CG  . LYS A 1 100 ? 10.321  -4.881  5.164   1.00 17.68 ? 100 LYS A CG  1 
ATOM   787  C  CD  . LYS A 1 100 ? 9.781   -3.628  5.828   1.00 17.30 ? 100 LYS A CD  1 
ATOM   788  C  CE  . LYS A 1 100 ? 9.309   -2.600  4.813   1.00 17.25 ? 100 LYS A CE  1 
ATOM   789  N  NZ  . LYS A 1 100 ? 8.851   -1.359  5.505   1.00 16.77 ? 100 LYS A NZ  1 
ATOM   790  N  N   . LEU A 1 101 ? 8.519   -8.382  2.343   1.00 18.51 ? 101 LEU A N   1 
ATOM   791  C  CA  . LEU A 1 101 ? 7.446   -9.264  1.894   1.00 18.71 ? 101 LEU A CA  1 
ATOM   792  C  C   . LEU A 1 101 ? 7.431   -10.524 2.757   1.00 18.81 ? 101 LEU A C   1 
ATOM   793  O  O   . LEU A 1 101 ? 6.380   -11.122 2.994   1.00 18.87 ? 101 LEU A O   1 
ATOM   794  C  CB  . LEU A 1 101 ? 7.650   -9.645  0.423   1.00 18.81 ? 101 LEU A CB  1 
ATOM   795  C  CG  . LEU A 1 101 ? 6.629   -10.607 -0.194  1.00 18.67 ? 101 LEU A CG  1 
ATOM   796  C  CD1 . LEU A 1 101 ? 5.219   -10.042 -0.074  1.00 18.84 ? 101 LEU A CD1 1 
ATOM   797  C  CD2 . LEU A 1 101 ? 6.992   -10.835 -1.655  1.00 18.86 ? 101 LEU A CD2 1 
ATOM   798  N  N   . GLN A 1 102 ? 8.607   -10.919 3.234   1.00 19.22 ? 102 GLN A N   1 
ATOM   799  C  CA  . GLN A 1 102 ? 8.721   -12.106 4.071   1.00 19.56 ? 102 GLN A CA  1 
ATOM   800  C  C   . GLN A 1 102 ? 7.959   -11.945 5.386   1.00 19.75 ? 102 GLN A C   1 
ATOM   801  O  O   . GLN A 1 102 ? 7.682   -12.930 6.071   1.00 19.61 ? 102 GLN A O   1 
ATOM   802  C  CB  . GLN A 1 102 ? 10.193  -12.400 4.362   1.00 20.23 ? 102 GLN A CB  1 
ATOM   803  C  CG  . GLN A 1 102 ? 10.879  -11.349 5.216   1.00 21.15 ? 102 GLN A CG  1 
ATOM   804  C  CD  . GLN A 1 102 ? 12.340  -11.668 5.457   1.00 21.84 ? 102 GLN A CD  1 
ATOM   805  O  OE1 . GLN A 1 102 ? 12.688  -12.795 5.817   1.00 22.70 ? 102 GLN A OE1 1 
ATOM   806  N  NE2 . GLN A 1 102 ? 13.203  -10.676 5.269   1.00 22.20 ? 102 GLN A NE2 1 
ATOM   807  N  N   . HIS A 1 103 ? 7.619   -10.702 5.726   1.00 19.86 ? 103 HIS A N   1 
ATOM   808  C  CA  . HIS A 1 103 ? 6.887   -10.404 6.959   1.00 20.05 ? 103 HIS A CA  1 
ATOM   809  C  C   . HIS A 1 103 ? 5.405   -10.112 6.730   1.00 19.95 ? 103 HIS A C   1 
ATOM   810  O  O   . HIS A 1 103 ? 4.676   -9.823  7.677   1.00 19.77 ? 103 HIS A O   1 
ATOM   811  C  CB  . HIS A 1 103 ? 7.511   -9.203  7.677   1.00 20.60 ? 103 HIS A CB  1 
ATOM   812  C  CG  . HIS A 1 103 ? 8.912   -9.436  8.150   1.00 21.07 ? 103 HIS A CG  1 
ATOM   813  N  ND1 . HIS A 1 103 ? 10.004  -8.821  7.576   1.00 21.42 ? 103 HIS A ND1 1 
ATOM   814  C  CD2 . HIS A 1 103 ? 9.398   -10.215 9.145   1.00 21.30 ? 103 HIS A CD2 1 
ATOM   815  C  CE1 . HIS A 1 103 ? 11.102  -9.209  8.200   1.00 21.45 ? 103 HIS A CE1 1 
ATOM   816  N  NE2 . HIS A 1 103 ? 10.762  -10.054 9.155   1.00 21.53 ? 103 HIS A NE2 1 
ATOM   817  N  N   . LEU A 1 104 ? 4.960   -10.178 5.479   1.00 20.01 ? 104 LEU A N   1 
ATOM   818  C  CA  . LEU A 1 104 ? 3.561   -9.909  5.160   1.00 20.38 ? 104 LEU A CA  1 
ATOM   819  C  C   . LEU A 1 104 ? 2.618   -10.881 5.869   1.00 20.94 ? 104 LEU A C   1 
ATOM   820  O  O   . LEU A 1 104 ? 2.809   -12.097 5.814   1.00 20.83 ? 104 LEU A O   1 
ATOM   821  C  CB  . LEU A 1 104 ? 3.336   -9.992  3.648   1.00 20.20 ? 104 LEU A CB  1 
ATOM   822  C  CG  . LEU A 1 104 ? 1.893   -9.765  3.186   1.00 20.12 ? 104 LEU A CG  1 
ATOM   823  C  CD1 . LEU A 1 104 ? 1.447   -8.359  3.558   1.00 19.93 ? 104 LEU A CD1 1 
ATOM   824  C  CD2 . LEU A 1 104 ? 1.800   -9.975  1.686   1.00 20.11 ? 104 LEU A CD2 1 
ATOM   825  N  N   . GLU A 1 105 ? 1.601   -10.334 6.528   1.00 21.38 ? 105 GLU A N   1 
ATOM   826  C  CA  . GLU A 1 105 ? 0.614   -11.134 7.249   1.00 22.28 ? 105 GLU A CA  1 
ATOM   827  C  C   . GLU A 1 105 ? -0.730  -11.085 6.526   1.00 22.50 ? 105 GLU A C   1 
ATOM   828  O  O   . GLU A 1 105 ? -1.167  -10.015 6.103   1.00 22.25 ? 105 GLU A O   1 
ATOM   829  C  CB  . GLU A 1 105 ? 0.446   -10.592 8.673   1.00 23.11 ? 105 GLU A CB  1 
ATOM   830  C  CG  . GLU A 1 105 ? 1.741   -10.556 9.477   1.00 24.39 ? 105 GLU A CG  1 
ATOM   831  C  CD  . GLU A 1 105 ? 1.613   -9.787  10.781  1.00 25.11 ? 105 GLU A CD  1 
ATOM   832  O  OE1 . GLU A 1 105 ? 2.622   -9.694  11.513  1.00 25.94 ? 105 GLU A OE1 1 
ATOM   833  O  OE2 . GLU A 1 105 ? 0.514   -9.272  11.077  1.00 25.85 ? 105 GLU A OE2 1 
ATOM   834  N  N   . ARG A 1 106 ? -1.387  -12.233 6.386   1.00 22.71 ? 106 ARG A N   1 
ATOM   835  C  CA  . ARG A 1 106 ? -2.684  -12.271 5.713   1.00 23.19 ? 106 ARG A CA  1 
ATOM   836  C  C   . ARG A 1 106 ? -3.786  -11.857 6.682   1.00 23.16 ? 106 ARG A C   1 
ATOM   837  O  O   . ARG A 1 106 ? -3.571  -11.998 7.905   1.00 23.26 ? 106 ARG A O   1 
ATOM   838  C  CB  . ARG A 1 106 ? -2.984  -13.681 5.185   1.00 23.94 ? 106 ARG A CB  1 
ATOM   839  C  CG  . ARG A 1 106 ? -3.373  -13.730 3.703   1.00 25.19 ? 106 ARG A CG  1 
ATOM   840  C  CD  . ARG A 1 106 ? -4.544  -12.808 3.365   1.00 25.80 ? 106 ARG A CD  1 
ATOM   841  N  NE  . ARG A 1 106 ? -5.861  -13.423 3.538   1.00 26.54 ? 106 ARG A NE  1 
ATOM   842  C  CZ  . ARG A 1 106 ? -6.393  -14.323 2.713   1.00 26.83 ? 106 ARG A CZ  1 
ATOM   843  N  NH1 . ARG A 1 106 ? -5.726  -14.735 1.642   1.00 27.11 ? 106 ARG A NH1 1 
ATOM   844  N  NH2 . ARG A 1 106 ? -7.608  -14.799 2.948   1.00 27.09 ? 106 ARG A NH2 1 
ATOM   845  O  OXT . ARG A 1 106 ? -4.855  -11.418 6.209   1.00 22.92 ? 106 ARG A OXT 1 
HETATM 846  FE FE1 . F3S B 2 .   ? -0.379  3.972   2.902   1.00 18.05 ? 200 F3S A FE1 1 
HETATM 847  FE FE3 . F3S B 2 .   ? 1.303   1.923   3.392   1.00 17.25 ? 200 F3S A FE3 1 
HETATM 848  FE FE4 . F3S B 2 .   ? 2.256   4.272   2.700   1.00 18.44 ? 200 F3S A FE4 1 
HETATM 849  S  S1  . F3S B 2 .   ? -0.569  2.436   4.563   1.00 17.12 ? 200 F3S A S1  1 
HETATM 850  S  S2  . F3S B 2 .   ? 0.811   5.801   3.592   1.00 17.79 ? 200 F3S A S2  1 
HETATM 851  S  S3  . F3S B 2 .   ? 0.972   2.919   1.372   1.00 17.12 ? 200 F3S A S3  1 
HETATM 852  S  S4  . F3S B 2 .   ? 3.112   2.943   4.331   1.00 17.44 ? 200 F3S A S4  1 
HETATM 853  FE FE1 . SF4 C 3 .   ? -5.728  5.237   -6.996  1.00 18.72 ? 201 SF4 A FE1 1 
HETATM 854  FE FE2 . SF4 C 3 .   ? -5.834  7.934   -6.657  1.00 18.80 ? 201 SF4 A FE2 1 
HETATM 855  FE FE3 . SF4 C 3 .   ? -4.121  6.473   -5.231  1.00 18.61 ? 201 SF4 A FE3 1 
HETATM 856  FE FE4 . SF4 C 3 .   ? -6.796  6.296   -4.724  1.00 19.03 ? 201 SF4 A FE4 1 
HETATM 857  S  S1  . SF4 C 3 .   ? -5.475  8.122   -4.393  1.00 18.37 ? 201 SF4 A S1  1 
HETATM 858  S  S2  . SF4 C 3 .   ? -5.295  4.547   -4.845  1.00 17.94 ? 201 SF4 A S2  1 
HETATM 859  S  S3  . SF4 C 3 .   ? -7.618  6.521   -6.856  1.00 18.53 ? 201 SF4 A S3  1 
HETATM 860  S  S4  . SF4 C 3 .   ? -4.065  6.727   -7.495  1.00 18.33 ? 201 SF4 A S4  1 
HETATM 861  O  O   . HOH D 4 .   ? -9.883  6.292   1.234   1.00 20.04 ? 202 HOH A O   1 
HETATM 862  O  O   . HOH D 4 .   ? 8.387   -0.014  -1.577  1.00 17.35 ? 203 HOH A O   1 
HETATM 863  O  O   . HOH D 4 .   ? -0.850  -7.188  6.171   1.00 15.28 ? 204 HOH A O   1 
HETATM 864  O  O   . HOH D 4 .   ? -3.550  -2.215  -7.537  1.00 18.55 ? 205 HOH A O   1 
HETATM 865  O  O   . HOH D 4 .   ? -2.910  -4.359  -9.183  1.00 23.71 ? 206 HOH A O   1 
HETATM 866  O  O   . HOH D 4 .   ? -9.971  3.496   0.726   1.00 18.85 ? 207 HOH A O   1 
HETATM 867  O  O   . HOH D 4 .   ? 11.152  -2.253  1.414   1.00 18.18 ? 208 HOH A O   1 
HETATM 868  O  O   . HOH D 4 .   ? 2.430   -9.158  -10.502 1.00 21.52 ? 209 HOH A O   1 
HETATM 869  O  O   . HOH D 4 .   ? 5.794   -2.662  12.601  1.00 21.54 ? 210 HOH A O   1 
HETATM 870  O  O   . HOH D 4 .   ? 5.978   9.488   -1.064  1.00 23.20 ? 211 HOH A O   1 
HETATM 871  O  O   . HOH D 4 .   ? 4.615   6.588   -2.676  1.00 20.46 ? 212 HOH A O   1 
HETATM 872  O  O   . HOH D 4 .   ? 3.752   -6.896  11.688  1.00 21.32 ? 213 HOH A O   1 
HETATM 873  O  O   . HOH D 4 .   ? -2.823  -0.849  11.756  1.00 25.85 ? 214 HOH A O   1 
HETATM 874  O  O   . HOH D 4 .   ? -1.598  1.429   10.940  1.00 20.44 ? 215 HOH A O   1 
HETATM 875  O  O   . HOH D 4 .   ? -1.212  14.478  -2.867  1.00 24.69 ? 216 HOH A O   1 
HETATM 876  O  O   . HOH D 4 .   ? -7.165  -7.363  7.525   1.00 26.12 ? 217 HOH A O   1 
HETATM 877  O  O   . HOH D 4 .   ? 14.433  -3.261  -9.319  1.00 26.34 ? 218 HOH A O   1 
HETATM 878  O  O   . HOH D 4 .   ? 10.304  -7.620  -1.674  1.00 28.24 ? 219 HOH A O   1 
HETATM 879  O  O   . HOH D 4 .   ? 13.350  -1.213  -11.535 1.00 28.49 ? 220 HOH A O   1 
HETATM 880  O  O   . HOH D 4 .   ? 10.615  6.192   3.178   1.00 25.23 ? 221 HOH A O   1 
HETATM 881  O  O   . HOH D 4 .   ? 12.595  -7.585  5.805   1.00 24.41 ? 222 HOH A O   1 
HETATM 882  O  O   . HOH D 4 .   ? -7.101  1.372   -12.350 1.00 27.89 ? 223 HOH A O   1 
HETATM 883  O  O   . HOH D 4 .   ? 0.696   2.763   -15.016 1.00 25.10 ? 224 HOH A O   1 
HETATM 884  O  O   . HOH D 4 .   ? 12.535  -5.046  -1.068  1.00 35.83 ? 225 HOH A O   1 
HETATM 885  O  O   . HOH D 4 .   ? 9.521   -7.764  -4.144  1.00 29.72 ? 226 HOH A O   1 
HETATM 886  O  O   . HOH D 4 .   ? -8.097  -13.054 -3.902  1.00 28.33 ? 227 HOH A O   1 
HETATM 887  O  O   . HOH D 4 .   ? 4.613   6.150   -9.839  1.00 25.90 ? 228 HOH A O   1 
HETATM 888  O  O   . HOH D 4 .   ? -10.629 2.505   -12.899 1.00 34.30 ? 229 HOH A O   1 
HETATM 889  O  O   . HOH D 4 .   ? -15.125 -3.505  -7.250  1.00 40.78 ? 230 HOH A O   1 
HETATM 890  O  O   . HOH D 4 .   ? 13.137  -1.504  -5.603  1.00 33.00 ? 231 HOH A O   1 
HETATM 891  O  O   . HOH D 4 .   ? -6.391  9.054   -14.511 1.00 30.57 ? 232 HOH A O   1 
HETATM 892  O  O   . HOH D 4 .   ? 9.797   -0.411  -13.645 1.00 32.71 ? 233 HOH A O   1 
HETATM 893  O  O   . HOH D 4 .   ? -13.698 3.838   -9.323  1.00 30.13 ? 234 HOH A O   1 
HETATM 894  O  O   . HOH D 4 .   ? 9.930   3.621   -10.704 1.00 38.13 ? 235 HOH A O   1 
HETATM 895  O  O   . HOH D 4 .   ? 7.667   4.536   14.597  1.00 30.02 ? 236 HOH A O   1 
HETATM 896  O  O   . HOH D 4 .   ? 11.448  -14.799 7.126   1.00 29.83 ? 237 HOH A O   1 
HETATM 897  O  O   . HOH D 4 .   ? -1.151  3.738   -13.252 1.00 28.64 ? 238 HOH A O   1 
HETATM 898  O  O   . HOH D 4 .   ? -9.333  3.270   9.648   1.00 31.67 ? 239 HOH A O   1 
HETATM 899  O  O   . HOH D 4 .   ? -10.786 9.829   1.034   1.00 38.18 ? 240 HOH A O   1 
HETATM 900  O  O   . HOH D 4 .   ? 4.882   4.363   14.791  1.00 34.47 ? 241 HOH A O   1 
HETATM 901  O  O   . HOH D 4 .   ? -16.573 4.597   0.858   1.00 38.68 ? 242 HOH A O   1 
HETATM 902  O  O   . HOH D 4 .   ? 10.000  7.901   6.299   1.00 30.80 ? 243 HOH A O   1 
HETATM 903  O  O   . HOH D 4 .   ? -2.099  0.240   -14.737 1.00 33.89 ? 244 HOH A O   1 
HETATM 904  O  O   . HOH D 4 .   ? -2.898  -4.464  12.657  1.00 42.96 ? 245 HOH A O   1 
HETATM 905  O  O   . HOH D 4 .   ? -14.131 1.932   -4.041  1.00 30.06 ? 246 HOH A O   1 
HETATM 906  O  O   . HOH D 4 .   ? 10.263  -9.078  -9.540  1.00 33.79 ? 247 HOH A O   1 
HETATM 907  O  O   . HOH D 4 .   ? 16.044  -5.496  -10.251 1.00 35.19 ? 248 HOH A O   1 
HETATM 908  O  O   . HOH D 4 .   ? 7.190   5.874   -4.970  1.00 33.49 ? 249 HOH A O   1 
HETATM 909  O  O   . HOH D 4 .   ? 1.509   12.766  -7.629  1.00 35.44 ? 250 HOH A O   1 
HETATM 910  O  O   . HOH D 4 .   ? -3.886  -13.621 -9.566  1.00 45.84 ? 251 HOH A O   1 
HETATM 911  O  O   . HOH D 4 .   ? 5.033   -10.129 10.397  1.00 41.28 ? 252 HOH A O   1 
HETATM 912  O  O   . HOH D 4 .   ? -5.518  -3.692  11.732  1.00 48.88 ? 253 HOH A O   1 
HETATM 913  O  O   . HOH D 4 .   ? 14.325  -9.564  -9.501  1.00 36.66 ? 254 HOH A O   1 
HETATM 914  O  O   . HOH D 4 .   ? -14.246 -1.631  6.229   1.00 32.63 ? 255 HOH A O   1 
HETATM 915  O  O   . HOH D 4 .   ? -12.748 -6.459  -0.153  1.00 37.44 ? 256 HOH A O   1 
HETATM 916  O  O   . HOH D 4 .   ? 8.540   -9.265  -7.476  1.00 29.56 ? 257 HOH A O   1 
HETATM 917  O  O   . HOH D 4 .   ? 8.919   6.241   -10.030 1.00 34.59 ? 258 HOH A O   1 
HETATM 918  O  O   . HOH D 4 .   ? -6.910  -10.267 7.720   1.00 32.13 ? 259 HOH A O   1 
HETATM 919  O  O   . HOH D 4 .   ? 9.041   -15.400 5.962   1.00 34.25 ? 260 HOH A O   1 
HETATM 920  O  O   . HOH D 4 .   ? -13.444 9.723   -0.035  1.00 46.64 ? 261 HOH A O   1 
HETATM 921  O  O   . HOH D 4 .   ? -5.270  4.517   15.629  1.00 40.03 ? 262 HOH A O   1 
HETATM 922  O  O   . HOH D 4 .   ? 5.131   -2.579  -14.324 1.00 32.66 ? 263 HOH A O   1 
HETATM 923  O  O   . HOH D 4 .   ? 4.950   -13.466 7.165   1.00 30.82 ? 264 HOH A O   1 
HETATM 924  O  O   . HOH D 4 .   ? -8.110  10.247  -12.038 1.00 31.94 ? 265 HOH A O   1 
HETATM 925  O  O   . HOH D 4 .   ? -2.941  1.885   14.406  1.00 34.79 ? 266 HOH A O   1 
HETATM 926  O  O   . HOH D 4 .   ? 16.326  -7.077  4.868   1.00 47.14 ? 267 HOH A O   1 
HETATM 927  O  O   . HOH D 4 .   ? -11.964 8.808   3.211   1.00 41.41 ? 268 HOH A O   1 
HETATM 928  O  O   . HOH D 4 .   ? 4.549   -8.100  -13.951 1.00 34.20 ? 269 HOH A O   1 
HETATM 929  O  O   . HOH D 4 .   ? 13.019  -10.937 1.734   1.00 40.15 ? 270 HOH A O   1 
HETATM 930  O  O   . HOH D 4 .   ? 1.006   9.746   11.497  1.00 44.76 ? 271 HOH A O   1 
HETATM 931  O  O   . HOH D 4 .   ? -14.693 -4.064  -3.372  1.00 32.75 ? 272 HOH A O   1 
HETATM 932  O  O   . HOH D 4 .   ? -2.501  12.388  3.986   1.00 35.74 ? 273 HOH A O   1 
HETATM 933  O  O   . HOH D 4 .   ? -10.881 -6.091  -14.924 1.00 37.95 ? 274 HOH A O   1 
HETATM 934  O  O   . HOH D 4 .   ? -10.175 -13.918 3.816   1.00 50.55 ? 275 HOH A O   1 
HETATM 935  O  O   . HOH D 4 .   ? -8.591  9.909   10.770  1.00 53.86 ? 276 HOH A O   1 
HETATM 936  O  O   . HOH D 4 .   ? -13.358 -8.227  3.838   1.00 54.98 ? 277 HOH A O   1 
HETATM 937  O  O   . HOH D 4 .   ? 9.957   -8.889  -13.571 1.00 31.69 ? 278 HOH A O   1 
HETATM 938  O  O   . HOH D 4 .   ? 0.224   8.384   -12.562 1.00 57.48 ? 279 HOH A O   1 
HETATM 939  O  O   . HOH D 4 .   ? 2.579   -4.239  -15.193 1.00 36.71 ? 280 HOH A O   1 
HETATM 940  O  O   . HOH D 4 .   ? -1.346  -10.974 11.745  1.00 43.77 ? 281 HOH A O   1 
HETATM 941  O  O   . HOH D 4 .   ? 2.483   9.461   9.292   1.00 41.91 ? 282 HOH A O   1 
HETATM 942  O  O   . HOH D 4 .   ? 9.757   -3.279  18.610  1.00 44.42 ? 283 HOH A O   1 
HETATM 943  O  O   . HOH D 4 .   ? -16.138 8.507   -3.747  1.00 44.58 ? 284 HOH A O   1 
HETATM 944  O  O   . HOH D 4 .   ? -3.719  11.972  6.425   1.00 53.59 ? 285 HOH A O   1 
HETATM 945  O  O   . HOH D 4 .   ? 2.370   12.367  4.361   1.00 37.70 ? 286 HOH A O   1 
HETATM 946  O  O   . HOH D 4 .   ? 10.374  3.396   -1.759  1.00 38.58 ? 287 HOH A O   1 
HETATM 947  O  O   . HOH D 4 .   ? -4.117  -3.237  -13.694 1.00 35.68 ? 288 HOH A O   1 
HETATM 948  O  O   . HOH D 4 .   ? 2.946   6.975   -14.649 1.00 45.15 ? 289 HOH A O   1 
HETATM 949  O  O   . HOH D 4 .   ? 1.114   5.601   -15.908 1.00 44.87 ? 290 HOH A O   1 
HETATM 950  O  O   . HOH D 4 .   ? 3.265   -12.072 -10.140 1.00 53.49 ? 291 HOH A O   1 
HETATM 951  O  O   . HOH D 4 .   ? -8.857  0.685   10.277  1.00 38.70 ? 292 HOH A O   1 
HETATM 952  O  O   . HOH D 4 .   ? 16.331  0.744   10.249  1.00 44.59 ? 293 HOH A O   1 
HETATM 953  O  O   . HOH D 4 .   ? -8.816  -7.063  -7.831  1.00 39.65 ? 294 HOH A O   1 
HETATM 954  O  O   . HOH D 4 .   ? -7.255  -16.377 -0.402  1.00 41.17 ? 295 HOH A O   1 
HETATM 955  O  O   . HOH D 4 .   ? 9.084   10.211  3.103   1.00 43.41 ? 296 HOH A O   1 
HETATM 956  O  O   . HOH D 4 .   ? -6.224  -5.933  10.130  1.00 39.05 ? 297 HOH A O   1 
HETATM 957  O  O   . HOH D 4 .   ? -8.801  -4.906  10.364  1.00 49.02 ? 298 HOH A O   1 
HETATM 958  O  O   . HOH D 4 .   ? -5.617  -0.918  -14.089 1.00 30.59 ? 299 HOH A O   1 
HETATM 959  O  O   . HOH D 4 .   ? 8.008   -8.473  -15.392 1.00 25.25 ? 300 HOH A O   1 
HETATM 960  O  O   . HOH D 4 .   ? -8.535  -1.728  -14.355 1.00 39.89 ? 301 HOH A O   1 
HETATM 961  O  O   . HOH D 4 .   ? -8.069  -4.117  -12.934 1.00 42.98 ? 302 HOH A O   1 
HETATM 962  O  O   . HOH D 4 .   ? -3.758  -5.265  -11.759 1.00 31.60 ? 303 HOH A O   1 
HETATM 963  O  O   . HOH D 4 .   ? -7.912  1.579   -15.025 1.00 41.80 ? 304 HOH A O   1 
HETATM 964  O  O   . HOH D 4 .   ? -14.913 -0.569  -9.968  1.00 53.70 ? 305 HOH A O   1 
HETATM 965  O  O   . HOH D 4 .   ? 9.068   -10.070 -5.059  1.00 37.80 ? 306 HOH A O   1 
HETATM 966  O  O   . HOH D 4 .   ? 12.231  -0.520  -0.323  1.00 30.02 ? 307 HOH A O   1 
HETATM 967  O  O   . HOH D 4 .   ? 10.836  0.841   -2.173  1.00 34.60 ? 308 HOH A O   1 
HETATM 968  O  O   . HOH D 4 .   ? 11.906  0.656   -4.516  1.00 35.72 ? 309 HOH A O   1 
HETATM 969  O  O   . HOH D 4 .   ? -8.968  13.479  -2.754  1.00 26.10 ? 310 HOH A O   1 
HETATM 970  O  O   . HOH D 4 .   ? -11.811 -3.101  9.524   1.00 31.54 ? 311 HOH A O   1 
HETATM 971  O  O   . HOH D 4 .   ? 1.215   -7.701  13.100  1.00 43.60 ? 312 HOH A O   1 
HETATM 972  O  O   . HOH D 4 .   ? 7.206   8.510   -3.565  1.00 35.81 ? 313 HOH A O   1 
HETATM 973  O  O   . HOH D 4 .   ? -0.621  15.966  -5.185  1.00 37.80 ? 314 HOH A O   1 
HETATM 974  O  O   . HOH D 4 .   ? 4.059   -2.071  -17.300 1.00 38.07 ? 315 HOH A O   1 
HETATM 975  O  O   . HOH D 4 .   ? 14.675  -2.210  -3.400  1.00 42.14 ? 316 HOH A O   1 
HETATM 976  O  O   . HOH D 4 .   ? -5.523  -15.208 -6.393  1.00 36.09 ? 317 HOH A O   1 
HETATM 977  O  O   . HOH D 4 .   ? -7.627  -13.532 -6.452  1.00 38.35 ? 318 HOH A O   1 
HETATM 978  O  O   . HOH D 4 .   ? -7.639  -11.324 -8.072  1.00 43.97 ? 319 HOH A O   1 
HETATM 979  O  O   . HOH D 4 .   ? -5.499  -11.217 -9.792  1.00 41.77 ? 320 HOH A O   1 
HETATM 980  O  O   . HOH D 4 .   ? 5.599   3.409   18.151  1.00 44.86 ? 321 HOH A O   1 
HETATM 981  O  O   . HOH D 4 .   ? 8.211   -3.488  15.267  1.00 46.41 ? 322 HOH A O   1 
HETATM 982  O  O   . HOH D 4 .   ? 11.254  -10.213 -1.116  1.00 26.77 ? 323 HOH A O   1 
HETATM 983  O  O   . HOH D 4 .   ? 1.955   8.265   -10.101 0.50 19.08 ? 324 HOH A O   1 
HETATM 984  O  O   . HOH D 4 .   ? 17.450  -3.766  4.393   1.00 31.00 ? 325 HOH A O   1 
HETATM 985  O  O   . HOH D 4 .   ? -7.020  4.184   -14.832 1.00 42.25 ? 326 HOH A O   1 
HETATM 986  O  O   . HOH D 4 .   ? -9.471  4.736   -14.427 1.00 44.87 ? 327 HOH A O   1 
HETATM 987  O  O   . HOH D 4 .   ? 11.784  5.026   0.830   1.00 33.48 ? 328 HOH A O   1 
HETATM 988  O  O   . HOH D 4 .   ? 2.741   8.946   -17.266 1.00 52.76 ? 329 HOH A O   1 
HETATM 989  O  O   . HOH D 4 .   ? 12.206  -10.222 -8.109  1.00 36.87 ? 330 HOH A O   1 
HETATM 990  O  O   . HOH D 4 .   ? 1.822   -8.457  -12.988 1.00 39.75 ? 331 HOH A O   1 
HETATM 991  O  O   . HOH D 4 .   ? -10.508 -1.875  7.459   1.00 35.01 ? 332 HOH A O   1 
HETATM 992  O  O   . HOH D 4 .   ? -14.614 2.610   6.259   1.00 46.94 ? 333 HOH A O   1 
HETATM 993  O  O   . HOH D 4 .   ? -11.844 3.068   7.874   1.00 31.09 ? 334 HOH A O   1 
HETATM 994  O  O   . HOH D 4 .   ? -15.999 1.742   3.248   1.00 45.20 ? 335 HOH A O   1 
HETATM 995  O  O   . HOH D 4 .   ? -15.053 1.842   -1.069  1.00 42.29 ? 336 HOH A O   1 
HETATM 996  O  O   . HOH D 4 .   ? -10.228 4.437   12.119  1.00 41.61 ? 337 HOH A O   1 
HETATM 997  O  O   . HOH D 4 .   ? -12.211 0.846   12.016  1.00 46.30 ? 338 HOH A O   1 
HETATM 998  O  O   . HOH D 4 .   ? -11.771 0.596   9.110   1.00 38.35 ? 339 HOH A O   1 
HETATM 999  O  O   . HOH D 4 .   ? -11.019 11.702  3.591   1.00 45.80 ? 340 HOH A O   1 
HETATM 1000 O  O   . HOH D 4 .   ? -16.248 -0.552  4.683   1.00 53.72 ? 341 HOH A O   1 
HETATM 1001 O  O   . HOH D 4 .   ? 1.527   4.375   16.621  1.00 45.15 ? 342 HOH A O   1 
HETATM 1002 O  O   . HOH D 4 .   ? 5.984   12.250  6.992   1.00 59.16 ? 343 HOH A O   1 
HETATM 1003 O  O   . HOH D 4 .   ? 17.488  -6.575  7.231   1.00 41.46 ? 344 HOH A O   1 
HETATM 1004 O  O   . HOH D 4 .   ? -7.779  -12.310 5.019   1.00 39.48 ? 345 HOH A O   1 
HETATM 1005 O  O   . HOH D 4 .   ? -15.604 -3.332  4.701   1.00 47.97 ? 346 HOH A O   1 
HETATM 1006 O  O   . HOH D 4 .   ? 1.420   -6.530  -14.657 1.00 53.40 ? 347 HOH A O   1 
HETATM 1007 O  O   . HOH D 4 .   ? -10.929 -13.689 -3.784  1.00 42.35 ? 348 HOH A O   1 
HETATM 1008 O  O   . HOH D 4 .   ? -5.068  -0.740  14.497  1.00 44.39 ? 349 HOH A O   1 
HETATM 1009 O  O   . HOH D 4 .   ? -2.460  -1.076  14.424  1.00 50.16 ? 350 HOH A O   1 
HETATM 1010 O  O   . HOH D 4 .   ? 14.106  3.774   14.040  1.00 41.32 ? 351 HOH A O   1 
HETATM 1011 O  O   . HOH D 4 .   ? -0.861  6.466   -13.981 1.00 45.71 ? 352 HOH A O   1 
HETATM 1012 O  O   . HOH D 4 .   ? 5.767   -10.527 -11.295 1.00 49.53 ? 353 HOH A O   1 
HETATM 1013 O  O   . HOH D 4 .   ? 5.341   9.888   9.305   1.00 44.15 ? 354 HOH A O   1 
HETATM 1014 O  O   . HOH D 4 .   ? 14.474  -4.877  -2.909  1.00 45.75 ? 355 HOH A O   1 
HETATM 1015 O  O   . HOH D 4 .   ? -5.791  -11.084 10.543  1.00 42.91 ? 356 HOH A O   1 
HETATM 1016 O  O   . HOH D 4 .   ? -1.957  9.640   -13.305 1.00 43.97 ? 357 HOH A O   1 
HETATM 1017 O  O   . HOH D 4 .   ? 13.216  -10.802 -12.668 1.00 45.56 ? 358 HOH A O   1 
HETATM 1018 O  O   . HOH D 4 .   ? 14.600  2.446   9.365   1.00 47.46 ? 359 HOH A O   1 
HETATM 1019 O  O   . HOH D 4 .   ? 6.181   14.098  -0.583  1.00 48.23 ? 360 HOH A O   1 
HETATM 1020 O  O   . HOH D 4 .   ? -15.667 -1.120  -0.282  1.00 47.81 ? 361 HOH A O   1 
HETATM 1021 O  O   . HOH D 4 .   ? -16.507 -0.286  -3.544  1.00 46.23 ? 362 HOH A O   1 
HETATM 1022 O  O   . HOH D 4 .   ? 12.016  3.966   -8.245  1.00 47.59 ? 363 HOH A O   1 
HETATM 1023 O  O   . HOH D 4 .   ? 8.950   -10.695 -11.318 1.00 47.69 ? 364 HOH A O   1 
HETATM 1024 O  O   . HOH D 4 .   ? 8.115   9.503   8.592   1.00 40.79 ? 365 HOH A O   1 
HETATM 1025 O  O   . HOH D 4 .   ? -0.193  11.675  -13.022 1.00 43.55 ? 366 HOH A O   1 
HETATM 1026 O  O   . HOH D 4 .   ? 4.710   10.774  -6.224  1.00 47.54 ? 367 HOH A O   1 
HETATM 1027 O  O   . HOH D 4 .   ? 11.521  5.257   -5.866  1.00 44.22 ? 368 HOH A O   1 
HETATM 1028 O  O   . HOH D 4 .   ? 8.312   -12.298 -8.842  1.00 46.39 ? 369 HOH A O   1 
HETATM 1029 O  O   . HOH D 4 .   ? -5.797  -13.906 11.546  1.00 45.31 ? 370 HOH A O   1 
HETATM 1030 O  O   . HOH D 4 .   ? -8.111  7.087   -15.260 1.00 46.89 ? 371 HOH A O   1 
HETATM 1031 O  O   . HOH D 4 .   ? 13.981  -13.839 2.671   1.00 46.82 ? 372 HOH A O   1 
HETATM 1032 O  O   . HOH D 4 .   ? -2.041  -12.898 9.911   1.00 44.34 ? 373 HOH A O   1 
HETATM 1033 O  O   . HOH D 4 .   ? -1.494  -7.745  13.673  1.00 48.09 ? 374 HOH A O   1 
HETATM 1034 O  O   . HOH D 4 .   ? -4.336  7.895   -15.734 1.00 45.63 ? 375 HOH A O   1 
HETATM 1035 O  O   . HOH D 4 .   ? 13.970  5.201   8.667   1.00 49.00 ? 376 HOH A O   1 
HETATM 1036 O  O   . HOH D 4 .   ? -15.335 -4.107  2.507   1.00 33.42 ? 377 HOH A O   1 
# 
